data_6MSW
#
_entry.id   6MSW
#
_cell.length_a   240.779
_cell.length_b   55.125
_cell.length_c   176.297
_cell.angle_alpha   90.00
_cell.angle_beta   127.71
_cell.angle_gamma   90.00
#
_symmetry.space_group_name_H-M   'C 1 2 1'
#
loop_
_entity.id
_entity.type
_entity.pdbx_description
1 polymer 'Deoxyribose-phosphate aldolase'
2 non-polymer GLYCEROL
3 water water
#
_entity_poly.entity_id   1
_entity_poly.type   'polypeptide(L)'
_entity_poly.pdbx_seq_one_letter_code
;MSRSIAQMIDHTLLKPNTTEDQIVKLCEEAKEYSFASVCVNPTWVALAAQLLKDAPDVKVCTVIGFPLGATTPEVKAFET
TNAIENGATEVDMVINIGALKDKQYELVGRDIQAVVKAAEGKALTKVIIETSLLTEEEKKAACELAVKAGADFVKTSTGF
SGGGATAEDIALMRKVVGPNLGVLASGGVRDLSDAKAMIDAGATRIGASAGVAIVNGERSEGSY
;
_entity_poly.pdbx_strand_id   A,B,C,D,E,F
#
# COMPACT_ATOMS: atom_id res chain seq x y z
N ARG A 3 -37.81 -33.61 41.12
CA ARG A 3 -37.03 -33.71 39.89
C ARG A 3 -36.97 -35.14 39.39
N SER A 4 -36.94 -35.30 38.07
CA SER A 4 -36.85 -36.63 37.46
C SER A 4 -36.29 -36.49 36.06
N ILE A 5 -35.39 -37.40 35.70
CA ILE A 5 -34.76 -37.35 34.39
C ILE A 5 -35.76 -37.62 33.28
N ALA A 6 -36.86 -38.33 33.57
CA ALA A 6 -37.82 -38.71 32.54
C ALA A 6 -38.38 -37.48 31.81
N GLN A 7 -38.56 -36.36 32.52
CA GLN A 7 -39.11 -35.17 31.89
C GLN A 7 -38.13 -34.53 30.89
N MET A 8 -36.90 -35.02 30.81
CA MET A 8 -35.93 -34.52 29.84
C MET A 8 -35.64 -35.49 28.72
N ILE A 9 -36.33 -36.63 28.68
CA ILE A 9 -36.03 -37.69 27.72
C ILE A 9 -37.07 -37.70 26.61
N ASP A 10 -36.60 -37.69 25.36
CA ASP A 10 -37.46 -37.92 24.20
C ASP A 10 -37.52 -39.42 23.92
N HIS A 11 -38.68 -40.02 24.15
CA HIS A 11 -38.87 -41.47 23.97
C HIS A 11 -38.96 -41.78 22.48
N THR A 12 -37.86 -42.28 21.92
CA THR A 12 -37.65 -42.33 20.48
C THR A 12 -37.75 -43.76 19.95
N LEU A 13 -38.44 -43.91 18.82
CA LEU A 13 -38.47 -45.18 18.08
C LEU A 13 -38.67 -44.83 16.61
N LEU A 14 -37.59 -44.92 15.82
CA LEU A 14 -37.59 -44.50 14.42
C LEU A 14 -37.19 -45.61 13.46
N LYS A 15 -37.19 -46.87 13.92
CA LYS A 15 -36.79 -47.97 13.05
C LYS A 15 -37.71 -48.05 11.83
N PRO A 16 -37.18 -48.37 10.65
CA PRO A 16 -38.03 -48.38 9.44
C PRO A 16 -39.13 -49.42 9.48
N ASN A 17 -38.94 -50.53 10.20
CA ASN A 17 -39.94 -51.59 10.27
C ASN A 17 -40.84 -51.47 11.51
N THR A 18 -40.92 -50.29 12.09
CA THR A 18 -41.76 -50.08 13.27
C THR A 18 -43.23 -50.25 12.90
N THR A 19 -43.96 -51.01 13.73
CA THR A 19 -45.36 -51.30 13.50
C THR A 19 -46.24 -50.53 14.47
N GLU A 20 -47.55 -50.60 14.22
CA GLU A 20 -48.51 -49.84 15.02
C GLU A 20 -48.49 -50.26 16.49
N ASP A 21 -48.41 -51.56 16.75
CA ASP A 21 -48.40 -52.04 18.12
C ASP A 21 -47.20 -51.51 18.90
N GLN A 22 -46.08 -51.27 18.21
CA GLN A 22 -44.93 -50.70 18.88
C GLN A 22 -45.13 -49.22 19.17
N ILE A 23 -45.83 -48.50 18.29
CA ILE A 23 -46.14 -47.10 18.56
C ILE A 23 -47.10 -46.96 19.73
N VAL A 24 -48.08 -47.86 19.82
CA VAL A 24 -49.03 -47.84 20.93
C VAL A 24 -48.29 -48.05 22.25
N LYS A 25 -47.37 -49.01 22.29
CA LYS A 25 -46.62 -49.26 23.51
C LYS A 25 -45.73 -48.08 23.87
N LEU A 26 -45.12 -47.45 22.86
CA LEU A 26 -44.24 -46.31 23.13
C LEU A 26 -45.00 -45.16 23.77
N CYS A 27 -46.19 -44.85 23.25
CA CYS A 27 -46.98 -43.77 23.81
C CYS A 27 -47.46 -44.09 25.22
N GLU A 28 -47.82 -45.35 25.46
CA GLU A 28 -48.26 -45.73 26.80
C GLU A 28 -47.11 -45.65 27.80
N GLU A 29 -45.90 -46.03 27.38
CA GLU A 29 -44.73 -45.84 28.23
C GLU A 29 -44.51 -44.36 28.54
N ALA A 30 -44.78 -43.49 27.55
CA ALA A 30 -44.57 -42.07 27.75
C ALA A 30 -45.56 -41.49 28.75
N LYS A 31 -46.75 -42.04 28.81
CA LYS A 31 -47.72 -41.56 29.76
C LYS A 31 -47.39 -42.05 31.14
N GLU A 32 -46.89 -43.27 31.23
CA GLU A 32 -46.57 -43.85 32.52
C GLU A 32 -45.38 -43.14 33.17
N TYR A 33 -44.34 -42.87 32.39
CA TYR A 33 -43.12 -42.26 32.91
C TYR A 33 -43.09 -40.76 32.75
N SER A 34 -44.10 -40.17 32.10
CA SER A 34 -44.15 -38.72 31.85
C SER A 34 -42.90 -38.25 31.13
N PHE A 35 -42.56 -38.94 30.05
CA PHE A 35 -41.44 -38.53 29.22
C PHE A 35 -41.73 -37.17 28.58
N ALA A 36 -40.66 -36.50 28.16
CA ALA A 36 -40.82 -35.18 27.57
C ALA A 36 -41.62 -35.26 26.27
N SER A 37 -41.45 -36.34 25.52
CA SER A 37 -42.12 -36.48 24.23
C SER A 37 -41.96 -37.92 23.75
N VAL A 38 -42.69 -38.26 22.68
CA VAL A 38 -42.38 -39.41 21.86
C VAL A 38 -41.87 -38.88 20.53
N CYS A 39 -40.83 -39.52 20.01
CA CYS A 39 -40.26 -39.16 18.72
C CYS A 39 -40.50 -40.32 17.76
N VAL A 40 -41.31 -40.09 16.74
CA VAL A 40 -41.70 -41.11 15.78
C VAL A 40 -41.58 -40.53 14.38
N ASN A 41 -41.53 -41.42 13.39
CA ASN A 41 -41.47 -41.01 12.00
C ASN A 41 -42.81 -40.40 11.58
N PRO A 42 -42.81 -39.57 10.53
CA PRO A 42 -44.01 -38.77 10.23
C PRO A 42 -45.27 -39.59 9.97
N THR A 43 -45.14 -40.86 9.54
CA THR A 43 -46.31 -41.68 9.28
C THR A 43 -47.07 -42.01 10.56
N TRP A 44 -46.45 -41.89 11.73
CA TRP A 44 -47.07 -42.24 13.00
C TRP A 44 -47.50 -41.03 13.82
N VAL A 45 -47.35 -39.80 13.29
CA VAL A 45 -47.68 -38.61 14.06
C VAL A 45 -49.16 -38.58 14.41
N ALA A 46 -50.02 -38.88 13.44
CA ALA A 46 -51.46 -38.85 13.68
C ALA A 46 -51.87 -39.83 14.78
N LEU A 47 -51.22 -41.00 14.82
CA LEU A 47 -51.55 -41.98 15.85
C LEU A 47 -51.04 -41.55 17.21
N ALA A 48 -49.80 -41.04 17.27
CA ALA A 48 -49.25 -40.60 18.55
C ALA A 48 -50.08 -39.46 19.14
N ALA A 49 -50.49 -38.50 18.31
CA ALA A 49 -51.26 -37.37 18.81
C ALA A 49 -52.61 -37.82 19.36
N GLN A 50 -53.25 -38.80 18.71
CA GLN A 50 -54.51 -39.32 19.21
C GLN A 50 -54.32 -40.05 20.54
N LEU A 51 -53.27 -40.87 20.64
CA LEU A 51 -53.03 -41.63 21.87
C LEU A 51 -52.64 -40.72 23.03
N LEU A 52 -51.99 -39.60 22.76
CA LEU A 52 -51.55 -38.68 23.81
C LEU A 52 -52.39 -37.41 23.88
N LYS A 53 -53.59 -37.42 23.28
CA LYS A 53 -54.39 -36.19 23.22
C LYS A 53 -54.77 -35.69 24.60
N ASP A 54 -54.85 -36.58 25.60
CA ASP A 54 -55.14 -36.20 26.97
C ASP A 54 -53.88 -36.23 27.86
N ALA A 55 -52.69 -36.27 27.25
CA ALA A 55 -51.43 -36.22 27.97
C ALA A 55 -50.69 -34.97 27.50
N PRO A 56 -51.12 -33.79 27.96
CA PRO A 56 -50.57 -32.55 27.38
C PRO A 56 -49.10 -32.34 27.67
N ASP A 57 -48.57 -32.91 28.74
CA ASP A 57 -47.15 -32.78 29.07
C ASP A 57 -46.26 -33.70 28.24
N VAL A 58 -46.85 -34.58 27.43
CA VAL A 58 -46.11 -35.47 26.55
C VAL A 58 -46.33 -34.98 25.13
N LYS A 59 -45.28 -34.42 24.52
CA LYS A 59 -45.40 -33.84 23.19
C LYS A 59 -45.22 -34.90 22.11
N VAL A 60 -45.76 -34.59 20.94
CA VAL A 60 -45.59 -35.43 19.76
C VAL A 60 -44.46 -34.83 18.94
N CYS A 61 -43.37 -35.56 18.81
CA CYS A 61 -42.19 -35.13 18.08
C CYS A 61 -41.99 -36.02 16.86
N THR A 62 -41.61 -35.43 15.74
CA THR A 62 -41.26 -36.19 14.55
C THR A 62 -40.01 -35.60 13.93
N VAL A 63 -39.52 -36.29 12.89
CA VAL A 63 -38.25 -35.97 12.26
C VAL A 63 -38.49 -35.53 10.83
N ILE A 64 -37.67 -34.60 10.35
CA ILE A 64 -37.88 -33.90 9.10
C ILE A 64 -36.63 -34.05 8.25
N GLY A 65 -36.81 -34.47 7.00
CA GLY A 65 -35.68 -34.68 6.11
C GLY A 65 -34.65 -35.63 6.67
N PHE A 66 -35.09 -36.61 7.45
CA PHE A 66 -34.42 -37.55 8.33
C PHE A 66 -34.25 -38.90 7.65
N PRO A 67 -33.10 -39.56 7.82
CA PRO A 67 -31.95 -39.07 8.61
C PRO A 67 -30.82 -38.46 7.80
N LEU A 68 -30.97 -38.36 6.47
CA LEU A 68 -29.86 -37.95 5.61
C LEU A 68 -29.75 -36.43 5.45
N GLY A 69 -30.85 -35.70 5.58
CA GLY A 69 -30.79 -34.25 5.49
C GLY A 69 -30.50 -33.70 4.10
N ALA A 70 -30.55 -34.53 3.07
CA ALA A 70 -30.10 -34.15 1.74
C ALA A 70 -31.26 -33.96 0.76
N THR A 71 -32.39 -33.47 1.23
CA THR A 71 -33.47 -33.05 0.35
C THR A 71 -33.50 -31.51 0.32
N THR A 72 -34.45 -30.97 -0.43
CA THR A 72 -34.49 -29.53 -0.65
C THR A 72 -35.21 -28.81 0.49
N PRO A 73 -34.92 -27.53 0.68
CA PRO A 73 -35.64 -26.76 1.72
C PRO A 73 -37.14 -26.76 1.51
N GLU A 74 -37.61 -26.78 0.26
CA GLU A 74 -39.04 -26.77 -0.02
C GLU A 74 -39.72 -28.03 0.50
N VAL A 75 -39.04 -29.17 0.39
CA VAL A 75 -39.61 -30.42 0.86
C VAL A 75 -39.60 -30.47 2.39
N LYS A 76 -38.55 -29.95 3.01
CA LYS A 76 -38.48 -29.95 4.47
C LYS A 76 -39.58 -29.08 5.07
N ALA A 77 -39.88 -27.95 4.44
CA ALA A 77 -40.97 -27.11 4.93
C ALA A 77 -42.32 -27.79 4.74
N PHE A 78 -42.54 -28.44 3.60
CA PHE A 78 -43.81 -29.12 3.37
C PHE A 78 -43.99 -30.25 4.37
N GLU A 79 -42.95 -31.04 4.62
CA GLU A 79 -43.06 -32.12 5.59
C GLU A 79 -43.26 -31.58 6.99
N THR A 80 -42.70 -30.41 7.29
CA THR A 80 -42.94 -29.79 8.59
C THR A 80 -44.39 -29.38 8.75
N THR A 81 -44.93 -28.66 7.75
CA THR A 81 -46.33 -28.24 7.81
C THR A 81 -47.26 -29.44 7.85
N ASN A 82 -46.95 -30.48 7.06
CA ASN A 82 -47.77 -31.68 7.06
C ASN A 82 -47.76 -32.36 8.43
N ALA A 83 -46.59 -32.43 9.06
CA ALA A 83 -46.48 -33.04 10.39
C ALA A 83 -47.27 -32.26 11.42
N ILE A 84 -47.22 -30.92 11.35
CA ILE A 84 -47.93 -30.09 12.32
C ILE A 84 -49.43 -30.24 12.16
N GLU A 85 -49.90 -30.38 10.92
CA GLU A 85 -51.32 -30.64 10.70
C GLU A 85 -51.73 -31.98 11.30
N ASN A 86 -50.84 -32.97 11.23
CA ASN A 86 -51.15 -34.29 11.77
C ASN A 86 -51.03 -34.37 13.28
N GLY A 87 -50.49 -33.33 13.94
CA GLY A 87 -50.49 -33.26 15.38
C GLY A 87 -49.13 -33.16 16.05
N ALA A 88 -48.07 -32.97 15.27
CA ALA A 88 -46.74 -32.83 15.84
C ALA A 88 -46.58 -31.44 16.45
N THR A 89 -46.02 -31.39 17.66
CA THR A 89 -45.69 -30.11 18.30
C THR A 89 -44.20 -29.92 18.49
N GLU A 90 -43.37 -30.87 18.03
CA GLU A 90 -41.93 -30.71 17.96
C GLU A 90 -41.45 -31.38 16.67
N VAL A 91 -40.48 -30.76 16.01
CA VAL A 91 -39.90 -31.31 14.79
C VAL A 91 -38.38 -31.27 14.89
N ASP A 92 -37.73 -32.38 14.54
CA ASP A 92 -36.27 -32.49 14.51
C ASP A 92 -35.83 -32.62 13.06
N MET A 93 -35.20 -31.58 12.54
CA MET A 93 -34.72 -31.59 11.16
C MET A 93 -33.24 -31.92 11.12
N VAL A 94 -32.81 -32.48 9.98
CA VAL A 94 -31.40 -32.74 9.73
C VAL A 94 -30.88 -31.67 8.78
N ILE A 95 -29.72 -31.10 9.10
CA ILE A 95 -29.12 -30.08 8.24
C ILE A 95 -28.70 -30.69 6.91
N ASN A 96 -28.52 -29.83 5.92
CA ASN A 96 -27.87 -30.19 4.67
C ASN A 96 -26.37 -30.26 4.94
N ILE A 97 -25.89 -31.46 5.27
CA ILE A 97 -24.50 -31.64 5.67
C ILE A 97 -23.55 -31.34 4.52
N GLY A 98 -23.88 -31.81 3.31
CA GLY A 98 -23.03 -31.55 2.17
C GLY A 98 -22.85 -30.07 1.89
N ALA A 99 -23.95 -29.32 1.92
CA ALA A 99 -23.85 -27.87 1.75
C ALA A 99 -23.01 -27.23 2.84
N LEU A 100 -23.09 -27.75 4.07
CA LEU A 100 -22.24 -27.23 5.13
C LEU A 100 -20.77 -27.56 4.87
N LYS A 101 -20.49 -28.77 4.37
CA LYS A 101 -19.12 -29.11 4.02
C LYS A 101 -18.56 -28.19 2.94
N ASP A 102 -19.41 -27.73 2.03
CA ASP A 102 -19.00 -26.86 0.94
C ASP A 102 -19.04 -25.37 1.30
N LYS A 103 -19.21 -25.05 2.58
CA LYS A 103 -19.27 -23.66 3.05
C LYS A 103 -20.40 -22.88 2.38
N GLN A 104 -21.48 -23.57 2.01
CA GLN A 104 -22.67 -22.93 1.46
C GLN A 104 -23.61 -22.56 2.61
N TYR A 105 -23.16 -21.59 3.40
CA TYR A 105 -23.84 -21.28 4.67
C TYR A 105 -25.21 -20.68 4.44
N GLU A 106 -25.38 -19.88 3.38
CA GLU A 106 -26.68 -19.28 3.11
C GLU A 106 -27.72 -20.34 2.77
N LEU A 107 -27.30 -21.43 2.13
CA LEU A 107 -28.24 -22.52 1.85
C LEU A 107 -28.53 -23.32 3.11
N VAL A 108 -27.53 -23.55 3.96
CA VAL A 108 -27.77 -24.24 5.23
C VAL A 108 -28.75 -23.45 6.08
N GLY A 109 -28.58 -22.13 6.12
CA GLY A 109 -29.46 -21.31 6.95
C GLY A 109 -30.86 -21.21 6.39
N ARG A 110 -30.98 -20.99 5.07
CA ARG A 110 -32.29 -20.98 4.43
C ARG A 110 -33.00 -22.32 4.61
N ASP A 111 -32.23 -23.41 4.59
CA ASP A 111 -32.79 -24.74 4.82
C ASP A 111 -33.40 -24.83 6.23
N ILE A 112 -32.64 -24.40 7.23
CA ILE A 112 -33.16 -24.38 8.60
C ILE A 112 -34.32 -23.40 8.72
N GLN A 113 -34.19 -22.22 8.11
CA GLN A 113 -35.24 -21.20 8.24
C GLN A 113 -36.55 -21.66 7.63
N ALA A 114 -36.49 -22.48 6.58
CA ALA A 114 -37.72 -23.01 5.97
C ALA A 114 -38.50 -23.84 6.98
N VAL A 115 -37.81 -24.66 7.77
CA VAL A 115 -38.49 -25.45 8.81
C VAL A 115 -38.99 -24.54 9.92
N VAL A 116 -38.17 -23.58 10.34
CA VAL A 116 -38.56 -22.69 11.44
C VAL A 116 -39.81 -21.89 11.06
N LYS A 117 -39.86 -21.39 9.83
CA LYS A 117 -41.01 -20.60 9.39
C LYS A 117 -42.27 -21.45 9.34
N ALA A 118 -42.16 -22.72 8.93
CA ALA A 118 -43.33 -23.58 8.90
C ALA A 118 -43.77 -23.94 10.31
N ALA A 119 -42.84 -24.05 11.26
CA ALA A 119 -43.17 -24.37 12.64
C ALA A 119 -43.53 -23.15 13.48
N GLU A 120 -43.41 -21.95 12.94
CA GLU A 120 -43.52 -20.72 13.73
C GLU A 120 -44.86 -20.67 14.46
N GLY A 121 -44.78 -20.58 15.79
CA GLY A 121 -45.95 -20.48 16.63
C GLY A 121 -46.70 -21.79 16.85
N LYS A 122 -46.18 -22.89 16.33
CA LYS A 122 -46.88 -24.17 16.41
C LYS A 122 -46.03 -25.30 16.96
N ALA A 123 -44.74 -25.33 16.65
CA ALA A 123 -43.89 -26.43 17.09
C ALA A 123 -42.49 -25.92 17.39
N LEU A 124 -41.84 -26.58 18.36
CA LEU A 124 -40.41 -26.42 18.54
C LEU A 124 -39.66 -27.08 17.39
N THR A 125 -38.58 -26.44 16.96
CA THR A 125 -37.69 -27.03 15.96
C THR A 125 -36.35 -27.34 16.60
N LYS A 126 -35.89 -28.58 16.41
CA LYS A 126 -34.58 -29.02 16.84
C LYS A 126 -33.73 -29.28 15.61
N VAL A 127 -32.51 -28.76 15.60
CA VAL A 127 -31.62 -28.86 14.45
C VAL A 127 -30.60 -29.95 14.74
N ILE A 128 -30.69 -31.06 14.01
CA ILE A 128 -29.72 -32.15 14.12
C ILE A 128 -28.52 -31.80 13.26
N ILE A 129 -27.36 -31.58 13.90
CA ILE A 129 -26.17 -31.20 13.15
C ILE A 129 -25.31 -32.39 12.76
N GLU A 130 -25.61 -33.59 13.27
CA GLU A 130 -24.89 -34.82 12.95
C GLU A 130 -23.39 -34.67 13.20
N THR A 131 -23.04 -34.66 14.49
CA THR A 131 -21.68 -34.35 14.91
C THR A 131 -20.66 -35.33 14.36
N SER A 132 -21.02 -36.61 14.21
CA SER A 132 -20.06 -37.61 13.76
C SER A 132 -19.53 -37.33 12.36
N LEU A 133 -20.17 -36.43 11.61
CA LEU A 133 -19.75 -36.12 10.24
C LEU A 133 -19.12 -34.74 10.09
N LEU A 134 -19.02 -33.97 11.18
CA LEU A 134 -18.55 -32.59 11.12
C LEU A 134 -17.19 -32.43 11.77
N THR A 135 -16.40 -31.53 11.22
CA THR A 135 -15.22 -31.04 11.90
C THR A 135 -15.63 -30.14 13.06
N GLU A 136 -14.64 -29.75 13.87
CA GLU A 136 -14.93 -28.87 15.01
C GLU A 136 -15.50 -27.54 14.55
N GLU A 137 -14.92 -26.96 13.48
CA GLU A 137 -15.40 -25.66 13.01
C GLU A 137 -16.80 -25.78 12.39
N GLU A 138 -17.13 -26.94 11.82
CA GLU A 138 -18.45 -27.11 11.22
C GLU A 138 -19.53 -27.26 12.29
N LYS A 139 -19.19 -27.93 13.40
CA LYS A 139 -20.13 -28.01 14.52
C LYS A 139 -20.49 -26.62 15.03
N LYS A 140 -19.50 -25.73 15.15
CA LYS A 140 -19.78 -24.38 15.62
C LYS A 140 -20.57 -23.59 14.59
N ALA A 141 -20.20 -23.69 13.31
CA ALA A 141 -20.93 -22.96 12.28
C ALA A 141 -22.39 -23.42 12.20
N ALA A 142 -22.63 -24.73 12.32
CA ALA A 142 -24.00 -25.23 12.26
C ALA A 142 -24.84 -24.69 13.39
N CYS A 143 -24.29 -24.65 14.61
CA CYS A 143 -25.01 -24.10 15.75
C CYS A 143 -25.30 -22.61 15.56
N GLU A 144 -24.32 -21.85 15.04
CA GLU A 144 -24.54 -20.43 14.80
C GLU A 144 -25.64 -20.21 13.77
N LEU A 145 -25.68 -21.04 12.73
CA LEU A 145 -26.74 -20.92 11.74
C LEU A 145 -28.10 -21.25 12.35
N ALA A 146 -28.12 -22.23 13.27
CA ALA A 146 -29.37 -22.56 13.96
C ALA A 146 -29.86 -21.38 14.81
N VAL A 147 -28.94 -20.68 15.48
CA VAL A 147 -29.33 -19.53 16.28
C VAL A 147 -29.88 -18.42 15.39
N LYS A 148 -29.17 -18.14 14.29
CA LYS A 148 -29.60 -17.08 13.39
C LYS A 148 -30.92 -17.41 12.72
N ALA A 149 -31.23 -18.69 12.53
CA ALA A 149 -32.45 -19.08 11.86
C ALA A 149 -33.66 -19.10 12.79
N GLY A 150 -33.46 -19.03 14.10
CA GLY A 150 -34.58 -19.06 15.02
C GLY A 150 -34.97 -20.42 15.54
N ALA A 151 -34.10 -21.42 15.41
CA ALA A 151 -34.40 -22.73 15.94
C ALA A 151 -34.43 -22.69 17.47
N ASP A 152 -35.03 -23.72 18.05
CA ASP A 152 -35.16 -23.82 19.50
C ASP A 152 -34.12 -24.72 20.15
N PHE A 153 -33.56 -25.66 19.40
CA PHE A 153 -32.66 -26.67 19.93
C PHE A 153 -31.58 -26.96 18.90
N VAL A 154 -30.40 -27.32 19.38
CA VAL A 154 -29.38 -27.99 18.58
C VAL A 154 -29.23 -29.39 19.12
N LYS A 155 -29.08 -30.36 18.21
CA LYS A 155 -29.12 -31.78 18.55
C LYS A 155 -27.96 -32.49 17.89
N THR A 156 -27.34 -33.42 18.61
CA THR A 156 -26.08 -33.99 18.16
C THR A 156 -26.26 -34.92 16.96
N SER A 157 -27.14 -35.92 17.08
CA SER A 157 -27.05 -37.07 16.19
C SER A 157 -28.43 -37.59 15.79
N THR A 158 -28.50 -38.12 14.57
CA THR A 158 -29.68 -38.84 14.14
C THR A 158 -29.78 -40.22 14.78
N GLY A 159 -28.66 -40.80 15.20
CA GLY A 159 -28.63 -42.19 15.58
C GLY A 159 -28.45 -43.16 14.44
N PHE A 160 -28.38 -42.66 13.20
CA PHE A 160 -28.21 -43.47 12.01
C PHE A 160 -26.86 -43.25 11.35
N SER A 161 -25.98 -42.45 11.95
CA SER A 161 -24.65 -42.22 11.44
C SER A 161 -23.65 -43.07 12.23
N GLY A 162 -22.37 -42.73 12.14
CA GLY A 162 -21.33 -43.51 12.79
C GLY A 162 -21.29 -43.40 14.30
N GLY A 163 -21.56 -42.21 14.85
CA GLY A 163 -21.41 -41.98 16.27
C GLY A 163 -22.59 -41.19 16.83
N GLY A 164 -22.54 -40.95 18.13
CA GLY A 164 -23.59 -40.27 18.85
C GLY A 164 -23.04 -39.13 19.69
N ALA A 165 -23.78 -38.82 20.75
CA ALA A 165 -23.45 -37.67 21.59
C ALA A 165 -22.16 -37.91 22.37
N THR A 166 -21.37 -36.85 22.52
CA THR A 166 -20.20 -36.84 23.38
C THR A 166 -20.25 -35.60 24.27
N ALA A 167 -19.69 -35.73 25.47
CA ALA A 167 -19.70 -34.61 26.41
C ALA A 167 -18.99 -33.40 25.82
N GLU A 168 -17.91 -33.62 25.07
CA GLU A 168 -17.17 -32.51 24.46
C GLU A 168 -18.00 -31.79 23.41
N ASP A 169 -18.75 -32.55 22.61
CA ASP A 169 -19.64 -31.92 21.63
C ASP A 169 -20.74 -31.12 22.31
N ILE A 170 -21.33 -31.67 23.36
CA ILE A 170 -22.40 -30.97 24.08
C ILE A 170 -21.88 -29.66 24.65
N ALA A 171 -20.71 -29.70 25.29
CA ALA A 171 -20.11 -28.49 25.84
C ALA A 171 -19.82 -27.48 24.74
N LEU A 172 -19.32 -27.96 23.60
CA LEU A 172 -19.10 -27.08 22.45
C LEU A 172 -20.40 -26.42 22.01
N MET A 173 -21.47 -27.22 21.88
CA MET A 173 -22.73 -26.66 21.42
C MET A 173 -23.31 -25.69 22.43
N ARG A 174 -23.26 -26.04 23.72
CA ARG A 174 -23.76 -25.14 24.75
C ARG A 174 -22.98 -23.83 24.76
N LYS A 175 -21.68 -23.88 24.48
CA LYS A 175 -20.88 -22.66 24.46
C LYS A 175 -21.31 -21.72 23.33
N VAL A 176 -21.63 -22.28 22.17
CA VAL A 176 -22.06 -21.45 21.04
C VAL A 176 -23.43 -20.84 21.30
N VAL A 177 -24.42 -21.67 21.63
CA VAL A 177 -25.79 -21.15 21.74
C VAL A 177 -26.05 -20.48 23.08
N GLY A 178 -25.22 -20.72 24.08
CA GLY A 178 -25.42 -20.15 25.39
C GLY A 178 -26.72 -20.63 26.00
N PRO A 179 -27.45 -19.73 26.67
CA PRO A 179 -28.73 -20.10 27.25
C PRO A 179 -29.92 -19.97 26.31
N ASN A 180 -29.74 -19.43 25.10
CA ASN A 180 -30.86 -19.05 24.27
C ASN A 180 -31.53 -20.24 23.59
N LEU A 181 -30.77 -21.29 23.26
CA LEU A 181 -31.32 -22.48 22.64
C LEU A 181 -31.05 -23.69 23.54
N GLY A 182 -31.93 -24.68 23.45
CA GLY A 182 -31.67 -25.94 24.11
C GLY A 182 -30.59 -26.74 23.39
N VAL A 183 -30.03 -27.70 24.11
CA VAL A 183 -29.01 -28.60 23.58
C VAL A 183 -29.46 -30.03 23.88
N LEU A 184 -29.59 -30.84 22.83
CA LEU A 184 -30.12 -32.20 22.96
C LEU A 184 -29.03 -33.21 22.65
N ALA A 185 -28.77 -34.12 23.61
CA ALA A 185 -27.83 -35.20 23.41
C ALA A 185 -28.59 -36.44 22.96
N SER A 186 -28.30 -36.91 21.75
CA SER A 186 -28.95 -38.09 21.20
C SER A 186 -27.92 -39.00 20.57
N GLY A 187 -28.29 -40.28 20.43
CA GLY A 187 -27.43 -41.26 19.82
C GLY A 187 -26.44 -41.85 20.79
N GLY A 188 -26.66 -43.10 21.19
CA GLY A 188 -25.73 -43.79 22.06
C GLY A 188 -25.91 -43.53 23.54
N VAL A 189 -26.98 -42.85 23.94
CA VAL A 189 -27.27 -42.59 25.35
C VAL A 189 -28.05 -43.80 25.87
N ARG A 190 -27.34 -44.73 26.51
CA ARG A 190 -27.91 -46.03 26.86
C ARG A 190 -28.26 -46.20 28.32
N ASP A 191 -27.63 -45.46 29.22
CA ASP A 191 -27.84 -45.65 30.65
C ASP A 191 -27.84 -44.31 31.36
N LEU A 192 -28.22 -44.33 32.64
CA LEU A 192 -28.24 -43.11 33.44
C LEU A 192 -26.87 -42.47 33.52
N SER A 193 -25.81 -43.27 33.54
CA SER A 193 -24.46 -42.71 33.54
C SER A 193 -24.22 -41.87 32.29
N ASP A 194 -24.67 -42.36 31.13
CA ASP A 194 -24.54 -41.59 29.90
C ASP A 194 -25.33 -40.29 29.97
N ALA A 195 -26.60 -40.37 30.37
CA ALA A 195 -27.46 -39.20 30.38
C ALA A 195 -26.94 -38.16 31.37
N LYS A 196 -26.55 -38.57 32.57
CA LYS A 196 -26.04 -37.61 33.54
C LYS A 196 -24.75 -36.96 33.06
N ALA A 197 -23.92 -37.69 32.32
CA ALA A 197 -22.71 -37.09 31.76
C ALA A 197 -23.06 -36.00 30.75
N MET A 198 -24.10 -36.23 29.94
CA MET A 198 -24.51 -35.21 28.97
C MET A 198 -25.14 -34.01 29.67
N ILE A 199 -25.94 -34.25 30.71
CA ILE A 199 -26.53 -33.16 31.47
C ILE A 199 -25.44 -32.28 32.06
N ASP A 200 -24.43 -32.90 32.66
CA ASP A 200 -23.33 -32.13 33.25
C ASP A 200 -22.61 -31.32 32.19
N ALA A 201 -22.48 -31.88 30.98
CA ALA A 201 -21.82 -31.17 29.88
C ALA A 201 -22.68 -30.06 29.29
N GLY A 202 -23.94 -29.93 29.70
CA GLY A 202 -24.77 -28.82 29.27
C GLY A 202 -26.02 -29.18 28.49
N ALA A 203 -26.35 -30.47 28.41
CA ALA A 203 -27.54 -30.88 27.69
C ALA A 203 -28.80 -30.63 28.54
N THR A 204 -29.86 -30.16 27.88
CA THR A 204 -31.14 -29.93 28.54
C THR A 204 -32.23 -30.86 28.06
N ARG A 205 -31.95 -31.73 27.10
CA ARG A 205 -32.89 -32.74 26.66
C ARG A 205 -32.10 -33.95 26.19
N ILE A 206 -32.61 -35.14 26.49
CA ILE A 206 -31.95 -36.39 26.13
C ILE A 206 -32.81 -37.12 25.10
N GLY A 207 -32.19 -37.50 23.99
CA GLY A 207 -32.81 -38.36 23.02
C GLY A 207 -32.30 -39.77 23.20
N ALA A 208 -33.23 -40.70 23.46
CA ALA A 208 -32.85 -42.08 23.73
C ALA A 208 -33.99 -43.02 23.37
N SER A 209 -33.64 -44.30 23.22
CA SER A 209 -34.63 -45.36 23.10
C SER A 209 -34.74 -46.19 24.36
N ALA A 210 -33.72 -46.16 25.22
CA ALA A 210 -33.72 -46.89 26.48
C ALA A 210 -34.20 -46.04 27.65
N GLY A 211 -35.13 -45.12 27.41
CA GLY A 211 -35.58 -44.23 28.48
C GLY A 211 -36.15 -44.96 29.68
N VAL A 212 -36.80 -46.09 29.45
CA VAL A 212 -37.33 -46.88 30.56
C VAL A 212 -36.20 -47.42 31.43
N ALA A 213 -35.15 -47.95 30.79
CA ALA A 213 -34.01 -48.44 31.55
C ALA A 213 -33.28 -47.31 32.26
N ILE A 214 -33.27 -46.11 31.67
CA ILE A 214 -32.60 -44.98 32.30
C ILE A 214 -33.38 -44.52 33.53
N VAL A 215 -34.70 -44.42 33.43
CA VAL A 215 -35.50 -43.99 34.57
C VAL A 215 -35.46 -45.05 35.67
N ASN A 216 -35.51 -46.33 35.29
CA ASN A 216 -35.45 -47.39 36.28
C ASN A 216 -34.11 -47.40 37.01
N GLY A 217 -33.03 -47.07 36.30
CA GLY A 217 -31.75 -46.90 36.96
C GLY A 217 -31.74 -45.74 37.94
N GLU A 218 -32.49 -44.68 37.63
CA GLU A 218 -32.62 -43.56 38.56
C GLU A 218 -33.38 -43.97 39.81
N ARG A 219 -34.45 -44.77 39.64
CA ARG A 219 -35.22 -45.22 40.79
C ARG A 219 -34.43 -46.20 41.66
N SER A 220 -33.53 -46.98 41.05
CA SER A 220 -32.77 -47.97 41.80
C SER A 220 -31.80 -47.33 42.79
N GLU A 221 -31.41 -46.07 42.57
CA GLU A 221 -30.54 -45.39 43.52
C GLU A 221 -31.25 -45.05 44.82
N GLY A 222 -32.57 -45.20 44.89
CA GLY A 222 -33.31 -44.90 46.09
C GLY A 222 -33.77 -46.14 46.85
N SER A 223 -33.72 -47.29 46.19
CA SER A 223 -34.21 -48.54 46.77
C SER A 223 -33.07 -49.32 47.42
N TYR A 224 -33.46 -50.27 48.27
CA TYR A 224 -32.50 -51.12 48.95
C TYR A 224 -31.88 -52.12 47.98
N SER B 4 11.76 20.89 5.55
CA SER B 4 12.66 22.04 5.53
C SER B 4 14.12 21.62 5.77
N ILE B 5 15.04 22.24 5.02
CA ILE B 5 16.45 21.91 5.17
C ILE B 5 16.99 22.34 6.52
N ALA B 6 16.30 23.25 7.21
CA ALA B 6 16.78 23.73 8.50
C ALA B 6 16.93 22.60 9.50
N GLN B 7 16.03 21.61 9.45
CA GLN B 7 16.08 20.48 10.38
C GLN B 7 17.26 19.56 10.10
N MET B 8 18.04 19.81 9.05
CA MET B 8 19.22 19.03 8.74
C MET B 8 20.51 19.79 8.97
N ILE B 9 20.44 20.99 9.53
CA ILE B 9 21.59 21.89 9.61
C ILE B 9 22.06 21.98 11.05
N ASP B 10 23.37 21.80 11.25
CA ASP B 10 24.02 22.05 12.53
C ASP B 10 24.54 23.49 12.53
N HIS B 11 23.88 24.36 13.28
CA HIS B 11 24.23 25.78 13.37
C HIS B 11 25.51 25.92 14.18
N THR B 12 26.62 26.18 13.49
CA THR B 12 27.95 26.02 14.07
C THR B 12 28.64 27.37 14.26
N LEU B 13 29.25 27.54 15.43
CA LEU B 13 30.13 28.69 15.70
C LEU B 13 31.23 28.20 16.61
N LEU B 14 32.46 28.12 16.09
CA LEU B 14 33.58 27.51 16.81
C LEU B 14 34.83 28.39 16.85
N LYS B 15 34.75 29.63 16.40
CA LYS B 15 35.91 30.53 16.43
C LYS B 15 36.45 30.63 17.85
N PRO B 16 37.77 30.70 18.03
CA PRO B 16 38.33 30.73 19.39
C PRO B 16 38.03 32.02 20.15
N ASN B 17 37.71 33.11 19.47
CA ASN B 17 37.39 34.37 20.13
C ASN B 17 35.88 34.61 20.21
N THR B 18 35.08 33.55 20.12
CA THR B 18 33.63 33.68 20.22
C THR B 18 33.25 34.11 21.63
N THR B 19 32.37 35.11 21.72
CA THR B 19 31.96 35.67 22.99
C THR B 19 30.56 35.17 23.36
N GLU B 20 30.15 35.45 24.60
CA GLU B 20 28.90 34.92 25.11
C GLU B 20 27.71 35.44 24.31
N ASP B 21 27.71 36.73 23.96
CA ASP B 21 26.60 37.28 23.19
C ASP B 21 26.44 36.60 21.84
N GLN B 22 27.56 36.20 21.21
CA GLN B 22 27.47 35.47 19.95
C GLN B 22 26.89 34.08 20.15
N ILE B 23 27.10 33.47 21.31
CA ILE B 23 26.46 32.19 21.60
C ILE B 23 24.96 32.39 21.81
N VAL B 24 24.58 33.47 22.50
CA VAL B 24 23.17 33.79 22.68
C VAL B 24 22.49 33.97 21.32
N LYS B 25 23.10 34.80 20.46
CA LYS B 25 22.58 35.01 19.11
C LYS B 25 22.52 33.71 18.33
N LEU B 26 23.48 32.81 18.55
CA LEU B 26 23.49 31.54 17.84
C LEU B 26 22.31 30.67 18.25
N CYS B 27 22.08 30.54 19.57
CA CYS B 27 20.97 29.72 20.04
C CYS B 27 19.62 30.34 19.72
N GLU B 28 19.53 31.67 19.72
CA GLU B 28 18.29 32.33 19.35
C GLU B 28 17.94 32.07 17.89
N GLU B 29 18.96 32.07 17.02
CA GLU B 29 18.72 31.75 15.61
C GLU B 29 18.27 30.31 15.43
N ALA B 30 18.82 29.40 16.24
CA ALA B 30 18.46 27.98 16.11
C ALA B 30 17.02 27.73 16.52
N LYS B 31 16.56 28.39 17.60
CA LYS B 31 15.17 28.24 18.01
C LYS B 31 14.23 28.83 16.98
N GLU B 32 14.62 29.95 16.37
CA GLU B 32 13.76 30.59 15.38
C GLU B 32 13.65 29.76 14.12
N TYR B 33 14.75 29.15 13.68
CA TYR B 33 14.75 28.38 12.44
C TYR B 33 14.60 26.89 12.66
N SER B 34 14.58 26.42 13.91
CA SER B 34 14.45 25.01 14.24
C SER B 34 15.56 24.19 13.57
N PHE B 35 16.79 24.64 13.74
CA PHE B 35 17.95 23.89 13.27
C PHE B 35 18.08 22.59 14.04
N ALA B 36 18.79 21.63 13.44
CA ALA B 36 18.98 20.34 14.09
C ALA B 36 19.72 20.48 15.42
N SER B 37 20.71 21.38 15.47
CA SER B 37 21.49 21.56 16.68
C SER B 37 22.29 22.85 16.57
N VAL B 38 22.89 23.25 17.69
CA VAL B 38 23.97 24.23 17.71
C VAL B 38 25.26 23.47 17.99
N CYS B 39 26.33 23.86 17.32
CA CYS B 39 27.64 23.26 17.52
C CYS B 39 28.56 24.33 18.10
N VAL B 40 28.95 24.16 19.36
CA VAL B 40 29.76 25.13 20.08
C VAL B 40 30.89 24.39 20.77
N ASN B 41 31.96 25.13 21.06
CA ASN B 41 33.08 24.57 21.79
C ASN B 41 32.66 24.20 23.21
N PRO B 42 33.41 23.31 23.87
CA PRO B 42 32.92 22.76 25.15
C PRO B 42 32.71 23.79 26.25
N THR B 43 33.41 24.92 26.21
CA THR B 43 33.21 25.92 27.25
C THR B 43 31.79 26.51 27.23
N TRP B 44 31.11 26.42 26.09
CA TRP B 44 29.79 27.03 25.94
C TRP B 44 28.64 26.03 26.03
N VAL B 45 28.93 24.76 26.35
CA VAL B 45 27.86 23.75 26.34
C VAL B 45 26.82 24.06 27.41
N ALA B 46 27.26 24.42 28.62
CA ALA B 46 26.32 24.65 29.71
C ALA B 46 25.38 25.81 29.39
N LEU B 47 25.91 26.88 28.79
CA LEU B 47 25.05 28.00 28.42
C LEU B 47 24.06 27.61 27.32
N ALA B 48 24.56 26.97 26.27
CA ALA B 48 23.67 26.55 25.19
C ALA B 48 22.58 25.60 25.71
N ALA B 49 22.94 24.68 26.61
CA ALA B 49 21.95 23.77 27.17
C ALA B 49 20.89 24.50 27.96
N GLN B 50 21.25 25.62 28.61
CA GLN B 50 20.28 26.40 29.35
CA GLN B 50 20.28 26.41 29.34
C GLN B 50 19.38 27.18 28.39
N LEU B 51 19.98 27.84 27.39
CA LEU B 51 19.21 28.63 26.45
C LEU B 51 18.29 27.78 25.59
N LEU B 52 18.60 26.49 25.40
CA LEU B 52 17.78 25.59 24.61
C LEU B 52 17.00 24.61 25.47
N LYS B 53 16.78 24.93 26.74
CA LYS B 53 16.10 24.02 27.65
C LYS B 53 14.67 23.74 27.20
N ASP B 54 13.99 24.73 26.63
CA ASP B 54 12.60 24.59 26.21
C ASP B 54 12.47 24.34 24.72
N ALA B 55 13.54 23.93 24.06
CA ALA B 55 13.53 23.56 22.64
C ALA B 55 14.19 22.20 22.49
N PRO B 56 13.50 21.13 22.87
CA PRO B 56 14.14 19.80 22.86
C PRO B 56 14.54 19.33 21.48
N ASP B 57 13.85 19.76 20.43
CA ASP B 57 14.21 19.37 19.07
C ASP B 57 15.50 20.04 18.58
N VAL B 58 16.08 20.96 19.36
CA VAL B 58 17.35 21.58 19.03
C VAL B 58 18.39 21.04 19.99
N LYS B 59 19.30 20.21 19.48
CA LYS B 59 20.29 19.56 20.32
C LYS B 59 21.48 20.49 20.58
N VAL B 60 22.21 20.17 21.65
CA VAL B 60 23.47 20.84 21.96
C VAL B 60 24.59 19.93 21.50
N CYS B 61 25.32 20.37 20.47
CA CYS B 61 26.44 19.64 19.93
C CYS B 61 27.74 20.34 20.30
N THR B 62 28.77 19.57 20.62
CA THR B 62 30.09 20.11 20.88
C THR B 62 31.12 19.21 20.21
N VAL B 63 32.38 19.67 20.25
CA VAL B 63 33.46 19.05 19.51
C VAL B 63 34.49 18.48 20.48
N ILE B 64 35.12 17.39 20.07
CA ILE B 64 35.95 16.55 20.94
C ILE B 64 37.32 16.39 20.29
N GLY B 65 38.37 16.71 21.02
CA GLY B 65 39.72 16.66 20.51
C GLY B 65 39.90 17.51 19.25
N PHE B 66 39.19 18.63 19.20
CA PHE B 66 38.96 19.51 18.07
C PHE B 66 39.93 20.69 18.10
N PRO B 67 40.47 21.09 16.94
CA PRO B 67 40.22 20.50 15.62
C PRO B 67 41.33 19.56 15.13
N LEU B 68 42.37 19.34 15.94
CA LEU B 68 43.55 18.62 15.49
C LEU B 68 43.43 17.11 15.66
N GLY B 69 42.70 16.64 16.68
CA GLY B 69 42.52 15.21 16.87
C GLY B 69 43.74 14.47 17.35
N ALA B 70 44.79 15.18 17.79
CA ALA B 70 46.06 14.57 18.13
C ALA B 70 46.29 14.51 19.64
N THR B 71 45.23 14.22 20.39
CA THR B 71 45.36 13.93 21.81
C THR B 71 45.07 12.45 22.04
N THR B 72 45.06 12.05 23.30
CA THR B 72 44.97 10.63 23.62
C THR B 72 43.51 10.20 23.74
N PRO B 73 43.24 8.89 23.61
CA PRO B 73 41.86 8.40 23.82
C PRO B 73 41.32 8.70 25.20
N GLU B 74 42.17 8.66 26.23
CA GLU B 74 41.70 8.91 27.59
C GLU B 74 41.22 10.34 27.75
N VAL B 75 41.86 11.30 27.07
CA VAL B 75 41.43 12.68 27.16
C VAL B 75 40.17 12.91 26.35
N LYS B 76 40.09 12.32 25.15
CA LYS B 76 38.87 12.42 24.36
C LYS B 76 37.68 11.83 25.11
N ALA B 77 37.87 10.71 25.79
CA ALA B 77 36.80 10.14 26.59
C ALA B 77 36.43 11.04 27.75
N PHE B 78 37.43 11.65 28.41
CA PHE B 78 37.11 12.56 29.50
C PHE B 78 36.37 13.79 29.01
N GLU B 79 36.79 14.35 27.87
CA GLU B 79 36.11 15.53 27.35
C GLU B 79 34.68 15.21 26.94
N THR B 80 34.43 14.00 26.43
CA THR B 80 33.07 13.62 26.05
CA THR B 80 33.08 13.62 26.06
C THR B 80 32.18 13.50 27.27
N THR B 81 32.65 12.79 28.31
CA THR B 81 31.90 12.67 29.55
C THR B 81 31.65 14.04 30.18
N ASN B 82 32.67 14.92 30.15
CA ASN B 82 32.51 16.26 30.70
C ASN B 82 31.48 17.06 29.91
N ALA B 83 31.50 16.93 28.58
CA ALA B 83 30.54 17.65 27.75
C ALA B 83 29.12 17.15 27.98
N ILE B 84 28.96 15.83 28.17
CA ILE B 84 27.63 15.28 28.40
C ILE B 84 27.08 15.73 29.75
N GLU B 85 27.94 15.73 30.78
CA GLU B 85 27.53 16.27 32.08
C GLU B 85 27.08 17.72 31.94
N ASN B 86 27.72 18.48 31.04
CA ASN B 86 27.39 19.89 30.88
C ASN B 86 26.14 20.12 30.03
N GLY B 87 25.63 19.10 29.34
CA GLY B 87 24.37 19.24 28.65
C GLY B 87 24.40 18.95 27.16
N ALA B 88 25.53 18.46 26.65
CA ALA B 88 25.63 18.14 25.23
C ALA B 88 25.00 16.78 24.96
N THR B 89 24.25 16.71 23.86
CA THR B 89 23.65 15.46 23.42
C THR B 89 24.19 14.98 22.08
N GLU B 90 25.13 15.72 21.48
CA GLU B 90 25.85 15.26 20.30
C GLU B 90 27.30 15.68 20.45
N VAL B 91 28.23 14.81 20.07
CA VAL B 91 29.65 15.09 20.15
C VAL B 91 30.30 14.76 18.81
N ASP B 92 31.12 15.68 18.31
CA ASP B 92 31.89 15.48 17.07
C ASP B 92 33.35 15.37 17.46
N MET B 93 33.93 14.19 17.26
CA MET B 93 35.32 13.95 17.60
C MET B 93 36.17 13.87 16.34
N VAL B 94 37.39 14.40 16.43
CA VAL B 94 38.35 14.34 15.34
C VAL B 94 39.19 13.10 15.51
N ILE B 95 39.43 12.38 14.40
CA ILE B 95 40.21 11.16 14.48
C ILE B 95 41.68 11.47 14.67
N ASN B 96 42.42 10.49 15.17
CA ASN B 96 43.87 10.55 15.19
C ASN B 96 44.39 10.39 13.76
N ILE B 97 44.57 11.52 13.08
CA ILE B 97 44.91 11.48 11.66
C ILE B 97 46.28 10.86 11.43
N GLY B 98 47.24 11.18 12.30
CA GLY B 98 48.57 10.63 12.15
C GLY B 98 48.61 9.12 12.35
N ALA B 99 47.81 8.62 13.30
CA ALA B 99 47.72 7.17 13.49
C ALA B 99 47.09 6.48 12.29
N LEU B 100 46.16 7.15 11.62
CA LEU B 100 45.54 6.58 10.42
C LEU B 100 46.53 6.53 9.26
N LYS B 101 47.36 7.56 9.12
CA LYS B 101 48.36 7.57 8.07
C LYS B 101 49.45 6.55 8.32
N ASP B 102 49.78 6.30 9.60
CA ASP B 102 50.75 5.27 9.96
C ASP B 102 50.15 3.87 9.96
N LYS B 103 48.93 3.70 9.44
CA LYS B 103 48.23 2.43 9.37
C LYS B 103 48.00 1.82 10.75
N GLN B 104 48.02 2.65 11.81
CA GLN B 104 47.72 2.19 13.17
C GLN B 104 46.20 2.14 13.35
N TYR B 105 45.59 1.15 12.67
CA TYR B 105 44.14 1.07 12.65
C TYR B 105 43.56 0.74 14.02
N GLU B 106 44.26 -0.08 14.80
CA GLU B 106 43.78 -0.43 16.13
C GLU B 106 43.75 0.79 17.05
N LEU B 107 44.69 1.72 16.89
CA LEU B 107 44.66 2.92 17.70
C LEU B 107 43.54 3.86 17.27
N VAL B 108 43.35 4.02 15.95
CA VAL B 108 42.26 4.85 15.46
C VAL B 108 40.92 4.31 15.94
N GLY B 109 40.74 2.98 15.89
CA GLY B 109 39.50 2.39 16.35
C GLY B 109 39.29 2.57 17.84
N ARG B 110 40.33 2.32 18.63
CA ARG B 110 40.22 2.51 20.08
C ARG B 110 39.97 3.97 20.43
N ASP B 111 40.54 4.90 19.66
CA ASP B 111 40.32 6.32 19.88
C ASP B 111 38.87 6.70 19.66
N ILE B 112 38.30 6.27 18.51
CA ILE B 112 36.87 6.45 18.27
C ILE B 112 36.06 5.72 19.34
N GLN B 113 36.46 4.48 19.66
CA GLN B 113 35.74 3.66 20.63
C GLN B 113 35.60 4.38 21.97
N ALA B 114 36.67 5.06 22.41
CA ALA B 114 36.65 5.73 23.71
C ALA B 114 35.53 6.75 23.78
N VAL B 115 35.34 7.52 22.72
CA VAL B 115 34.26 8.51 22.69
C VAL B 115 32.90 7.80 22.66
N VAL B 116 32.76 6.77 21.82
CA VAL B 116 31.47 6.08 21.68
C VAL B 116 31.02 5.51 23.01
N LYS B 117 31.95 4.92 23.77
CA LYS B 117 31.58 4.35 25.06
C LYS B 117 31.18 5.44 26.05
N ALA B 118 31.90 6.56 26.08
CA ALA B 118 31.51 7.63 26.99
C ALA B 118 30.15 8.20 26.63
N ALA B 119 29.78 8.16 25.34
CA ALA B 119 28.52 8.71 24.86
C ALA B 119 27.39 7.70 24.86
N GLU B 120 27.67 6.44 25.17
CA GLU B 120 26.72 5.34 25.00
C GLU B 120 25.42 5.62 25.74
N GLY B 121 24.31 5.65 25.00
CA GLY B 121 23.01 5.88 25.58
C GLY B 121 22.72 7.30 26.03
N LYS B 122 23.59 8.25 25.70
CA LYS B 122 23.40 9.63 26.16
C LYS B 122 23.62 10.65 25.05
N ALA B 123 24.48 10.34 24.09
CA ALA B 123 24.80 11.31 23.04
C ALA B 123 25.14 10.60 21.75
N LEU B 124 24.75 11.22 20.63
CA LEU B 124 25.23 10.79 19.33
C LEU B 124 26.71 11.12 19.18
N THR B 125 27.42 10.24 18.47
CA THR B 125 28.83 10.44 18.16
CA THR B 125 28.83 10.44 18.16
C THR B 125 29.00 10.66 16.67
N LYS B 126 29.69 11.74 16.32
CA LYS B 126 30.02 12.06 14.93
C LYS B 126 31.54 12.02 14.80
N VAL B 127 32.02 11.28 13.81
CA VAL B 127 33.45 11.06 13.63
C VAL B 127 33.91 11.94 12.48
N ILE B 128 34.67 12.98 12.79
CA ILE B 128 35.27 13.85 11.78
C ILE B 128 36.53 13.15 11.25
N ILE B 129 36.53 12.82 9.96
CA ILE B 129 37.66 12.12 9.36
C ILE B 129 38.65 13.08 8.70
N GLU B 130 38.26 14.33 8.43
CA GLU B 130 39.13 15.34 7.86
C GLU B 130 39.64 14.92 6.48
N THR B 131 38.67 14.91 5.54
CA THR B 131 38.91 14.41 4.19
C THR B 131 40.05 15.14 3.48
N SER B 132 40.25 16.42 3.81
CA SER B 132 41.25 17.22 3.10
C SER B 132 42.66 16.70 3.28
N LEU B 133 42.91 15.89 4.31
CA LEU B 133 44.25 15.40 4.58
C LEU B 133 44.39 13.88 4.42
N LEU B 134 43.44 13.24 3.74
CA LEU B 134 43.42 11.79 3.64
C LEU B 134 43.54 11.33 2.19
N THR B 135 44.14 10.15 2.00
CA THR B 135 44.03 9.44 0.74
C THR B 135 42.62 8.92 0.55
N GLU B 136 42.35 8.42 -0.66
CA GLU B 136 41.07 7.75 -0.89
C GLU B 136 40.94 6.52 -0.01
N GLU B 137 42.01 5.71 0.08
CA GLU B 137 41.98 4.52 0.91
C GLU B 137 41.81 4.86 2.39
N GLU B 138 42.42 5.96 2.84
CA GLU B 138 42.27 6.34 4.25
C GLU B 138 40.87 6.85 4.55
N LYS B 139 40.26 7.56 3.59
CA LYS B 139 38.88 7.98 3.76
C LYS B 139 37.95 6.78 3.98
N LYS B 140 38.10 5.75 3.16
CA LYS B 140 37.29 4.56 3.34
C LYS B 140 37.64 3.84 4.64
N ALA B 141 38.93 3.68 4.93
CA ALA B 141 39.35 3.00 6.15
C ALA B 141 38.82 3.71 7.39
N ALA B 142 38.82 5.06 7.37
CA ALA B 142 38.32 5.81 8.51
C ALA B 142 36.83 5.61 8.69
N CYS B 143 36.07 5.62 7.59
CA CYS B 143 34.64 5.34 7.68
C CYS B 143 34.38 3.93 8.20
N GLU B 144 35.17 2.96 7.74
CA GLU B 144 35.00 1.58 8.19
C GLU B 144 35.29 1.45 9.68
N LEU B 145 36.34 2.12 10.16
CA LEU B 145 36.65 2.07 11.59
C LEU B 145 35.55 2.76 12.40
N ALA B 146 34.93 3.79 11.84
CA ALA B 146 33.82 4.45 12.53
C ALA B 146 32.62 3.52 12.68
N VAL B 147 32.35 2.72 11.64
CA VAL B 147 31.23 1.78 11.71
C VAL B 147 31.49 0.72 12.77
N LYS B 148 32.71 0.16 12.79
CA LYS B 148 33.02 -0.89 13.74
C LYS B 148 33.03 -0.39 15.18
N ALA B 149 33.34 0.89 15.38
CA ALA B 149 33.39 1.44 16.73
C ALA B 149 32.03 1.79 17.29
N GLY B 150 30.98 1.76 16.48
CA GLY B 150 29.66 2.12 16.94
C GLY B 150 29.31 3.59 16.85
N ALA B 151 30.03 4.35 16.04
CA ALA B 151 29.71 5.75 15.84
C ALA B 151 28.34 5.89 15.16
N ASP B 152 27.79 7.11 15.22
CA ASP B 152 26.49 7.37 14.63
C ASP B 152 26.59 8.15 13.32
N PHE B 153 27.63 8.96 13.16
CA PHE B 153 27.82 9.78 11.97
C PHE B 153 29.28 9.69 11.54
N VAL B 154 29.50 9.87 10.23
CA VAL B 154 30.81 10.20 9.70
C VAL B 154 30.72 11.62 9.13
N LYS B 155 31.74 12.43 9.42
CA LYS B 155 31.72 13.85 9.13
C LYS B 155 32.94 14.21 8.30
N THR B 156 32.78 15.14 7.36
CA THR B 156 33.85 15.42 6.41
C THR B 156 35.00 16.16 7.05
N SER B 157 34.73 17.32 7.66
CA SER B 157 35.80 18.27 7.95
C SER B 157 35.56 18.98 9.28
N THR B 158 36.67 19.41 9.88
CA THR B 158 36.59 20.33 11.02
C THR B 158 36.24 21.74 10.58
N GLY B 159 36.54 22.09 9.34
CA GLY B 159 36.52 23.48 8.94
C GLY B 159 37.73 24.27 9.38
N PHE B 160 38.73 23.63 9.95
CA PHE B 160 39.87 24.37 10.41
C PHE B 160 41.11 23.99 9.69
N SER B 161 41.17 22.78 9.18
CA SER B 161 42.35 22.37 8.51
C SER B 161 42.24 22.28 7.02
N GLY B 162 41.79 23.34 6.38
CA GLY B 162 41.80 23.32 4.96
C GLY B 162 40.53 23.36 4.16
N GLY B 163 40.17 22.22 3.64
CA GLY B 163 39.00 22.14 2.80
C GLY B 163 37.83 21.43 3.38
N GLY B 164 36.69 21.81 2.85
CA GLY B 164 35.38 21.31 3.17
C GLY B 164 34.89 20.08 2.44
N ALA B 165 33.62 19.85 2.64
CA ALA B 165 32.97 18.69 2.04
C ALA B 165 32.89 18.82 0.53
N THR B 166 33.10 17.72 -0.17
CA THR B 166 32.91 17.64 -1.61
C THR B 166 31.91 16.54 -1.94
N ALA B 167 31.30 16.65 -3.13
CA ALA B 167 30.32 15.66 -3.56
C ALA B 167 30.95 14.27 -3.63
N GLU B 168 32.15 14.17 -4.19
CA GLU B 168 32.81 12.88 -4.30
C GLU B 168 33.07 12.28 -2.93
N ASP B 169 33.51 13.09 -1.97
CA ASP B 169 33.80 12.57 -0.64
C ASP B 169 32.54 12.07 0.05
N ILE B 170 31.44 12.82 -0.08
CA ILE B 170 30.19 12.40 0.56
C ILE B 170 29.69 11.09 -0.05
N ALA B 171 29.73 10.98 -1.37
CA ALA B 171 29.31 9.74 -2.03
C ALA B 171 30.18 8.57 -1.57
N LEU B 172 31.50 8.77 -1.48
CA LEU B 172 32.39 7.74 -0.99
C LEU B 172 32.02 7.30 0.43
N MET B 173 31.74 8.28 1.31
CA MET B 173 31.39 7.96 2.69
C MET B 173 30.04 7.27 2.77
N ARG B 174 29.05 7.74 2.02
CA ARG B 174 27.75 7.10 1.99
C ARG B 174 27.85 5.66 1.48
N LYS B 175 28.74 5.41 0.52
CA LYS B 175 28.90 4.05 0.00
C LYS B 175 29.50 3.12 1.04
N VAL B 176 30.39 3.63 1.89
CA VAL B 176 31.00 2.77 2.91
C VAL B 176 30.01 2.46 4.01
N VAL B 177 29.41 3.49 4.62
CA VAL B 177 28.57 3.28 5.79
C VAL B 177 27.16 2.82 5.43
N GLY B 178 26.73 3.00 4.18
CA GLY B 178 25.40 2.61 3.77
C GLY B 178 24.35 3.45 4.47
N PRO B 179 23.23 2.83 4.86
CA PRO B 179 22.22 3.54 5.64
C PRO B 179 22.45 3.55 7.14
N ASN B 180 23.48 2.84 7.63
CA ASN B 180 23.60 2.55 9.05
C ASN B 180 24.11 3.73 9.85
N LEU B 181 24.92 4.60 9.24
CA LEU B 181 25.42 5.79 9.87
C LEU B 181 25.05 7.01 9.02
N GLY B 182 24.85 8.14 9.68
CA GLY B 182 24.67 9.38 8.96
C GLY B 182 25.96 9.84 8.30
N VAL B 183 25.80 10.69 7.29
CA VAL B 183 26.93 11.34 6.62
C VAL B 183 26.71 12.84 6.71
N LEU B 184 27.69 13.55 7.27
CA LEU B 184 27.55 14.98 7.55
C LEU B 184 28.51 15.75 6.65
N ALA B 185 27.95 16.64 5.84
CA ALA B 185 28.73 17.54 5.00
C ALA B 185 29.01 18.83 5.79
N SER B 186 30.29 19.07 6.09
CA SER B 186 30.71 20.26 6.81
C SER B 186 31.89 20.90 6.11
N GLY B 187 32.02 22.21 6.30
CA GLY B 187 33.12 22.96 5.70
C GLY B 187 32.79 23.49 4.32
N GLY B 188 32.72 24.82 4.19
CA GLY B 188 32.51 25.43 2.89
C GLY B 188 31.12 25.32 2.32
N VAL B 189 30.13 24.89 3.11
CA VAL B 189 28.75 24.78 2.63
C VAL B 189 28.09 26.12 2.94
N ARG B 190 28.11 27.02 1.96
CA ARG B 190 27.79 28.42 2.18
C ARG B 190 26.38 28.81 1.73
N ASP B 191 25.81 28.13 0.73
CA ASP B 191 24.52 28.52 0.19
C ASP B 191 23.63 27.28 0.03
N LEU B 192 22.40 27.53 -0.42
CA LEU B 192 21.46 26.43 -0.64
C LEU B 192 21.96 25.50 -1.73
N SER B 193 22.53 26.06 -2.80
CA SER B 193 23.04 25.23 -3.90
C SER B 193 24.10 24.26 -3.42
N ASP B 194 25.01 24.72 -2.56
CA ASP B 194 26.02 23.82 -1.98
C ASP B 194 25.35 22.73 -1.16
N ALA B 195 24.40 23.10 -0.31
CA ALA B 195 23.77 22.13 0.57
C ALA B 195 22.99 21.07 -0.20
N LYS B 196 22.25 21.48 -1.24
CA LYS B 196 21.52 20.51 -2.04
C LYS B 196 22.46 19.60 -2.82
N ALA B 197 23.62 20.11 -3.22
CA ALA B 197 24.61 19.26 -3.88
C ALA B 197 25.12 18.18 -2.92
N MET B 198 25.36 18.55 -1.66
CA MET B 198 25.81 17.56 -0.69
C MET B 198 24.72 16.54 -0.38
N ILE B 199 23.47 17.01 -0.25
CA ILE B 199 22.36 16.10 0.03
C ILE B 199 22.15 15.12 -1.13
N ASP B 200 22.28 15.61 -2.36
CA ASP B 200 22.13 14.72 -3.51
C ASP B 200 23.23 13.65 -3.55
N ALA B 201 24.41 13.98 -3.01
CA ALA B 201 25.50 13.02 -2.98
C ALA B 201 25.36 12.01 -1.86
N GLY B 202 24.46 12.24 -0.90
CA GLY B 202 24.21 11.26 0.14
C GLY B 202 24.34 11.78 1.57
N ALA B 203 24.46 13.09 1.73
CA ALA B 203 24.56 13.68 3.07
C ALA B 203 23.19 13.73 3.73
N THR B 204 23.11 13.32 5.00
CA THR B 204 21.88 13.42 5.77
C THR B 204 21.92 14.56 6.77
N ARG B 205 23.05 15.25 6.90
CA ARG B 205 23.13 16.41 7.77
C ARG B 205 24.16 17.37 7.20
N ILE B 206 23.94 18.66 7.45
CA ILE B 206 24.84 19.72 7.00
C ILE B 206 25.39 20.44 8.21
N GLY B 207 26.72 20.58 8.26
CA GLY B 207 27.35 21.40 9.25
C GLY B 207 27.80 22.71 8.62
N ALA B 208 27.28 23.83 9.11
CA ALA B 208 27.52 25.10 8.46
C ALA B 208 27.44 26.24 9.47
N SER B 209 28.16 27.31 9.18
CA SER B 209 27.95 28.57 9.89
C SER B 209 26.95 29.46 9.18
N ALA B 210 26.72 29.22 7.88
CA ALA B 210 25.78 30.01 7.08
C ALA B 210 24.38 29.40 7.04
N GLY B 211 23.95 28.75 8.12
CA GLY B 211 22.65 28.10 8.11
C GLY B 211 21.51 29.05 7.83
N VAL B 212 21.59 30.28 8.36
CA VAL B 212 20.53 31.25 8.13
C VAL B 212 20.44 31.59 6.64
N ALA B 213 21.58 31.75 5.97
CA ALA B 213 21.56 32.07 4.54
C ALA B 213 21.03 30.89 3.72
N ILE B 214 21.28 29.66 4.16
CA ILE B 214 20.84 28.49 3.41
C ILE B 214 19.33 28.34 3.47
N VAL B 215 18.76 28.44 4.68
CA VAL B 215 17.31 28.32 4.83
C VAL B 215 16.59 29.50 4.19
N ASN B 216 17.20 30.69 4.26
CA ASN B 216 16.58 31.86 3.63
C ASN B 216 16.50 31.71 2.12
N GLY B 217 17.55 31.17 1.51
CA GLY B 217 17.51 30.90 0.09
C GLY B 217 16.48 29.83 -0.26
N GLU B 218 16.35 28.81 0.60
CA GLU B 218 15.36 27.76 0.38
C GLU B 218 13.96 28.34 0.32
N ARG B 219 13.62 29.23 1.24
CA ARG B 219 12.28 29.82 1.25
C ARG B 219 12.07 30.75 0.07
N SER B 220 13.10 31.53 -0.28
CA SER B 220 12.99 32.47 -1.39
C SER B 220 12.87 31.79 -2.73
N GLU B 221 13.28 30.52 -2.84
CA GLU B 221 13.17 29.79 -4.10
C GLU B 221 11.81 29.15 -4.31
N GLY B 222 11.03 28.94 -3.24
CA GLY B 222 9.69 28.39 -3.40
C GLY B 222 9.73 26.92 -3.78
N SER B 223 8.76 26.51 -4.59
CA SER B 223 8.66 25.11 -4.99
C SER B 223 8.18 24.97 -6.43
N TYR B 224 8.42 25.98 -7.26
CA TYR B 224 8.02 25.92 -8.66
C TYR B 224 8.96 25.00 -9.43
N SER C 4 7.68 13.73 -27.25
CA SER C 4 8.49 14.14 -26.11
C SER C 4 7.76 15.12 -25.21
N ILE C 5 7.90 14.93 -23.90
CA ILE C 5 7.25 15.80 -22.94
C ILE C 5 7.95 17.16 -22.87
N ALA C 6 9.20 17.24 -23.34
CA ALA C 6 9.95 18.50 -23.29
C ALA C 6 9.17 19.65 -23.92
N GLN C 7 8.42 19.37 -24.99
CA GLN C 7 7.70 20.40 -25.72
C GLN C 7 6.44 20.90 -25.00
N MET C 8 6.08 20.33 -23.86
CA MET C 8 4.99 20.84 -23.04
C MET C 8 5.46 21.26 -21.66
N ILE C 9 6.73 21.64 -21.54
CA ILE C 9 7.31 22.04 -20.26
C ILE C 9 7.68 23.51 -20.35
N ASP C 10 7.23 24.29 -19.36
CA ASP C 10 7.63 25.69 -19.20
C ASP C 10 8.87 25.74 -18.32
N HIS C 11 10.01 26.06 -18.92
CA HIS C 11 11.29 26.18 -18.21
C HIS C 11 11.23 27.42 -17.33
N THR C 12 11.03 27.23 -16.04
CA THR C 12 10.64 28.30 -15.13
C THR C 12 11.79 28.68 -14.19
N LEU C 13 11.98 29.99 -14.01
CA LEU C 13 12.98 30.51 -13.08
C LEU C 13 12.49 31.88 -12.61
N LEU C 14 11.99 31.94 -11.36
CA LEU C 14 11.30 33.14 -10.88
C LEU C 14 11.80 33.62 -9.52
N LYS C 15 12.85 33.02 -8.97
CA LYS C 15 13.32 33.44 -7.66
C LYS C 15 13.75 34.90 -7.68
N PRO C 16 13.58 35.63 -6.57
CA PRO C 16 13.86 37.08 -6.59
C PRO C 16 15.32 37.42 -6.87
N ASN C 17 16.27 36.55 -6.54
CA ASN C 17 17.69 36.85 -6.73
C ASN C 17 18.25 36.27 -8.02
N THR C 18 17.40 36.12 -9.04
CA THR C 18 17.85 35.63 -10.33
C THR C 18 18.76 36.64 -11.01
N THR C 19 19.90 36.17 -11.52
CA THR C 19 20.87 37.01 -12.18
C THR C 19 20.87 36.75 -13.68
N GLU C 20 21.56 37.64 -14.40
CA GLU C 20 21.58 37.54 -15.86
C GLU C 20 22.19 36.23 -16.33
N ASP C 21 23.21 35.77 -15.63
CA ASP C 21 23.89 34.52 -15.96
C ASP C 21 22.92 33.33 -15.93
N GLN C 22 21.97 33.36 -15.01
CA GLN C 22 21.00 32.29 -14.88
C GLN C 22 19.93 32.37 -15.96
N ILE C 23 19.59 33.59 -16.42
CA ILE C 23 18.67 33.73 -17.54
C ILE C 23 19.31 33.23 -18.82
N VAL C 24 20.61 33.48 -19.00
CA VAL C 24 21.32 33.01 -20.17
C VAL C 24 21.35 31.48 -20.19
N LYS C 25 21.66 30.87 -19.05
CA LYS C 25 21.69 29.41 -18.98
C LYS C 25 20.30 28.83 -19.19
N LEU C 26 19.27 29.50 -18.65
CA LEU C 26 17.90 28.99 -18.79
C LEU C 26 17.45 29.01 -20.25
N CYS C 27 17.83 30.05 -20.99
CA CYS C 27 17.39 30.17 -22.37
C CYS C 27 18.15 29.20 -23.29
N GLU C 28 19.44 28.99 -23.02
CA GLU C 28 20.18 28.03 -23.83
C GLU C 28 19.79 26.59 -23.50
N GLU C 29 19.30 26.35 -22.28
CA GLU C 29 18.75 25.03 -21.96
C GLU C 29 17.45 24.79 -22.71
N ALA C 30 16.59 25.81 -22.79
CA ALA C 30 15.35 25.68 -23.55
C ALA C 30 15.62 25.51 -25.04
N LYS C 31 16.67 26.14 -25.56
CA LYS C 31 17.05 25.95 -26.96
C LYS C 31 17.50 24.52 -27.20
N GLU C 32 18.26 23.94 -26.27
CA GLU C 32 18.79 22.61 -26.46
C GLU C 32 17.70 21.55 -26.35
N TYR C 33 16.78 21.72 -25.39
CA TYR C 33 15.75 20.72 -25.13
C TYR C 33 14.43 21.04 -25.79
N SER C 34 14.32 22.18 -26.48
CA SER C 34 13.10 22.59 -27.17
C SER C 34 11.90 22.62 -26.21
N PHE C 35 12.10 23.29 -25.08
CA PHE C 35 11.02 23.46 -24.12
C PHE C 35 9.93 24.34 -24.72
N ALA C 36 8.72 24.18 -24.16
CA ALA C 36 7.58 24.98 -24.64
C ALA C 36 7.85 26.47 -24.51
N SER C 37 8.46 26.88 -23.39
CA SER C 37 8.75 28.28 -23.17
C SER C 37 9.72 28.39 -21.99
N VAL C 38 10.26 29.60 -21.81
CA VAL C 38 10.88 30.00 -20.55
C VAL C 38 9.91 30.91 -19.82
N CYS C 39 9.78 30.70 -18.52
CA CYS C 39 8.93 31.54 -17.67
C CYS C 39 9.85 32.31 -16.73
N VAL C 40 9.98 33.61 -16.97
CA VAL C 40 10.83 34.49 -16.19
C VAL C 40 9.99 35.65 -15.65
N ASN C 41 10.59 36.41 -14.74
CA ASN C 41 9.93 37.59 -14.21
C ASN C 41 10.01 38.74 -15.21
N PRO C 42 9.10 39.72 -15.11
CA PRO C 42 9.00 40.74 -16.16
C PRO C 42 10.30 41.49 -16.45
N THR C 43 11.18 41.64 -15.46
CA THR C 43 12.43 42.36 -15.70
C THR C 43 13.34 41.63 -16.67
N TRP C 44 13.11 40.33 -16.92
CA TRP C 44 13.97 39.55 -17.80
C TRP C 44 13.34 39.28 -19.16
N VAL C 45 12.16 39.85 -19.44
CA VAL C 45 11.46 39.53 -20.68
C VAL C 45 12.24 40.02 -21.89
N ALA C 46 12.74 41.27 -21.84
CA ALA C 46 13.47 41.80 -22.98
C ALA C 46 14.71 40.98 -23.28
N LEU C 47 15.41 40.52 -22.23
CA LEU C 47 16.60 39.71 -22.46
C LEU C 47 16.25 38.33 -23.01
N ALA C 48 15.21 37.70 -22.45
CA ALA C 48 14.83 36.36 -22.91
C ALA C 48 14.36 36.39 -24.35
N ALA C 49 13.65 37.45 -24.75
CA ALA C 49 13.17 37.55 -26.12
C ALA C 49 14.32 37.63 -27.12
N GLN C 50 15.43 38.26 -26.73
CA GLN C 50 16.54 38.37 -27.67
C GLN C 50 17.39 37.11 -27.69
N LEU C 51 17.59 36.49 -26.52
CA LEU C 51 18.28 35.21 -26.48
C LEU C 51 17.57 34.11 -27.26
N LEU C 52 16.25 34.24 -27.47
CA LEU C 52 15.47 33.19 -28.10
C LEU C 52 14.89 33.59 -29.45
N LYS C 53 15.48 34.61 -30.07
CA LYS C 53 15.04 35.06 -31.38
C LYS C 53 15.21 33.93 -32.39
N ASP C 54 16.33 33.20 -32.28
CA ASP C 54 16.61 32.09 -33.16
C ASP C 54 15.82 30.84 -32.81
N ALA C 55 14.79 30.97 -31.97
CA ALA C 55 13.96 29.84 -31.55
C ALA C 55 12.51 30.29 -31.52
N PRO C 56 11.85 30.31 -32.68
CA PRO C 56 10.43 30.70 -32.71
C PRO C 56 9.54 29.77 -31.89
N ASP C 57 9.91 28.50 -31.78
CA ASP C 57 9.07 27.53 -31.08
C ASP C 57 9.19 27.60 -29.57
N VAL C 58 10.16 28.33 -29.04
CA VAL C 58 10.30 28.53 -27.60
C VAL C 58 9.78 29.92 -27.28
N LYS C 59 8.65 29.97 -26.57
CA LYS C 59 7.99 31.23 -26.26
C LYS C 59 8.63 31.89 -25.04
N VAL C 60 8.41 33.20 -24.93
CA VAL C 60 8.85 33.97 -23.77
C VAL C 60 7.62 34.21 -22.91
N CYS C 61 7.57 33.57 -21.75
CA CYS C 61 6.45 33.69 -20.83
C CYS C 61 6.90 34.48 -19.60
N THR C 62 6.00 35.29 -19.06
CA THR C 62 6.26 36.02 -17.82
C THR C 62 5.03 35.96 -16.94
N VAL C 63 5.15 36.53 -15.75
CA VAL C 63 4.13 36.41 -14.72
C VAL C 63 3.61 37.80 -14.36
N ILE C 64 2.32 37.87 -14.05
CA ILE C 64 1.57 39.11 -13.92
C ILE C 64 0.90 39.14 -12.55
N GLY C 65 1.15 40.21 -11.80
CA GLY C 65 0.61 40.35 -10.46
C GLY C 65 0.96 39.18 -9.57
N PHE C 66 2.14 38.61 -9.78
CA PHE C 66 2.74 37.39 -9.29
C PHE C 66 3.63 37.65 -8.08
N PRO C 67 3.60 36.80 -7.05
CA PRO C 67 2.73 35.62 -6.94
C PRO C 67 1.51 35.81 -6.04
N LEU C 68 1.26 37.03 -5.56
CA LEU C 68 0.18 37.26 -4.62
C LEU C 68 -1.16 37.53 -5.29
N GLY C 69 -1.18 38.11 -6.48
CA GLY C 69 -2.42 38.37 -7.19
C GLY C 69 -3.33 39.37 -6.52
N ALA C 70 -2.81 40.21 -5.62
CA ALA C 70 -3.64 41.14 -4.86
C ALA C 70 -3.34 42.59 -5.21
N THR C 71 -3.06 42.86 -6.49
CA THR C 71 -3.01 44.22 -7.00
C THR C 71 -4.27 44.49 -7.82
N THR C 72 -4.35 45.68 -8.41
CA THR C 72 -5.59 46.08 -9.07
C THR C 72 -5.62 45.61 -10.51
N PRO C 73 -6.82 45.46 -11.09
CA PRO C 73 -6.89 45.04 -12.50
C PRO C 73 -6.17 45.97 -13.45
N GLU C 74 -6.24 47.27 -13.21
CA GLU C 74 -5.57 48.22 -14.10
C GLU C 74 -4.06 48.07 -14.05
N VAL C 75 -3.51 47.65 -12.90
CA VAL C 75 -2.07 47.40 -12.83
C VAL C 75 -1.72 46.11 -13.56
N LYS C 76 -2.53 45.06 -13.39
CA LYS C 76 -2.29 43.81 -14.10
C LYS C 76 -2.36 44.01 -15.61
N ALA C 77 -3.30 44.85 -16.07
CA ALA C 77 -3.37 45.15 -17.49
C ALA C 77 -2.15 45.91 -17.97
N PHE C 78 -1.70 46.90 -17.20
CA PHE C 78 -0.50 47.64 -17.58
C PHE C 78 0.71 46.73 -17.64
N GLU C 79 0.88 45.87 -16.63
CA GLU C 79 2.02 44.95 -16.61
C GLU C 79 1.97 44.01 -17.81
N THR C 80 0.77 43.57 -18.20
CA THR C 80 0.63 42.70 -19.35
C THR C 80 1.04 43.42 -20.64
N THR C 81 0.46 44.60 -20.89
CA THR C 81 0.86 45.39 -22.05
C THR C 81 2.35 45.68 -22.04
N ASN C 82 2.92 46.02 -20.88
CA ASN C 82 4.35 46.26 -20.82
C ASN C 82 5.15 45.02 -21.20
N ALA C 83 4.73 43.85 -20.68
CA ALA C 83 5.45 42.61 -20.96
C ALA C 83 5.36 42.25 -22.44
N ILE C 84 4.20 42.46 -23.06
CA ILE C 84 4.05 42.18 -24.49
C ILE C 84 4.95 43.08 -25.31
N GLU C 85 5.05 44.35 -24.92
CA GLU C 85 5.96 45.26 -25.61
C GLU C 85 7.41 44.79 -25.50
N ASN C 86 7.77 44.18 -24.36
CA ASN C 86 9.14 43.73 -24.14
C ASN C 86 9.46 42.39 -24.79
N GLY C 87 8.46 41.70 -25.34
CA GLY C 87 8.74 40.48 -26.08
C GLY C 87 8.04 39.23 -25.60
N ALA C 88 7.17 39.35 -24.60
CA ALA C 88 6.45 38.18 -24.10
C ALA C 88 5.30 37.82 -25.02
N THR C 89 5.12 36.51 -25.22
CA THR C 89 3.98 35.98 -25.98
C THR C 89 3.11 35.06 -25.13
N GLU C 90 3.40 34.94 -23.83
CA GLU C 90 2.54 34.24 -22.89
C GLU C 90 2.64 34.96 -21.55
N VAL C 91 1.51 35.09 -20.86
CA VAL C 91 1.45 35.72 -19.55
C VAL C 91 0.66 34.83 -18.60
N ASP C 92 1.19 34.61 -17.40
CA ASP C 92 0.51 33.89 -16.33
C ASP C 92 0.15 34.88 -15.24
N MET C 93 -1.14 35.08 -15.02
CA MET C 93 -1.61 35.99 -13.98
C MET C 93 -2.17 35.19 -12.81
N VAL C 94 -2.15 35.82 -11.63
CA VAL C 94 -2.69 35.25 -10.41
C VAL C 94 -4.05 35.91 -10.15
N ILE C 95 -5.03 35.09 -9.75
CA ILE C 95 -6.36 35.64 -9.47
C ILE C 95 -6.33 36.42 -8.16
N ASN C 96 -7.31 37.32 -8.01
CA ASN C 96 -7.56 37.96 -6.73
C ASN C 96 -8.14 36.93 -5.77
N ILE C 97 -7.27 36.26 -5.01
CA ILE C 97 -7.71 35.16 -4.15
C ILE C 97 -8.69 35.66 -3.10
N GLY C 98 -8.42 36.83 -2.52
CA GLY C 98 -9.32 37.36 -1.50
C GLY C 98 -10.71 37.63 -2.04
N ALA C 99 -10.78 38.20 -3.25
CA ALA C 99 -12.07 38.46 -3.89
C ALA C 99 -12.83 37.16 -4.16
N LEU C 100 -12.11 36.11 -4.60
CA LEU C 100 -12.76 34.83 -4.85
C LEU C 100 -13.34 34.25 -3.56
N LYS C 101 -12.61 34.37 -2.46
CA LYS C 101 -13.10 33.86 -1.18
C LYS C 101 -14.27 34.66 -0.67
N ASP C 102 -14.31 35.97 -0.95
CA ASP C 102 -15.45 36.80 -0.60
C ASP C 102 -16.61 36.67 -1.59
N LYS C 103 -16.51 35.78 -2.56
CA LYS C 103 -17.55 35.57 -3.57
C LYS C 103 -17.81 36.83 -4.39
N GLN C 104 -16.78 37.67 -4.54
CA GLN C 104 -16.84 38.84 -5.41
C GLN C 104 -16.49 38.40 -6.83
N TYR C 105 -17.44 37.69 -7.44
CA TYR C 105 -17.17 37.00 -8.69
C TYR C 105 -16.95 37.97 -9.84
N GLU C 106 -17.70 39.06 -9.85
CA GLU C 106 -17.57 40.08 -10.89
C GLU C 106 -16.16 40.65 -10.89
N LEU C 107 -15.65 40.94 -9.70
CA LEU C 107 -14.30 41.49 -9.57
C LEU C 107 -13.26 40.49 -10.08
N VAL C 108 -13.36 39.24 -9.63
CA VAL C 108 -12.45 38.20 -10.10
C VAL C 108 -12.49 38.10 -11.61
N GLY C 109 -13.70 38.11 -12.19
CA GLY C 109 -13.82 38.07 -13.64
C GLY C 109 -13.24 39.31 -14.31
N ARG C 110 -13.61 40.50 -13.82
CA ARG C 110 -13.07 41.74 -14.37
C ARG C 110 -11.56 41.78 -14.27
N ASP C 111 -11.00 41.20 -13.21
CA ASP C 111 -9.55 41.15 -13.04
C ASP C 111 -8.90 40.31 -14.13
N ILE C 112 -9.45 39.12 -14.40
CA ILE C 112 -8.90 38.26 -15.44
C ILE C 112 -9.07 38.92 -16.81
N GLN C 113 -10.26 39.48 -17.04
CA GLN C 113 -10.57 40.13 -18.31
C GLN C 113 -9.57 41.22 -18.68
N ALA C 114 -9.17 42.03 -17.71
CA ALA C 114 -8.24 43.11 -17.96
C ALA C 114 -6.94 42.58 -18.55
N VAL C 115 -6.47 41.44 -18.06
CA VAL C 115 -5.30 40.79 -18.62
C VAL C 115 -5.60 40.24 -20.01
N VAL C 116 -6.72 39.51 -20.15
CA VAL C 116 -7.08 38.92 -21.44
C VAL C 116 -7.22 40.01 -22.50
N LYS C 117 -7.89 41.11 -22.16
CA LYS C 117 -8.03 42.21 -23.11
C LYS C 117 -6.69 42.80 -23.51
N ALA C 118 -5.78 42.98 -22.55
CA ALA C 118 -4.46 43.52 -22.87
C ALA C 118 -3.65 42.54 -23.71
N ALA C 119 -3.84 41.24 -23.50
CA ALA C 119 -3.15 40.21 -24.25
C ALA C 119 -3.82 39.84 -25.56
N GLU C 120 -4.96 40.46 -25.89
CA GLU C 120 -5.79 40.03 -27.00
C GLU C 120 -5.01 40.04 -28.32
N GLY C 121 -4.85 38.86 -28.92
CA GLY C 121 -4.19 38.74 -30.21
C GLY C 121 -2.69 38.83 -30.18
N LYS C 122 -2.06 38.82 -29.00
CA LYS C 122 -0.63 39.00 -28.90
C LYS C 122 0.01 37.95 -28.01
N ALA C 123 -0.69 37.51 -26.96
CA ALA C 123 -0.13 36.58 -26.01
C ALA C 123 -1.21 35.66 -25.47
N LEU C 124 -0.83 34.44 -25.14
CA LEU C 124 -1.69 33.55 -24.39
C LEU C 124 -1.82 34.03 -22.95
N THR C 125 -2.98 33.76 -22.34
CA THR C 125 -3.25 34.13 -20.96
C THR C 125 -3.46 32.86 -20.15
N LYS C 126 -2.62 32.66 -19.14
CA LYS C 126 -2.74 31.55 -18.20
C LYS C 126 -3.19 32.09 -16.86
N VAL C 127 -4.24 31.51 -16.31
CA VAL C 127 -4.84 31.97 -15.06
C VAL C 127 -4.42 31.04 -13.94
N ILE C 128 -3.57 31.53 -13.04
CA ILE C 128 -3.17 30.77 -11.85
C ILE C 128 -4.25 30.93 -10.79
N ILE C 129 -4.82 29.81 -10.35
CA ILE C 129 -5.90 29.86 -9.36
C ILE C 129 -5.41 29.57 -7.95
N GLU C 130 -4.16 29.12 -7.79
CA GLU C 130 -3.56 28.85 -6.48
C GLU C 130 -4.42 27.89 -5.67
N THR C 131 -4.37 26.63 -6.12
CA THR C 131 -5.23 25.59 -5.58
C THR C 131 -5.04 25.39 -4.08
N SER C 132 -3.83 25.64 -3.57
CA SER C 132 -3.55 25.38 -2.16
C SER C 132 -4.32 26.30 -1.22
N LEU C 133 -4.88 27.39 -1.73
CA LEU C 133 -5.64 28.34 -0.92
C LEU C 133 -7.14 28.28 -1.17
N LEU C 134 -7.62 27.32 -1.95
CA LEU C 134 -9.01 27.30 -2.42
C LEU C 134 -9.73 26.04 -1.94
N THR C 135 -11.01 26.21 -1.62
CA THR C 135 -11.89 25.07 -1.43
C THR C 135 -12.19 24.41 -2.77
N GLU C 136 -12.97 23.33 -2.73
CA GLU C 136 -13.36 22.65 -3.98
C GLU C 136 -14.28 23.53 -4.81
N GLU C 137 -15.30 24.12 -4.18
CA GLU C 137 -16.20 25.03 -4.90
C GLU C 137 -15.43 26.22 -5.50
N GLU C 138 -14.47 26.77 -4.75
CA GLU C 138 -13.73 27.91 -5.27
C GLU C 138 -12.83 27.52 -6.43
N LYS C 139 -12.27 26.30 -6.41
CA LYS C 139 -11.45 25.85 -7.53
C LYS C 139 -12.28 25.81 -8.82
N LYS C 140 -13.48 25.25 -8.76
CA LYS C 140 -14.33 25.20 -9.95
C LYS C 140 -14.80 26.59 -10.34
N ALA C 141 -15.14 27.42 -9.36
CA ALA C 141 -15.61 28.78 -9.67
C ALA C 141 -14.52 29.58 -10.37
N ALA C 142 -13.27 29.46 -9.93
CA ALA C 142 -12.19 30.19 -10.58
C ALA C 142 -12.01 29.75 -12.03
N CYS C 143 -12.08 28.44 -12.28
CA CYS C 143 -11.93 27.93 -13.64
C CYS C 143 -13.07 28.42 -14.53
N GLU C 144 -14.29 28.46 -14.00
CA GLU C 144 -15.42 28.95 -14.78
C GLU C 144 -15.27 30.43 -15.10
N LEU C 145 -14.75 31.21 -14.15
CA LEU C 145 -14.50 32.62 -14.41
C LEU C 145 -13.40 32.81 -15.45
N ALA C 146 -12.42 31.91 -15.47
CA ALA C 146 -11.37 31.99 -16.50
C ALA C 146 -11.94 31.72 -17.88
N VAL C 147 -12.86 30.75 -17.99
CA VAL C 147 -13.49 30.47 -19.28
C VAL C 147 -14.30 31.68 -19.74
N LYS C 148 -15.13 32.22 -18.84
CA LYS C 148 -15.97 33.36 -19.20
C LYS C 148 -15.14 34.58 -19.59
N ALA C 149 -13.98 34.77 -18.96
CA ALA C 149 -13.18 35.95 -19.24
C ALA C 149 -12.38 35.84 -20.53
N GLY C 150 -12.24 34.65 -21.10
CA GLY C 150 -11.48 34.46 -22.31
C GLY C 150 -10.04 34.03 -22.12
N ALA C 151 -9.70 33.43 -20.98
CA ALA C 151 -8.35 32.94 -20.77
C ALA C 151 -8.08 31.72 -21.65
N ASP C 152 -6.80 31.40 -21.79
CA ASP C 152 -6.37 30.26 -22.60
C ASP C 152 -5.97 29.04 -21.77
N PHE C 153 -5.63 29.23 -20.50
CA PHE C 153 -5.13 28.15 -19.66
C PHE C 153 -5.63 28.36 -18.23
N VAL C 154 -5.76 27.26 -17.50
CA VAL C 154 -5.92 27.29 -16.06
C VAL C 154 -4.72 26.60 -15.44
N LYS C 155 -4.16 27.19 -14.38
CA LYS C 155 -2.88 26.80 -13.82
C LYS C 155 -3.03 26.57 -12.32
N THR C 156 -2.34 25.55 -11.82
CA THR C 156 -2.55 25.13 -10.44
C THR C 156 -1.99 26.14 -9.44
N SER C 157 -0.69 26.43 -9.51
CA SER C 157 -0.01 27.08 -8.41
C SER C 157 1.05 28.05 -8.90
N THR C 158 1.45 28.98 -8.01
CA THR C 158 2.55 29.89 -8.27
C THR C 158 3.91 29.30 -7.94
N GLY C 159 3.96 28.25 -7.13
CA GLY C 159 5.20 27.77 -6.59
C GLY C 159 5.69 28.53 -5.38
N PHE C 160 4.91 29.48 -4.86
CA PHE C 160 5.29 30.24 -3.67
C PHE C 160 4.21 30.17 -2.58
N SER C 161 3.24 29.27 -2.72
CA SER C 161 2.22 29.04 -1.71
C SER C 161 2.50 27.73 -0.99
N GLY C 162 1.54 27.29 -0.18
CA GLY C 162 1.70 26.11 0.65
C GLY C 162 1.42 24.79 -0.03
N GLY C 163 1.31 24.76 -1.35
CA GLY C 163 1.02 23.51 -2.03
C GLY C 163 1.27 23.63 -3.52
N GLY C 164 1.10 22.51 -4.21
CA GLY C 164 1.31 22.46 -5.64
C GLY C 164 0.25 21.64 -6.37
N ALA C 165 0.54 21.23 -7.59
CA ALA C 165 -0.42 20.52 -8.41
C ALA C 165 -0.68 19.12 -7.86
N THR C 166 -1.93 18.67 -7.95
CA THR C 166 -2.31 17.31 -7.62
C THR C 166 -3.14 16.71 -8.75
N ALA C 167 -3.12 15.39 -8.86
CA ALA C 167 -3.87 14.72 -9.92
C ALA C 167 -5.36 15.01 -9.82
N GLU C 168 -5.90 15.07 -8.60
CA GLU C 168 -7.32 15.37 -8.42
C GLU C 168 -7.63 16.80 -8.86
N ASP C 169 -6.77 17.76 -8.49
CA ASP C 169 -6.99 19.14 -8.91
C ASP C 169 -6.93 19.29 -10.42
N ILE C 170 -5.98 18.60 -11.06
CA ILE C 170 -5.88 18.64 -12.52
C ILE C 170 -7.16 18.11 -13.16
N ALA C 171 -7.67 17.00 -12.66
CA ALA C 171 -8.90 16.43 -13.21
C ALA C 171 -10.09 17.35 -12.98
N LEU C 172 -10.12 18.04 -11.84
CA LEU C 172 -11.20 18.99 -11.56
C LEU C 172 -11.19 20.13 -12.58
N MET C 173 -10.04 20.79 -12.75
CA MET C 173 -9.96 21.89 -13.71
C MET C 173 -10.23 21.40 -15.13
N ARG C 174 -9.74 20.22 -15.48
CA ARG C 174 -10.00 19.67 -16.81
C ARG C 174 -11.50 19.43 -17.02
N LYS C 175 -12.17 18.88 -16.02
CA LYS C 175 -13.60 18.65 -16.14
C LYS C 175 -14.36 19.96 -16.35
N VAL C 176 -13.89 21.04 -15.71
CA VAL C 176 -14.59 22.32 -15.82
C VAL C 176 -14.38 22.93 -17.20
N VAL C 177 -13.14 23.07 -17.64
CA VAL C 177 -12.87 23.77 -18.89
C VAL C 177 -13.10 22.88 -20.10
N GLY C 178 -13.10 21.57 -19.93
CA GLY C 178 -13.25 20.66 -21.04
C GLY C 178 -12.08 20.75 -22.00
N PRO C 179 -12.37 20.68 -23.30
CA PRO C 179 -11.28 20.80 -24.30
C PRO C 179 -10.93 22.25 -24.65
N ASN C 180 -11.69 23.23 -24.16
CA ASN C 180 -11.59 24.58 -24.70
C ASN C 180 -10.40 25.35 -24.16
N LEU C 181 -10.02 25.12 -22.91
CA LEU C 181 -8.85 25.74 -22.31
C LEU C 181 -7.84 24.67 -21.93
N GLY C 182 -6.56 25.04 -22.00
CA GLY C 182 -5.52 24.15 -21.53
C GLY C 182 -5.43 24.14 -20.02
N VAL C 183 -4.76 23.11 -19.50
CA VAL C 183 -4.60 22.90 -18.06
C VAL C 183 -3.11 22.75 -17.78
N LEU C 184 -2.57 23.61 -16.92
CA LEU C 184 -1.15 23.65 -16.63
C LEU C 184 -0.89 23.15 -15.21
N ALA C 185 -0.07 22.11 -15.09
CA ALA C 185 0.31 21.57 -13.79
C ALA C 185 1.64 22.18 -13.37
N SER C 186 1.63 22.91 -12.25
CA SER C 186 2.82 23.57 -11.75
C SER C 186 2.88 23.45 -10.24
N GLY C 187 4.07 23.66 -9.69
CA GLY C 187 4.27 23.55 -8.26
C GLY C 187 4.53 22.13 -7.80
N GLY C 188 5.76 21.85 -7.38
CA GLY C 188 6.10 20.54 -6.86
C GLY C 188 6.28 19.45 -7.90
N VAL C 189 6.29 19.78 -9.18
CA VAL C 189 6.45 18.78 -10.24
C VAL C 189 7.95 18.61 -10.45
N ARG C 190 8.53 17.61 -9.79
CA ARG C 190 9.98 17.48 -9.68
C ARG C 190 10.57 16.40 -10.57
N ASP C 191 9.88 15.27 -10.76
CA ASP C 191 10.42 14.17 -11.53
C ASP C 191 9.43 13.74 -12.61
N LEU C 192 9.87 12.82 -13.47
CA LEU C 192 9.02 12.36 -14.56
C LEU C 192 7.82 11.58 -14.05
N SER C 193 7.96 10.91 -12.90
CA SER C 193 6.83 10.23 -12.27
C SER C 193 5.69 11.22 -12.00
N ASP C 194 6.01 12.38 -11.42
CA ASP C 194 5.00 13.39 -11.16
C ASP C 194 4.47 13.98 -12.46
N ALA C 195 5.34 14.21 -13.44
CA ALA C 195 4.93 14.85 -14.69
C ALA C 195 3.93 14.00 -15.44
N LYS C 196 4.24 12.72 -15.63
CA LYS C 196 3.33 11.83 -16.36
C LYS C 196 2.01 11.66 -15.63
N ALA C 197 2.03 11.66 -14.29
CA ALA C 197 0.79 11.55 -13.54
C ALA C 197 -0.10 12.77 -13.77
N MET C 198 0.50 13.96 -13.88
CA MET C 198 -0.27 15.16 -14.18
C MET C 198 -0.85 15.12 -15.59
N ILE C 199 -0.08 14.63 -16.55
CA ILE C 199 -0.56 14.52 -17.93
C ILE C 199 -1.72 13.53 -18.00
N ASP C 200 -1.62 12.42 -17.27
CA ASP C 200 -2.70 11.44 -17.25
C ASP C 200 -3.97 11.98 -16.60
N ALA C 201 -3.84 13.02 -15.77
CA ALA C 201 -5.00 13.63 -15.12
C ALA C 201 -5.66 14.70 -15.97
N GLY C 202 -5.06 15.09 -17.10
CA GLY C 202 -5.65 16.06 -18.00
C GLY C 202 -4.78 17.28 -18.31
N ALA C 203 -3.60 17.42 -17.70
CA ALA C 203 -2.78 18.60 -17.94
C ALA C 203 -2.15 18.55 -19.32
N THR C 204 -2.21 19.66 -20.05
CA THR C 204 -1.61 19.76 -21.38
C THR C 204 -0.33 20.59 -21.38
N ARG C 205 0.04 21.17 -20.24
CA ARG C 205 1.35 21.78 -20.11
C ARG C 205 1.79 21.68 -18.67
N ILE C 206 3.10 21.66 -18.46
CA ILE C 206 3.68 21.52 -17.13
C ILE C 206 4.66 22.66 -16.91
N GLY C 207 4.54 23.33 -15.77
CA GLY C 207 5.50 24.34 -15.36
C GLY C 207 6.38 23.78 -14.26
N ALA C 208 7.69 23.93 -14.46
CA ALA C 208 8.64 23.35 -13.51
C ALA C 208 9.99 24.02 -13.69
N SER C 209 10.82 23.89 -12.65
CA SER C 209 12.21 24.32 -12.72
C SER C 209 13.16 23.18 -13.04
N ALA C 210 12.76 21.94 -12.76
CA ALA C 210 13.58 20.75 -13.02
C ALA C 210 13.28 20.13 -14.37
N GLY C 211 13.06 20.94 -15.40
CA GLY C 211 12.68 20.39 -16.70
C GLY C 211 13.76 19.51 -17.31
N VAL C 212 15.03 19.89 -17.12
CA VAL C 212 16.12 19.12 -17.70
C VAL C 212 16.18 17.73 -17.07
N ALA C 213 16.08 17.65 -15.75
CA ALA C 213 16.13 16.36 -15.07
C ALA C 213 14.95 15.48 -15.46
N ILE C 214 13.78 16.08 -15.72
CA ILE C 214 12.62 15.28 -16.08
C ILE C 214 12.78 14.72 -17.49
N VAL C 215 13.26 15.54 -18.42
CA VAL C 215 13.45 15.08 -19.79
C VAL C 215 14.62 14.10 -19.88
N ASN C 216 15.68 14.35 -19.10
CA ASN C 216 16.80 13.42 -19.08
C ASN C 216 16.44 12.06 -18.49
N GLY C 217 15.31 11.98 -17.78
CA GLY C 217 14.80 10.69 -17.34
C GLY C 217 14.20 9.86 -18.47
N GLU C 218 13.81 10.50 -19.56
CA GLU C 218 13.27 9.78 -20.72
C GLU C 218 14.36 8.89 -21.32
N ARG C 219 14.03 7.61 -21.50
CA ARG C 219 14.96 6.66 -22.11
C ARG C 219 14.28 5.85 -23.20
N SER D 4 4.59 15.35 -37.99
CA SER D 4 3.55 14.60 -38.68
C SER D 4 2.35 15.47 -39.00
N ILE D 5 2.22 15.85 -40.27
CA ILE D 5 1.13 16.71 -40.70
C ILE D 5 -0.23 16.04 -40.58
N ALA D 6 -0.27 14.71 -40.41
CA ALA D 6 -1.54 14.01 -40.27
C ALA D 6 -2.30 14.46 -39.03
N GLN D 7 -1.59 14.84 -37.97
CA GLN D 7 -2.23 15.23 -36.73
C GLN D 7 -2.93 16.59 -36.82
N MET D 8 -2.78 17.29 -37.93
CA MET D 8 -3.42 18.59 -38.14
C MET D 8 -4.55 18.53 -39.16
N ILE D 9 -4.90 17.35 -39.65
CA ILE D 9 -5.85 17.21 -40.75
C ILE D 9 -7.20 16.74 -40.21
N ASP D 10 -8.26 17.44 -40.60
CA ASP D 10 -9.62 16.99 -40.38
C ASP D 10 -10.08 16.20 -41.61
N HIS D 11 -10.19 14.88 -41.48
CA HIS D 11 -10.63 13.99 -42.55
C HIS D 11 -12.11 14.23 -42.81
N THR D 12 -12.43 14.98 -43.86
CA THR D 12 -13.78 15.53 -44.06
C THR D 12 -14.50 14.83 -45.21
N LEU D 13 -15.80 14.56 -44.99
CA LEU D 13 -16.67 14.01 -46.05
C LEU D 13 -18.10 14.46 -45.71
N LEU D 14 -18.60 15.46 -46.44
CA LEU D 14 -19.86 16.12 -46.11
C LEU D 14 -20.84 16.09 -47.28
N LYS D 15 -20.63 15.23 -48.26
CA LYS D 15 -21.50 15.18 -49.44
C LYS D 15 -22.90 14.74 -49.03
N PRO D 16 -23.95 15.33 -49.62
CA PRO D 16 -25.32 14.97 -49.23
C PRO D 16 -25.67 13.50 -49.45
N ASN D 17 -25.06 12.84 -50.43
CA ASN D 17 -25.37 11.46 -50.74
C ASN D 17 -24.37 10.47 -50.13
N THR D 18 -23.62 10.91 -49.12
CA THR D 18 -22.67 10.03 -48.46
C THR D 18 -23.39 8.89 -47.76
N THR D 19 -22.87 7.68 -47.91
CA THR D 19 -23.48 6.46 -47.40
C THR D 19 -22.66 5.89 -46.24
N GLU D 20 -23.24 4.87 -45.58
CA GLU D 20 -22.64 4.34 -44.37
C GLU D 20 -21.27 3.73 -44.64
N ASP D 21 -21.12 3.01 -45.75
CA ASP D 21 -19.83 2.39 -46.06
C ASP D 21 -18.74 3.44 -46.26
N GLN D 22 -19.10 4.63 -46.73
CA GLN D 22 -18.12 5.68 -46.90
C GLN D 22 -17.67 6.29 -45.58
N ILE D 23 -18.57 6.32 -44.58
CA ILE D 23 -18.18 6.79 -43.25
C ILE D 23 -17.27 5.76 -42.59
N VAL D 24 -17.57 4.47 -42.78
CA VAL D 24 -16.70 3.41 -42.27
C VAL D 24 -15.31 3.53 -42.86
N LYS D 25 -15.22 3.75 -44.17
CA LYS D 25 -13.93 3.95 -44.81
C LYS D 25 -13.24 5.22 -44.30
N LEU D 26 -14.02 6.27 -44.04
CA LEU D 26 -13.44 7.52 -43.54
C LEU D 26 -12.83 7.33 -42.16
N CYS D 27 -13.54 6.64 -41.27
CA CYS D 27 -13.06 6.51 -39.89
C CYS D 27 -11.84 5.60 -39.80
N GLU D 28 -11.85 4.50 -40.54
CA GLU D 28 -10.70 3.59 -40.51
C GLU D 28 -9.46 4.23 -41.12
N GLU D 29 -9.64 5.07 -42.15
CA GLU D 29 -8.51 5.82 -42.68
C GLU D 29 -7.95 6.78 -41.64
N ALA D 30 -8.82 7.41 -40.86
CA ALA D 30 -8.36 8.36 -39.85
C ALA D 30 -7.68 7.66 -38.69
N LYS D 31 -8.24 6.53 -38.24
CA LYS D 31 -7.59 5.77 -37.18
C LYS D 31 -6.27 5.14 -37.65
N GLU D 32 -6.10 4.97 -38.96
CA GLU D 32 -4.86 4.42 -39.49
C GLU D 32 -3.78 5.49 -39.60
N TYR D 33 -4.13 6.66 -40.13
CA TYR D 33 -3.20 7.76 -40.28
C TYR D 33 -3.18 8.69 -39.07
N SER D 34 -3.96 8.40 -38.03
CA SER D 34 -4.05 9.22 -36.83
C SER D 34 -4.34 10.68 -37.19
N PHE D 35 -5.39 10.88 -37.98
CA PHE D 35 -5.83 12.23 -38.31
C PHE D 35 -6.35 12.93 -37.06
N ALA D 36 -6.39 14.27 -37.12
CA ALA D 36 -6.90 15.05 -36.00
C ALA D 36 -8.36 14.71 -35.72
N SER D 37 -9.16 14.56 -36.76
CA SER D 37 -10.58 14.27 -36.59
C SER D 37 -11.17 13.83 -37.93
N VAL D 38 -12.38 13.29 -37.86
CA VAL D 38 -13.25 13.13 -39.02
C VAL D 38 -14.34 14.16 -38.91
N CYS D 39 -14.71 14.76 -40.03
CA CYS D 39 -15.77 15.76 -40.09
C CYS D 39 -16.90 15.18 -40.93
N VAL D 40 -18.03 14.86 -40.26
CA VAL D 40 -19.18 14.25 -40.91
C VAL D 40 -20.43 15.05 -40.54
N ASN D 41 -21.46 14.89 -41.36
CA ASN D 41 -22.72 15.53 -41.09
C ASN D 41 -23.38 14.91 -39.85
N PRO D 42 -24.27 15.65 -39.19
CA PRO D 42 -24.78 15.20 -37.88
C PRO D 42 -25.44 13.83 -37.88
N THR D 43 -25.97 13.37 -39.02
CA THR D 43 -26.61 12.06 -39.04
C THR D 43 -25.61 10.94 -38.79
N TRP D 44 -24.32 11.18 -39.04
CA TRP D 44 -23.29 10.15 -38.93
C TRP D 44 -22.45 10.27 -37.66
N VAL D 45 -22.79 11.18 -36.75
CA VAL D 45 -21.95 11.42 -35.58
C VAL D 45 -21.94 10.19 -34.68
N ALA D 46 -23.12 9.63 -34.39
CA ALA D 46 -23.20 8.49 -33.49
C ALA D 46 -22.41 7.30 -34.02
N LEU D 47 -22.45 7.08 -35.34
CA LEU D 47 -21.71 5.96 -35.91
C LEU D 47 -20.21 6.20 -35.83
N ALA D 48 -19.76 7.40 -36.20
CA ALA D 48 -18.34 7.71 -36.17
C ALA D 48 -17.79 7.65 -34.75
N ALA D 49 -18.58 8.07 -33.76
CA ALA D 49 -18.13 8.01 -32.38
C ALA D 49 -17.94 6.57 -31.90
N GLN D 50 -18.76 5.65 -32.39
CA GLN D 50 -18.59 4.25 -32.00
C GLN D 50 -17.47 3.59 -32.78
N LEU D 51 -17.32 3.95 -34.06
CA LEU D 51 -16.25 3.37 -34.87
C LEU D 51 -14.87 3.79 -34.36
N LEU D 52 -14.78 4.96 -33.72
CA LEU D 52 -13.54 5.48 -33.17
C LEU D 52 -13.56 5.58 -31.65
N LYS D 53 -14.32 4.70 -31.00
CA LYS D 53 -14.34 4.66 -29.54
C LYS D 53 -12.97 4.28 -28.98
N ASP D 54 -12.27 3.38 -29.67
CA ASP D 54 -10.95 2.94 -29.24
C ASP D 54 -9.82 3.80 -29.79
N ALA D 55 -10.14 4.98 -30.32
CA ALA D 55 -9.14 5.93 -30.81
C ALA D 55 -9.48 7.32 -30.27
N PRO D 56 -9.19 7.56 -28.98
CA PRO D 56 -9.50 8.88 -28.41
C PRO D 56 -8.71 10.02 -29.02
N ASP D 57 -7.57 9.74 -29.66
CA ASP D 57 -6.80 10.79 -30.33
C ASP D 57 -7.52 11.35 -31.54
N VAL D 58 -8.46 10.61 -32.12
CA VAL D 58 -9.20 11.03 -33.31
C VAL D 58 -10.58 11.47 -32.84
N LYS D 59 -10.85 12.76 -32.94
CA LYS D 59 -12.13 13.30 -32.48
C LYS D 59 -13.18 13.18 -33.58
N VAL D 60 -14.44 13.27 -33.16
CA VAL D 60 -15.58 13.29 -34.09
C VAL D 60 -16.01 14.73 -34.24
N CYS D 61 -15.87 15.26 -35.45
CA CYS D 61 -16.26 16.63 -35.76
C CYS D 61 -17.53 16.62 -36.62
N THR D 62 -18.43 17.54 -36.34
CA THR D 62 -19.61 17.72 -37.17
C THR D 62 -19.81 19.21 -37.45
N VAL D 63 -20.81 19.50 -38.27
CA VAL D 63 -21.05 20.84 -38.79
C VAL D 63 -22.40 21.32 -38.30
N ILE D 64 -22.50 22.63 -38.04
CA ILE D 64 -23.64 23.23 -37.35
C ILE D 64 -24.20 24.34 -38.23
N GLY D 65 -25.52 24.32 -38.45
CA GLY D 65 -26.18 25.30 -39.30
C GLY D 65 -25.54 25.42 -40.65
N PHE D 66 -25.04 24.31 -41.17
CA PHE D 66 -24.16 24.08 -42.30
C PHE D 66 -24.94 23.70 -43.55
N PRO D 67 -24.56 24.19 -44.74
CA PRO D 67 -23.44 25.11 -44.97
C PRO D 67 -23.85 26.58 -45.17
N LEU D 68 -25.14 26.90 -45.02
CA LEU D 68 -25.59 28.25 -45.35
C LEU D 68 -25.52 29.23 -44.18
N GLY D 69 -25.55 28.73 -42.94
CA GLY D 69 -25.46 29.61 -41.78
C GLY D 69 -26.65 30.51 -41.55
N ALA D 70 -27.75 30.30 -42.28
CA ALA D 70 -28.89 31.21 -42.25
C ALA D 70 -30.08 30.65 -41.48
N THR D 71 -29.82 29.89 -40.42
CA THR D 71 -30.85 29.47 -39.49
C THR D 71 -30.69 30.24 -38.17
N THR D 72 -31.62 30.05 -37.24
CA THR D 72 -31.67 30.87 -36.05
C THR D 72 -30.65 30.41 -35.00
N PRO D 73 -30.26 31.29 -34.09
CA PRO D 73 -29.33 30.87 -33.03
C PRO D 73 -29.86 29.76 -32.14
N GLU D 74 -31.17 29.74 -31.89
CA GLU D 74 -31.73 28.66 -31.08
C GLU D 74 -31.60 27.31 -31.77
N VAL D 75 -31.74 27.28 -33.09
CA VAL D 75 -31.58 26.01 -33.81
C VAL D 75 -30.13 25.57 -33.81
N LYS D 76 -29.20 26.50 -34.05
CA LYS D 76 -27.78 26.17 -34.00
C LYS D 76 -27.39 25.60 -32.63
N ALA D 77 -27.94 26.17 -31.56
CA ALA D 77 -27.64 25.67 -30.22
C ALA D 77 -28.22 24.28 -29.99
N PHE D 78 -29.46 24.05 -30.46
CA PHE D 78 -30.04 22.72 -30.32
C PHE D 78 -29.25 21.69 -31.10
N GLU D 79 -28.87 22.02 -32.33
CA GLU D 79 -28.08 21.09 -33.14
C GLU D 79 -26.74 20.80 -32.51
N THR D 80 -26.12 21.82 -31.89
CA THR D 80 -24.86 21.60 -31.19
C THR D 80 -25.05 20.65 -30.01
N THR D 81 -26.05 20.92 -29.17
CA THR D 81 -26.31 20.06 -28.02
C THR D 81 -26.64 18.64 -28.47
N ASN D 82 -27.44 18.52 -29.53
CA ASN D 82 -27.78 17.21 -30.08
C ASN D 82 -26.54 16.50 -30.61
N ALA D 83 -25.65 17.25 -31.27
CA ALA D 83 -24.43 16.66 -31.80
C ALA D 83 -23.52 16.15 -30.68
N ILE D 84 -23.41 16.91 -29.60
CA ILE D 84 -22.57 16.49 -28.48
C ILE D 84 -23.15 15.26 -27.79
N GLU D 85 -24.48 15.22 -27.63
CA GLU D 85 -25.12 14.04 -27.08
C GLU D 85 -24.86 12.79 -27.92
N ASN D 86 -24.76 12.96 -29.24
CA ASN D 86 -24.50 11.83 -30.12
C ASN D 86 -23.04 11.41 -30.16
N GLY D 87 -22.13 12.23 -29.64
CA GLY D 87 -20.74 11.82 -29.54
C GLY D 87 -19.75 12.76 -30.17
N ALA D 88 -20.20 13.91 -30.66
CA ALA D 88 -19.29 14.89 -31.22
C ALA D 88 -18.50 15.58 -30.12
N THR D 89 -17.22 15.85 -30.39
CA THR D 89 -16.39 16.64 -29.48
C THR D 89 -15.79 17.86 -30.18
N GLU D 90 -16.11 18.11 -31.44
CA GLU D 90 -15.78 19.34 -32.13
C GLU D 90 -16.95 19.69 -33.04
N VAL D 91 -17.34 20.97 -33.05
CA VAL D 91 -18.45 21.44 -33.88
C VAL D 91 -17.97 22.62 -34.71
N ASP D 92 -18.30 22.60 -36.00
CA ASP D 92 -17.99 23.69 -36.92
C ASP D 92 -19.29 24.36 -37.34
N MET D 93 -19.45 25.63 -36.98
CA MET D 93 -20.65 26.37 -37.29
C MET D 93 -20.37 27.42 -38.35
N VAL D 94 -21.41 27.77 -39.10
CA VAL D 94 -21.33 28.78 -40.15
C VAL D 94 -21.94 30.07 -39.62
N ILE D 95 -21.24 31.19 -39.83
CA ILE D 95 -21.76 32.48 -39.39
C ILE D 95 -23.03 32.84 -40.16
N ASN D 96 -23.82 33.73 -39.57
CA ASN D 96 -24.91 34.37 -40.29
C ASN D 96 -24.31 35.43 -41.20
N ILE D 97 -24.05 35.04 -42.45
CA ILE D 97 -23.35 35.91 -43.38
C ILE D 97 -24.17 37.16 -43.69
N GLY D 98 -25.48 36.98 -43.92
CA GLY D 98 -26.33 38.12 -44.21
C GLY D 98 -26.37 39.13 -43.07
N ALA D 99 -26.34 38.64 -41.83
CA ALA D 99 -26.29 39.55 -40.68
C ALA D 99 -24.98 40.30 -40.62
N LEU D 100 -23.88 39.63 -40.96
CA LEU D 100 -22.58 40.30 -40.98
C LEU D 100 -22.54 41.37 -42.06
N LYS D 101 -22.99 41.03 -43.28
CA LYS D 101 -23.03 42.02 -44.35
C LYS D 101 -23.99 43.16 -44.03
N ASP D 102 -24.94 42.98 -43.13
CA ASP D 102 -25.85 44.07 -42.79
C ASP D 102 -25.41 44.84 -41.55
N LYS D 103 -24.16 44.67 -41.18
CA LYS D 103 -23.59 45.27 -39.97
C LYS D 103 -24.29 44.90 -38.64
N GLN D 104 -25.11 43.85 -38.66
CA GLN D 104 -25.82 43.41 -37.45
C GLN D 104 -24.86 42.57 -36.59
N TYR D 105 -23.92 43.28 -35.96
CA TYR D 105 -22.83 42.60 -35.25
C TYR D 105 -23.31 41.92 -33.98
N GLU D 106 -24.32 42.47 -33.30
CA GLU D 106 -24.84 41.83 -32.10
CA GLU D 106 -24.84 41.83 -32.10
C GLU D 106 -25.44 40.46 -32.42
N LEU D 107 -26.16 40.36 -33.54
CA LEU D 107 -26.76 39.08 -33.93
C LEU D 107 -25.70 38.08 -34.34
N VAL D 108 -24.68 38.53 -35.09
CA VAL D 108 -23.59 37.63 -35.48
C VAL D 108 -22.92 37.06 -34.24
N GLY D 109 -22.61 37.92 -33.27
CA GLY D 109 -21.96 37.46 -32.06
C GLY D 109 -22.86 36.60 -31.20
N ARG D 110 -24.13 36.99 -31.05
CA ARG D 110 -25.07 36.17 -30.29
C ARG D 110 -25.25 34.81 -30.94
N ASP D 111 -25.20 34.76 -32.27
CA ASP D 111 -25.33 33.49 -32.99
C ASP D 111 -24.14 32.57 -32.68
N ILE D 112 -22.93 33.09 -32.80
CA ILE D 112 -21.75 32.32 -32.40
C ILE D 112 -21.83 31.95 -30.92
N GLN D 113 -22.24 32.91 -30.08
CA GLN D 113 -22.32 32.67 -28.64
C GLN D 113 -23.24 31.49 -28.32
N ALA D 114 -24.32 31.32 -29.09
CA ALA D 114 -25.25 30.23 -28.80
C ALA D 114 -24.57 28.87 -28.93
N VAL D 115 -23.70 28.72 -29.94
CA VAL D 115 -23.02 27.44 -30.11
C VAL D 115 -21.96 27.25 -29.03
N VAL D 116 -21.24 28.32 -28.69
CA VAL D 116 -20.19 28.20 -27.68
C VAL D 116 -20.76 27.75 -26.34
N LYS D 117 -21.87 28.33 -25.92
CA LYS D 117 -22.47 27.97 -24.65
C LYS D 117 -22.96 26.51 -24.66
N ALA D 118 -23.51 26.06 -25.78
CA ALA D 118 -23.93 24.66 -25.88
C ALA D 118 -22.72 23.73 -25.79
N ALA D 119 -21.60 24.12 -26.41
CA ALA D 119 -20.40 23.30 -26.44
C ALA D 119 -19.52 23.48 -25.21
N GLU D 120 -19.86 24.42 -24.32
CA GLU D 120 -19.01 24.83 -23.21
C GLU D 120 -18.52 23.65 -22.39
N GLY D 121 -17.21 23.41 -22.41
CA GLY D 121 -16.63 22.32 -21.65
C GLY D 121 -16.86 20.94 -22.20
N LYS D 122 -17.38 20.82 -23.42
CA LYS D 122 -17.66 19.50 -23.96
C LYS D 122 -17.10 19.35 -25.37
N ALA D 123 -16.98 20.45 -26.11
CA ALA D 123 -16.54 20.38 -27.49
C ALA D 123 -15.85 21.67 -27.90
N LEU D 124 -14.90 21.54 -28.83
CA LEU D 124 -14.32 22.71 -29.48
C LEU D 124 -15.30 23.29 -30.50
N THR D 125 -15.30 24.61 -30.62
CA THR D 125 -16.14 25.31 -31.58
C THR D 125 -15.24 25.93 -32.65
N LYS D 126 -15.50 25.59 -33.90
CA LYS D 126 -14.83 26.20 -35.04
C LYS D 126 -15.86 27.06 -35.79
N VAL D 127 -15.48 28.31 -36.09
CA VAL D 127 -16.38 29.28 -36.68
C VAL D 127 -15.98 29.46 -38.14
N ILE D 128 -16.80 28.93 -39.05
CA ILE D 128 -16.60 29.10 -40.48
C ILE D 128 -17.10 30.48 -40.87
N ILE D 129 -16.18 31.33 -41.37
CA ILE D 129 -16.58 32.68 -41.77
C ILE D 129 -16.89 32.79 -43.25
N GLU D 130 -16.60 31.74 -44.05
CA GLU D 130 -16.86 31.73 -45.49
C GLU D 130 -16.22 32.92 -46.18
N THR D 131 -14.90 32.84 -46.38
CA THR D 131 -14.13 33.98 -46.87
C THR D 131 -14.52 34.38 -48.29
N SER D 132 -15.08 33.46 -49.08
CA SER D 132 -15.38 33.77 -50.48
C SER D 132 -16.49 34.79 -50.63
N LEU D 133 -17.30 35.01 -49.59
CA LEU D 133 -18.41 35.96 -49.66
C LEU D 133 -18.15 37.22 -48.86
N LEU D 134 -16.94 37.39 -48.33
CA LEU D 134 -16.64 38.45 -47.38
C LEU D 134 -15.61 39.42 -47.93
N THR D 135 -15.82 40.71 -47.69
CA THR D 135 -14.78 41.68 -47.92
C THR D 135 -13.70 41.55 -46.85
N GLU D 136 -12.57 42.23 -47.07
CA GLU D 136 -11.45 42.13 -46.14
C GLU D 136 -11.85 42.56 -44.73
N GLU D 137 -12.60 43.65 -44.63
CA GLU D 137 -13.04 44.16 -43.33
C GLU D 137 -14.01 43.20 -42.67
N GLU D 138 -14.94 42.64 -43.44
CA GLU D 138 -15.87 41.65 -42.87
C GLU D 138 -15.13 40.40 -42.41
N LYS D 139 -14.07 40.01 -43.12
CA LYS D 139 -13.24 38.91 -42.64
C LYS D 139 -12.64 39.24 -41.28
N LYS D 140 -12.15 40.47 -41.11
CA LYS D 140 -11.60 40.88 -39.82
C LYS D 140 -12.67 40.91 -38.74
N ALA D 141 -13.83 41.49 -39.07
CA ALA D 141 -14.91 41.59 -38.08
C ALA D 141 -15.39 40.22 -37.65
N ALA D 142 -15.50 39.28 -38.60
CA ALA D 142 -15.96 37.94 -38.27
C ALA D 142 -15.03 37.27 -37.27
N CYS D 143 -13.72 37.39 -37.47
CA CYS D 143 -12.78 36.80 -36.51
C CYS D 143 -12.87 37.47 -35.15
N GLU D 144 -12.99 38.80 -35.13
CA GLU D 144 -13.11 39.52 -33.87
C GLU D 144 -14.38 39.12 -33.12
N LEU D 145 -15.48 38.91 -33.84
CA LEU D 145 -16.70 38.45 -33.18
C LEU D 145 -16.54 37.01 -32.68
N ALA D 146 -15.75 36.20 -33.37
CA ALA D 146 -15.48 34.85 -32.89
C ALA D 146 -14.67 34.88 -31.60
N VAL D 147 -13.68 35.76 -31.51
CA VAL D 147 -12.85 35.84 -30.32
C VAL D 147 -13.69 36.27 -29.11
N LYS D 148 -14.57 37.25 -29.32
CA LYS D 148 -15.36 37.81 -28.22
C LYS D 148 -16.45 36.84 -27.75
N ALA D 149 -16.95 36.00 -28.66
CA ALA D 149 -17.94 35.00 -28.29
C ALA D 149 -17.34 33.77 -27.60
N GLY D 150 -16.03 33.57 -27.72
CA GLY D 150 -15.37 32.47 -27.08
C GLY D 150 -15.17 31.23 -27.91
N ALA D 151 -15.12 31.35 -29.24
CA ALA D 151 -14.84 30.21 -30.10
C ALA D 151 -13.40 29.74 -29.91
N ASP D 152 -13.12 28.54 -30.42
CA ASP D 152 -11.78 27.98 -30.33
C ASP D 152 -11.00 28.04 -31.65
N PHE D 153 -11.67 28.22 -32.77
CA PHE D 153 -11.05 28.21 -34.09
C PHE D 153 -11.75 29.21 -35.00
N VAL D 154 -11.03 29.70 -35.99
CA VAL D 154 -11.62 30.37 -37.14
C VAL D 154 -11.29 29.54 -38.37
N LYS D 155 -12.29 29.36 -39.24
CA LYS D 155 -12.21 28.46 -40.38
C LYS D 155 -12.54 29.19 -41.66
N THR D 156 -11.79 28.90 -42.73
CA THR D 156 -11.96 29.64 -43.97
C THR D 156 -13.32 29.39 -44.60
N SER D 157 -13.59 28.15 -45.01
CA SER D 157 -14.66 27.91 -45.97
C SER D 157 -15.46 26.67 -45.58
N THR D 158 -16.69 26.61 -46.12
CA THR D 158 -17.56 25.47 -45.88
C THR D 158 -17.25 24.29 -46.79
N GLY D 159 -16.53 24.52 -47.89
CA GLY D 159 -16.43 23.52 -48.92
C GLY D 159 -17.57 23.51 -49.90
N PHE D 160 -18.56 24.39 -49.73
CA PHE D 160 -19.72 24.46 -50.62
C PHE D 160 -19.90 25.85 -51.21
N SER D 161 -18.83 26.65 -51.25
CA SER D 161 -18.86 27.98 -51.86
C SER D 161 -17.89 28.01 -53.03
N GLY D 162 -17.82 29.17 -53.68
CA GLY D 162 -17.01 29.32 -54.87
C GLY D 162 -15.52 29.47 -54.65
N GLY D 163 -15.09 29.70 -53.42
CA GLY D 163 -13.67 29.88 -53.13
C GLY D 163 -13.29 29.22 -51.83
N GLY D 164 -12.02 28.82 -51.75
CA GLY D 164 -11.50 28.18 -50.56
C GLY D 164 -10.41 28.97 -49.87
N ALA D 165 -9.55 28.28 -49.12
CA ALA D 165 -8.54 28.96 -48.32
C ALA D 165 -7.45 29.56 -49.21
N THR D 166 -7.02 30.77 -48.85
CA THR D 166 -5.87 31.41 -49.47
C THR D 166 -4.88 31.84 -48.40
N ALA D 167 -3.60 31.90 -48.78
CA ALA D 167 -2.56 32.25 -47.81
C ALA D 167 -2.81 33.63 -47.22
N GLU D 168 -3.22 34.60 -48.05
CA GLU D 168 -3.49 35.93 -47.53
C GLU D 168 -4.68 35.94 -46.58
N ASP D 169 -5.68 35.10 -46.84
CA ASP D 169 -6.80 34.99 -45.90
C ASP D 169 -6.36 34.38 -44.58
N ILE D 170 -5.53 33.33 -44.64
CA ILE D 170 -5.06 32.67 -43.42
C ILE D 170 -4.22 33.63 -42.59
N ALA D 171 -3.37 34.44 -43.25
CA ALA D 171 -2.54 35.38 -42.53
C ALA D 171 -3.38 36.49 -41.90
N LEU D 172 -4.41 36.97 -42.62
CA LEU D 172 -5.31 37.96 -42.06
C LEU D 172 -6.00 37.44 -40.80
N MET D 173 -6.49 36.20 -40.86
CA MET D 173 -7.19 35.65 -39.71
C MET D 173 -6.24 35.37 -38.54
N ARG D 174 -5.02 34.92 -38.85
CA ARG D 174 -4.04 34.69 -37.80
C ARG D 174 -3.64 35.99 -37.12
N LYS D 175 -3.48 37.07 -37.90
CA LYS D 175 -3.14 38.36 -37.31
C LYS D 175 -4.23 38.86 -36.38
N VAL D 176 -5.50 38.58 -36.71
CA VAL D 176 -6.60 39.06 -35.88
C VAL D 176 -6.65 38.30 -34.57
N VAL D 177 -6.66 36.97 -34.63
CA VAL D 177 -6.87 36.16 -33.42
C VAL D 177 -5.57 35.91 -32.67
N GLY D 178 -4.42 36.10 -33.30
CA GLY D 178 -3.16 35.84 -32.65
C GLY D 178 -2.99 34.38 -32.29
N PRO D 179 -2.40 34.11 -31.13
CA PRO D 179 -2.22 32.73 -30.66
C PRO D 179 -3.40 32.18 -29.86
N ASN D 180 -4.41 33.00 -29.60
CA ASN D 180 -5.47 32.62 -28.67
C ASN D 180 -6.48 31.65 -29.27
N LEU D 181 -6.67 31.69 -30.59
CA LEU D 181 -7.58 30.79 -31.29
C LEU D 181 -6.86 30.17 -32.47
N GLY D 182 -7.28 28.95 -32.82
CA GLY D 182 -6.74 28.29 -33.98
C GLY D 182 -7.26 28.88 -35.27
N VAL D 183 -6.52 28.64 -36.34
CA VAL D 183 -6.90 29.02 -37.70
C VAL D 183 -6.92 27.77 -38.57
N LEU D 184 -8.03 27.50 -39.23
CA LEU D 184 -8.19 26.30 -40.04
C LEU D 184 -8.33 26.68 -41.50
N ALA D 185 -7.50 26.07 -42.35
CA ALA D 185 -7.56 26.24 -43.79
C ALA D 185 -8.38 25.10 -44.38
N SER D 186 -9.49 25.43 -45.04
CA SER D 186 -10.36 24.43 -45.64
C SER D 186 -10.78 24.88 -47.03
N GLY D 187 -11.02 23.89 -47.90
CA GLY D 187 -11.45 24.18 -49.26
C GLY D 187 -10.30 24.45 -50.19
N GLY D 188 -10.11 23.57 -51.18
CA GLY D 188 -9.11 23.77 -52.21
C GLY D 188 -7.74 23.20 -51.91
N VAL D 189 -7.47 22.77 -50.68
CA VAL D 189 -6.20 22.17 -50.34
C VAL D 189 -6.21 20.71 -50.79
N ARG D 190 -5.38 20.38 -51.77
CA ARG D 190 -5.41 19.08 -52.42
C ARG D 190 -4.10 18.30 -52.35
N ASP D 191 -2.97 18.95 -52.09
CA ASP D 191 -1.69 18.25 -52.00
C ASP D 191 -0.96 18.64 -50.72
N LEU D 192 0.28 18.17 -50.56
CA LEU D 192 1.09 18.63 -49.44
C LEU D 192 1.53 20.07 -49.62
N SER D 193 1.80 20.47 -50.87
CA SER D 193 2.29 21.83 -51.13
C SER D 193 1.25 22.87 -50.73
N ASP D 194 -0.04 22.59 -50.98
CA ASP D 194 -1.08 23.50 -50.53
C ASP D 194 -1.18 23.50 -49.01
N ALA D 195 -1.16 22.31 -48.40
CA ALA D 195 -1.28 22.23 -46.95
C ALA D 195 -0.12 22.95 -46.26
N LYS D 196 1.10 22.75 -46.77
CA LYS D 196 2.26 23.44 -46.20
C LYS D 196 2.18 24.95 -46.41
N ALA D 197 1.62 25.39 -47.54
CA ALA D 197 1.49 26.82 -47.79
C ALA D 197 0.52 27.47 -46.80
N MET D 198 -0.56 26.77 -46.44
CA MET D 198 -1.48 27.33 -45.45
C MET D 198 -0.85 27.34 -44.06
N ILE D 199 -0.12 26.29 -43.72
CA ILE D 199 0.51 26.21 -42.40
C ILE D 199 1.57 27.30 -42.25
N ASP D 200 2.40 27.49 -43.29
CA ASP D 200 3.38 28.56 -43.27
C ASP D 200 2.72 29.94 -43.22
N ALA D 201 1.45 30.04 -43.56
CA ALA D 201 0.72 31.30 -43.49
C ALA D 201 0.04 31.53 -42.14
N GLY D 202 0.07 30.55 -41.25
CA GLY D 202 -0.51 30.69 -39.92
C GLY D 202 -1.59 29.69 -39.56
N ALA D 203 -1.96 28.76 -40.43
CA ALA D 203 -3.00 27.79 -40.11
C ALA D 203 -2.45 26.72 -39.17
N THR D 204 -3.28 26.31 -38.21
CA THR D 204 -2.93 25.23 -37.29
C THR D 204 -3.78 23.98 -37.50
N ARG D 205 -4.70 24.00 -38.45
CA ARG D 205 -5.51 22.84 -38.75
C ARG D 205 -5.88 22.90 -40.23
N ILE D 206 -5.96 21.73 -40.86
CA ILE D 206 -6.26 21.62 -42.28
C ILE D 206 -7.53 20.80 -42.44
N GLY D 207 -8.50 21.35 -43.17
CA GLY D 207 -9.68 20.60 -43.55
C GLY D 207 -9.61 20.18 -44.99
N ALA D 208 -9.69 18.87 -45.25
CA ALA D 208 -9.53 18.38 -46.61
C ALA D 208 -10.19 17.01 -46.73
N SER D 209 -10.27 16.53 -47.97
CA SER D 209 -10.73 15.18 -48.25
C SER D 209 -9.61 14.26 -48.72
N ALA D 210 -8.53 14.81 -49.27
CA ALA D 210 -7.38 14.02 -49.74
C ALA D 210 -6.27 13.97 -48.70
N GLY D 211 -6.62 13.76 -47.42
CA GLY D 211 -5.60 13.67 -46.39
C GLY D 211 -4.71 12.46 -46.55
N VAL D 212 -5.22 11.39 -47.15
CA VAL D 212 -4.40 10.21 -47.39
C VAL D 212 -3.32 10.51 -48.41
N ALA D 213 -3.67 11.21 -49.49
CA ALA D 213 -2.69 11.56 -50.51
C ALA D 213 -1.69 12.59 -50.00
N ILE D 214 -2.09 13.44 -49.05
CA ILE D 214 -1.19 14.45 -48.52
C ILE D 214 -0.13 13.80 -47.64
N VAL D 215 -0.57 12.99 -46.67
CA VAL D 215 0.35 12.29 -45.78
C VAL D 215 1.26 11.32 -46.52
N ASN D 216 0.77 10.70 -47.60
CA ASN D 216 1.60 9.78 -48.36
C ASN D 216 2.67 10.48 -49.18
N GLY D 217 2.63 11.81 -49.26
CA GLY D 217 3.68 12.58 -49.89
C GLY D 217 4.71 13.13 -48.93
N GLU D 218 4.68 12.71 -47.67
CA GLU D 218 5.65 13.16 -46.67
C GLU D 218 6.94 12.35 -46.73
N ARG D 219 7.28 11.85 -47.92
CA ARG D 219 8.49 11.06 -48.09
C ARG D 219 9.63 11.95 -48.58
N ARG E 3 5.48 18.00 8.49
CA ARG E 3 4.92 17.11 7.49
C ARG E 3 3.85 16.21 8.10
N SER E 4 3.83 14.95 7.70
CA SER E 4 2.84 13.98 8.14
C SER E 4 3.49 12.86 8.93
N ILE E 5 2.65 12.03 9.55
CA ILE E 5 3.11 10.88 10.32
C ILE E 5 3.34 9.66 9.45
N ALA E 6 2.99 9.72 8.16
CA ALA E 6 3.11 8.54 7.31
C ALA E 6 4.56 8.11 7.14
N GLN E 7 5.51 9.05 7.17
CA GLN E 7 6.91 8.71 6.97
C GLN E 7 7.53 8.01 8.17
N MET E 8 6.75 7.76 9.23
CA MET E 8 7.20 6.95 10.36
C MET E 8 6.50 5.59 10.41
N ILE E 9 5.66 5.28 9.44
CA ILE E 9 4.85 4.07 9.44
C ILE E 9 5.47 3.06 8.49
N ASP E 10 5.76 1.86 9.00
CA ASP E 10 6.11 0.72 8.17
C ASP E 10 4.82 -0.02 7.81
N HIS E 11 4.38 0.13 6.56
CA HIS E 11 3.17 -0.52 6.07
C HIS E 11 3.42 -2.01 5.96
N THR E 12 2.85 -2.80 6.88
CA THR E 12 3.25 -4.18 7.13
C THR E 12 2.14 -5.16 6.77
N LEU E 13 2.53 -6.27 6.15
CA LEU E 13 1.60 -7.37 5.85
C LEU E 13 2.42 -8.65 5.78
N LEU E 14 2.23 -9.54 6.75
CA LEU E 14 3.10 -10.70 6.92
C LEU E 14 2.33 -12.01 7.10
N LYS E 15 1.01 -11.98 6.94
CA LYS E 15 0.20 -13.19 7.09
C LYS E 15 0.70 -14.30 6.18
N PRO E 16 0.51 -15.57 6.60
CA PRO E 16 0.99 -16.68 5.77
C PRO E 16 0.32 -16.77 4.40
N ASN E 17 -0.95 -16.38 4.29
CA ASN E 17 -1.69 -16.57 3.06
C ASN E 17 -1.74 -15.31 2.19
N THR E 18 -0.79 -14.39 2.36
CA THR E 18 -0.77 -13.17 1.53
C THR E 18 -0.54 -13.52 0.07
N THR E 19 -1.40 -13.01 -0.80
CA THR E 19 -1.30 -13.23 -2.23
C THR E 19 -0.68 -12.01 -2.91
N GLU E 20 -0.42 -12.16 -4.22
CA GLU E 20 0.31 -11.14 -4.95
C GLU E 20 -0.49 -9.84 -5.08
N ASP E 21 -1.80 -9.95 -5.28
CA ASP E 21 -2.60 -8.74 -5.47
C ASP E 21 -2.66 -7.91 -4.20
N GLN E 22 -2.50 -8.54 -3.03
CA GLN E 22 -2.48 -7.79 -1.78
C GLN E 22 -1.15 -7.09 -1.57
N ILE E 23 -0.05 -7.68 -2.04
CA ILE E 23 1.24 -6.99 -2.00
C ILE E 23 1.21 -5.76 -2.90
N VAL E 24 0.59 -5.90 -4.08
CA VAL E 24 0.45 -4.75 -4.97
C VAL E 24 -0.41 -3.67 -4.33
N LYS E 25 -1.53 -4.08 -3.70
CA LYS E 25 -2.36 -3.11 -2.98
C LYS E 25 -1.60 -2.47 -1.83
N LEU E 26 -0.71 -3.23 -1.17
CA LEU E 26 0.08 -2.67 -0.09
C LEU E 26 1.07 -1.65 -0.60
N CYS E 27 1.73 -1.94 -1.73
CA CYS E 27 2.71 -1.00 -2.26
C CYS E 27 2.05 0.25 -2.83
N GLU E 28 0.86 0.10 -3.42
CA GLU E 28 0.15 1.27 -3.94
C GLU E 28 -0.29 2.19 -2.80
N GLU E 29 -0.70 1.62 -1.67
CA GLU E 29 -1.04 2.43 -0.51
C GLU E 29 0.20 3.12 0.05
N ALA E 30 1.35 2.42 0.04
CA ALA E 30 2.57 3.00 0.58
C ALA E 30 3.12 4.08 -0.33
N LYS E 31 3.04 3.88 -1.64
CA LYS E 31 3.52 4.88 -2.59
C LYS E 31 2.62 6.10 -2.60
N GLU E 32 1.30 5.89 -2.53
CA GLU E 32 0.36 7.00 -2.55
C GLU E 32 0.43 7.83 -1.28
N TYR E 33 0.71 7.19 -0.15
CA TYR E 33 0.72 7.87 1.15
C TYR E 33 2.13 8.18 1.65
N SER E 34 3.16 7.82 0.88
CA SER E 34 4.56 8.08 1.25
C SER E 34 4.90 7.48 2.61
N PHE E 35 4.54 6.22 2.80
CA PHE E 35 4.88 5.52 4.03
C PHE E 35 6.39 5.34 4.13
N ALA E 36 6.87 5.14 5.36
CA ALA E 36 8.29 4.95 5.59
C ALA E 36 8.83 3.78 4.77
N SER E 37 8.26 2.60 4.97
CA SER E 37 8.66 1.42 4.21
C SER E 37 7.47 0.48 4.10
N VAL E 38 7.61 -0.48 3.20
CA VAL E 38 6.69 -1.61 3.12
C VAL E 38 7.38 -2.80 3.77
N CYS E 39 6.64 -3.54 4.58
CA CYS E 39 7.20 -4.68 5.31
C CYS E 39 6.46 -5.94 4.85
N VAL E 40 7.19 -6.83 4.18
CA VAL E 40 6.62 -8.05 3.60
C VAL E 40 7.57 -9.20 3.87
N ASN E 41 7.05 -10.42 3.74
CA ASN E 41 7.84 -11.62 3.92
C ASN E 41 8.84 -11.77 2.76
N PRO E 42 9.94 -12.50 2.98
CA PRO E 42 11.03 -12.52 1.99
C PRO E 42 10.61 -12.96 0.60
N THR E 43 9.61 -13.83 0.46
CA THR E 43 9.19 -14.26 -0.87
C THR E 43 8.66 -13.11 -1.72
N TRP E 44 8.29 -11.99 -1.11
CA TRP E 44 7.73 -10.86 -1.84
C TRP E 44 8.70 -9.69 -2.00
N VAL E 45 9.94 -9.81 -1.54
CA VAL E 45 10.87 -8.69 -1.57
C VAL E 45 11.14 -8.23 -2.99
N ALA E 46 11.36 -9.20 -3.90
CA ALA E 46 11.73 -8.86 -5.28
C ALA E 46 10.65 -8.04 -5.97
N LEU E 47 9.39 -8.42 -5.79
CA LEU E 47 8.31 -7.67 -6.45
C LEU E 47 8.03 -6.36 -5.74
N ALA E 48 8.10 -6.36 -4.41
CA ALA E 48 7.99 -5.11 -3.66
C ALA E 48 9.02 -4.10 -4.14
N ALA E 49 10.28 -4.54 -4.29
CA ALA E 49 11.31 -3.65 -4.82
C ALA E 49 11.00 -3.24 -6.25
N GLN E 50 10.29 -4.10 -7.00
CA GLN E 50 9.92 -3.75 -8.37
C GLN E 50 8.84 -2.68 -8.39
N LEU E 51 7.81 -2.83 -7.57
CA LEU E 51 6.73 -1.86 -7.55
C LEU E 51 7.15 -0.52 -6.94
N LEU E 52 8.22 -0.50 -6.15
CA LEU E 52 8.64 0.69 -5.42
C LEU E 52 9.95 1.29 -5.95
N LYS E 53 10.33 0.94 -7.19
CA LYS E 53 11.55 1.53 -7.74
C LYS E 53 11.37 3.00 -8.08
N ASP E 54 10.17 3.40 -8.52
CA ASP E 54 9.88 4.80 -8.78
C ASP E 54 9.63 5.60 -7.50
N ALA E 55 9.74 4.96 -6.33
CA ALA E 55 9.52 5.64 -5.05
C ALA E 55 10.62 5.22 -4.09
N PRO E 56 11.82 5.79 -4.22
CA PRO E 56 12.88 5.52 -3.22
C PRO E 56 12.50 5.97 -1.82
N ASP E 57 11.51 6.85 -1.68
CA ASP E 57 11.11 7.30 -0.34
C ASP E 57 10.52 6.14 0.47
N VAL E 58 9.99 5.14 -0.20
CA VAL E 58 9.41 3.97 0.45
C VAL E 58 10.41 2.84 0.33
N LYS E 59 11.00 2.45 1.46
CA LYS E 59 11.95 1.36 1.51
C LYS E 59 11.23 0.02 1.46
N VAL E 60 11.98 -1.02 1.16
CA VAL E 60 11.49 -2.39 1.17
C VAL E 60 12.06 -3.08 2.39
N CYS E 61 11.18 -3.49 3.30
CA CYS E 61 11.56 -4.11 4.56
C CYS E 61 11.06 -5.55 4.59
N THR E 62 11.90 -6.45 5.10
CA THR E 62 11.51 -7.83 5.27
C THR E 62 11.94 -8.31 6.64
N VAL E 63 11.54 -9.54 6.98
CA VAL E 63 11.71 -10.10 8.29
C VAL E 63 12.64 -11.30 8.21
N ILE E 64 13.43 -11.49 9.28
CA ILE E 64 14.49 -12.50 9.30
C ILE E 64 14.27 -13.39 10.52
N GLY E 65 14.32 -14.70 10.32
CA GLY E 65 14.05 -15.65 11.39
C GLY E 65 12.71 -15.44 12.06
N PHE E 66 11.73 -14.95 11.34
CA PHE E 66 10.44 -14.44 11.76
C PHE E 66 9.37 -15.53 11.68
N PRO E 67 8.48 -15.62 12.68
CA PRO E 67 8.44 -14.76 13.86
C PRO E 67 8.99 -15.40 15.13
N LEU E 68 9.57 -16.60 15.02
CA LEU E 68 9.97 -17.34 16.22
C LEU E 68 11.39 -17.03 16.67
N GLY E 69 12.27 -16.64 15.75
CA GLY E 69 13.64 -16.32 16.11
C GLY E 69 14.47 -17.49 16.59
N ALA E 70 14.01 -18.73 16.38
CA ALA E 70 14.65 -19.91 16.95
C ALA E 70 15.44 -20.71 15.92
N THR E 71 15.97 -20.05 14.89
CA THR E 71 16.88 -20.67 13.95
C THR E 71 18.30 -20.19 14.23
N THR E 72 19.26 -20.77 13.51
CA THR E 72 20.67 -20.54 13.81
C THR E 72 21.15 -19.19 13.28
N PRO E 73 22.24 -18.66 13.84
CA PRO E 73 22.78 -17.39 13.29
C PRO E 73 23.16 -17.50 11.83
N GLU E 74 23.68 -18.65 11.40
CA GLU E 74 24.12 -18.81 10.02
C GLU E 74 22.94 -18.70 9.06
N VAL E 75 21.79 -19.28 9.43
CA VAL E 75 20.61 -19.19 8.59
C VAL E 75 20.09 -17.75 8.56
N LYS E 76 20.07 -17.09 9.72
CA LYS E 76 19.63 -15.69 9.76
C LYS E 76 20.51 -14.82 8.88
N ALA E 77 21.83 -15.05 8.90
CA ALA E 77 22.73 -14.28 8.04
C ALA E 77 22.47 -14.56 6.57
N PHE E 78 22.32 -15.85 6.21
CA PHE E 78 22.04 -16.19 4.81
C PHE E 78 20.75 -15.55 4.33
N GLU E 79 19.69 -15.66 5.14
CA GLU E 79 18.41 -15.07 4.76
C GLU E 79 18.53 -13.56 4.59
N THR E 80 19.32 -12.90 5.45
CA THR E 80 19.54 -11.47 5.33
C THR E 80 20.26 -11.13 4.03
N THR E 81 21.34 -11.85 3.73
CA THR E 81 22.05 -11.64 2.46
C THR E 81 21.12 -11.91 1.27
N ASN E 82 20.30 -12.96 1.36
CA ASN E 82 19.39 -13.28 0.27
C ASN E 82 18.37 -12.17 0.07
N ALA E 83 17.84 -11.62 1.17
CA ALA E 83 16.84 -10.57 1.06
C ALA E 83 17.43 -9.29 0.46
N ILE E 84 18.68 -8.98 0.80
CA ILE E 84 19.32 -7.79 0.25
C ILE E 84 19.58 -7.96 -1.25
N GLU E 85 19.97 -9.17 -1.66
CA GLU E 85 20.14 -9.44 -3.10
C GLU E 85 18.82 -9.28 -3.85
N ASN E 86 17.70 -9.53 -3.17
CA ASN E 86 16.39 -9.41 -3.80
C ASN E 86 15.83 -7.99 -3.75
N GLY E 87 16.49 -7.07 -3.06
CA GLY E 87 16.09 -5.68 -3.12
C GLY E 87 15.64 -5.06 -1.82
N ALA E 88 15.80 -5.77 -0.70
CA ALA E 88 15.43 -5.23 0.58
C ALA E 88 16.54 -4.33 1.10
N THR E 89 16.14 -3.21 1.72
CA THR E 89 17.10 -2.27 2.30
C THR E 89 16.92 -2.08 3.79
N GLU E 90 16.00 -2.81 4.41
CA GLU E 90 15.84 -2.88 5.86
C GLU E 90 15.39 -4.29 6.21
N VAL E 91 15.91 -4.83 7.32
CA VAL E 91 15.60 -6.18 7.75
C VAL E 91 15.26 -6.17 9.23
N ASP E 92 14.22 -6.92 9.61
CA ASP E 92 13.77 -7.05 10.99
C ASP E 92 13.97 -8.50 11.43
N MET E 93 14.89 -8.72 12.37
CA MET E 93 15.18 -10.06 12.86
C MET E 93 14.59 -10.23 14.25
N VAL E 94 14.25 -11.49 14.58
CA VAL E 94 13.75 -11.85 15.90
C VAL E 94 14.91 -12.45 16.69
N ILE E 95 15.05 -12.01 17.96
CA ILE E 95 16.13 -12.53 18.79
C ILE E 95 15.88 -14.00 19.12
N ASN E 96 16.93 -14.67 19.55
CA ASN E 96 16.83 -16.02 20.12
C ASN E 96 16.33 -15.86 21.54
N ILE E 97 15.00 -15.90 21.70
CA ILE E 97 14.37 -15.66 22.99
C ILE E 97 14.77 -16.73 24.00
N GLY E 98 14.87 -17.98 23.54
CA GLY E 98 15.22 -19.06 24.45
C GLY E 98 16.62 -18.91 25.01
N ALA E 99 17.57 -18.48 24.17
CA ALA E 99 18.94 -18.27 24.65
C ALA E 99 19.02 -17.10 25.61
N LEU E 100 18.22 -16.05 25.37
CA LEU E 100 18.24 -14.89 26.25
C LEU E 100 17.73 -15.24 27.65
N LYS E 101 16.60 -15.97 27.71
CA LYS E 101 16.02 -16.32 29.00
C LYS E 101 16.93 -17.23 29.82
N ASP E 102 17.78 -18.01 29.14
CA ASP E 102 18.78 -18.82 29.82
C ASP E 102 20.10 -18.07 30.01
N LYS E 103 20.10 -16.75 29.79
CA LYS E 103 21.25 -15.89 30.05
C LYS E 103 22.47 -16.29 29.22
N GLN E 104 22.24 -16.88 28.05
CA GLN E 104 23.32 -17.16 27.10
C GLN E 104 23.50 -15.94 26.19
N TYR E 105 23.96 -14.85 26.83
CA TYR E 105 24.04 -13.56 26.15
C TYR E 105 25.02 -13.59 24.98
N GLU E 106 26.07 -14.41 25.08
CA GLU E 106 27.03 -14.50 23.99
C GLU E 106 26.36 -14.97 22.70
N LEU E 107 25.53 -16.02 22.79
CA LEU E 107 24.81 -16.50 21.62
C LEU E 107 23.85 -15.44 21.10
N VAL E 108 23.14 -14.77 22.01
CA VAL E 108 22.18 -13.75 21.61
C VAL E 108 22.89 -12.64 20.84
N GLY E 109 24.03 -12.18 21.35
CA GLY E 109 24.77 -11.13 20.66
C GLY E 109 25.33 -11.59 19.32
N ARG E 110 25.93 -12.78 19.30
CA ARG E 110 26.45 -13.32 18.04
C ARG E 110 25.34 -13.48 17.01
N ASP E 111 24.15 -13.91 17.46
CA ASP E 111 23.01 -14.07 16.56
C ASP E 111 22.65 -12.75 15.90
N ILE E 112 22.58 -11.67 16.68
CA ILE E 112 22.30 -10.34 16.11
C ILE E 112 23.44 -9.89 15.22
N GLN E 113 24.69 -10.10 15.66
CA GLN E 113 25.85 -9.67 14.88
C GLN E 113 25.87 -10.31 13.49
N ALA E 114 25.47 -11.59 13.40
CA ALA E 114 25.44 -12.26 12.10
C ALA E 114 24.57 -11.50 11.11
N VAL E 115 23.42 -11.02 11.56
CA VAL E 115 22.53 -10.25 10.69
C VAL E 115 23.11 -8.87 10.41
N VAL E 116 23.68 -8.23 11.43
CA VAL E 116 24.28 -6.90 11.25
C VAL E 116 25.41 -6.96 10.24
N LYS E 117 26.27 -7.96 10.35
CA LYS E 117 27.40 -8.09 9.42
C LYS E 117 26.91 -8.34 8.00
N ALA E 118 25.91 -9.20 7.84
CA ALA E 118 25.37 -9.46 6.50
C ALA E 118 24.73 -8.22 5.90
N ALA E 119 24.12 -7.38 6.73
CA ALA E 119 23.48 -6.17 6.25
C ALA E 119 24.41 -4.97 6.20
N GLU E 120 25.68 -5.15 6.58
CA GLU E 120 26.61 -4.03 6.77
C GLU E 120 26.72 -3.19 5.50
N GLY E 121 26.36 -1.91 5.61
CA GLY E 121 26.47 -0.99 4.49
C GLY E 121 25.41 -1.13 3.43
N LYS E 122 24.40 -1.99 3.61
CA LYS E 122 23.38 -2.17 2.59
C LYS E 122 21.98 -2.07 3.16
N ALA E 123 21.80 -2.36 4.44
CA ALA E 123 20.45 -2.37 5.00
C ALA E 123 20.49 -2.05 6.49
N LEU E 124 19.45 -1.35 6.95
CA LEU E 124 19.24 -1.19 8.38
C LEU E 124 18.76 -2.50 8.99
N THR E 125 19.18 -2.74 10.23
CA THR E 125 18.79 -3.92 10.99
C THR E 125 17.95 -3.48 12.19
N LYS E 126 16.72 -3.97 12.27
CA LYS E 126 15.87 -3.80 13.43
C LYS E 126 15.79 -5.11 14.18
N VAL E 127 15.93 -5.05 15.50
CA VAL E 127 15.99 -6.22 16.35
C VAL E 127 14.67 -6.33 17.10
N ILE E 128 13.84 -7.30 16.72
CA ILE E 128 12.57 -7.56 17.38
C ILE E 128 12.86 -8.34 18.65
N ILE E 129 12.64 -7.70 19.81
CA ILE E 129 12.93 -8.37 21.08
C ILE E 129 11.75 -9.15 21.64
N GLU E 130 10.56 -8.98 21.07
CA GLU E 130 9.35 -9.66 21.53
C GLU E 130 9.11 -9.41 23.02
N THR E 131 8.65 -8.20 23.35
CA THR E 131 8.54 -7.78 24.75
C THR E 131 7.59 -8.68 25.54
N SER E 132 6.50 -9.13 24.92
CA SER E 132 5.45 -9.82 25.67
C SER E 132 5.90 -11.17 26.24
N LEU E 133 7.14 -11.59 25.99
CA LEU E 133 7.65 -12.85 26.52
C LEU E 133 8.85 -12.65 27.43
N LEU E 134 9.30 -11.42 27.64
CA LEU E 134 10.50 -11.13 28.40
C LEU E 134 10.15 -10.50 29.74
N THR E 135 11.01 -10.74 30.72
CA THR E 135 11.01 -9.93 31.93
C THR E 135 11.53 -8.53 31.59
N GLU E 136 11.31 -7.60 32.51
CA GLU E 136 11.81 -6.24 32.31
C GLU E 136 13.34 -6.24 32.19
N GLU E 137 14.01 -7.07 32.99
CA GLU E 137 15.46 -7.18 32.89
C GLU E 137 15.89 -7.76 31.54
N GLU E 138 15.13 -8.75 31.03
CA GLU E 138 15.46 -9.32 29.73
C GLU E 138 15.20 -8.31 28.61
N LYS E 139 14.23 -7.41 28.78
CA LYS E 139 14.03 -6.35 27.81
C LYS E 139 15.23 -5.42 27.75
N LYS E 140 15.77 -5.04 28.92
CA LYS E 140 16.95 -4.19 28.94
C LYS E 140 18.18 -4.91 28.40
N ALA E 141 18.33 -6.18 28.76
CA ALA E 141 19.47 -6.96 28.27
C ALA E 141 19.44 -7.10 26.76
N ALA E 142 18.24 -7.34 26.19
CA ALA E 142 18.13 -7.49 24.75
C ALA E 142 18.50 -6.20 24.03
N CYS E 143 18.08 -5.05 24.57
CA CYS E 143 18.44 -3.77 23.96
C CYS E 143 19.94 -3.51 24.09
N GLU E 144 20.53 -3.86 25.23
CA GLU E 144 21.97 -3.70 25.40
C GLU E 144 22.74 -4.55 24.40
N LEU E 145 22.28 -5.79 24.17
CA LEU E 145 22.94 -6.65 23.21
C LEU E 145 22.80 -6.11 21.79
N ALA E 146 21.65 -5.52 21.48
CA ALA E 146 21.46 -4.94 20.15
C ALA E 146 22.39 -3.75 19.93
N VAL E 147 22.61 -2.94 20.97
CA VAL E 147 23.52 -1.80 20.84
C VAL E 147 24.93 -2.29 20.57
N LYS E 148 25.40 -3.27 21.34
CA LYS E 148 26.75 -3.79 21.16
C LYS E 148 26.92 -4.49 19.82
N ALA E 149 25.87 -5.12 19.31
CA ALA E 149 25.96 -5.81 18.04
C ALA E 149 25.96 -4.88 16.84
N GLY E 150 25.66 -3.60 17.04
CA GLY E 150 25.63 -2.67 15.92
C GLY E 150 24.32 -2.64 15.17
N ALA E 151 23.22 -3.05 15.81
CA ALA E 151 21.90 -2.90 15.21
C ALA E 151 21.53 -1.43 15.09
N ASP E 152 20.50 -1.16 14.30
CA ASP E 152 20.05 0.21 14.07
C ASP E 152 18.77 0.55 14.80
N PHE E 153 17.96 -0.46 15.16
CA PHE E 153 16.70 -0.28 15.87
C PHE E 153 16.56 -1.41 16.87
N VAL E 154 15.73 -1.18 17.88
CA VAL E 154 15.13 -2.25 18.66
C VAL E 154 13.62 -2.16 18.48
N LYS E 155 12.99 -3.31 18.26
CA LYS E 155 11.58 -3.41 17.90
C LYS E 155 10.85 -4.21 18.98
N THR E 156 9.61 -3.80 19.26
CA THR E 156 8.91 -4.35 20.42
C THR E 156 8.41 -5.77 20.17
N SER E 157 7.76 -6.03 19.03
CA SER E 157 6.98 -7.26 18.90
C SER E 157 6.90 -7.70 17.44
N THR E 158 6.69 -9.00 17.26
CA THR E 158 6.42 -9.56 15.94
C THR E 158 4.98 -9.32 15.49
N GLY E 159 4.06 -9.14 16.43
CA GLY E 159 2.65 -9.16 16.12
C GLY E 159 2.05 -10.55 16.06
N PHE E 160 2.86 -11.59 16.20
CA PHE E 160 2.40 -12.97 16.19
C PHE E 160 2.42 -13.59 17.59
N SER E 161 2.73 -12.81 18.61
CA SER E 161 2.70 -13.29 19.99
C SER E 161 1.46 -12.74 20.69
N GLY E 162 1.43 -12.81 22.02
CA GLY E 162 0.23 -12.47 22.75
C GLY E 162 0.04 -10.99 22.99
N GLY E 163 1.13 -10.22 23.02
CA GLY E 163 1.05 -8.80 23.32
C GLY E 163 1.80 -7.97 22.30
N GLY E 164 1.57 -6.66 22.37
CA GLY E 164 2.24 -5.72 21.49
C GLY E 164 2.96 -4.62 22.26
N ALA E 165 3.15 -3.47 21.63
CA ALA E 165 3.90 -2.39 22.25
C ALA E 165 3.10 -1.73 23.36
N THR E 166 3.76 -1.46 24.48
CA THR E 166 3.20 -0.66 25.57
C THR E 166 4.11 0.53 25.83
N ALA E 167 3.51 1.59 26.38
CA ALA E 167 4.25 2.83 26.58
C ALA E 167 5.46 2.63 27.47
N GLU E 168 5.30 1.82 28.53
CA GLU E 168 6.43 1.52 29.41
C GLU E 168 7.54 0.78 28.66
N ASP E 169 7.17 -0.05 27.69
CA ASP E 169 8.17 -0.76 26.91
C ASP E 169 9.02 0.21 26.09
N ILE E 170 8.36 1.09 25.34
CA ILE E 170 9.09 2.06 24.52
C ILE E 170 10.00 2.93 25.38
N ALA E 171 9.48 3.38 26.54
CA ALA E 171 10.28 4.22 27.42
C ALA E 171 11.51 3.48 27.94
N LEU E 172 11.35 2.19 28.27
CA LEU E 172 12.50 1.40 28.69
C LEU E 172 13.52 1.25 27.57
N MET E 173 13.03 1.00 26.36
CA MET E 173 13.93 0.77 25.24
C MET E 173 14.64 2.05 24.83
N ARG E 174 13.92 3.18 24.84
CA ARG E 174 14.56 4.46 24.56
C ARG E 174 15.57 4.84 25.65
N LYS E 175 15.33 4.41 26.89
CA LYS E 175 16.28 4.74 27.95
C LYS E 175 17.57 3.94 27.81
N VAL E 176 17.47 2.68 27.39
CA VAL E 176 18.67 1.85 27.23
C VAL E 176 19.50 2.32 26.05
N VAL E 177 18.88 2.46 24.88
CA VAL E 177 19.64 2.79 23.68
C VAL E 177 19.92 4.28 23.56
N GLY E 178 19.23 5.13 24.32
CA GLY E 178 19.38 6.56 24.20
C GLY E 178 19.04 7.03 22.81
N PRO E 179 19.85 7.93 22.26
CA PRO E 179 19.64 8.41 20.89
C PRO E 179 20.36 7.64 19.81
N ASN E 180 21.16 6.62 20.16
CA ASN E 180 22.06 6.00 19.20
C ASN E 180 21.37 4.95 18.32
N LEU E 181 20.25 4.39 18.78
CA LEU E 181 19.46 3.45 17.98
C LEU E 181 18.02 3.93 17.94
N GLY E 182 17.31 3.55 16.88
CA GLY E 182 15.90 3.83 16.80
C GLY E 182 15.07 2.86 17.64
N VAL E 183 13.82 3.26 17.90
CA VAL E 183 12.88 2.46 18.68
C VAL E 183 11.60 2.35 17.88
N LEU E 184 11.19 1.12 17.57
CA LEU E 184 10.03 0.86 16.72
C LEU E 184 8.91 0.25 17.55
N ALA E 185 7.73 0.87 17.50
CA ALA E 185 6.54 0.38 18.17
C ALA E 185 5.65 -0.32 17.15
N SER E 186 5.42 -1.61 17.36
CA SER E 186 4.67 -2.43 16.42
C SER E 186 3.73 -3.36 17.18
N GLY E 187 2.67 -3.78 16.51
CA GLY E 187 1.70 -4.67 17.12
C GLY E 187 0.78 -3.96 18.07
N GLY E 188 -0.52 -3.93 17.75
CA GLY E 188 -1.50 -3.28 18.59
C GLY E 188 -1.66 -1.79 18.37
N VAL E 189 -0.98 -1.23 17.37
CA VAL E 189 -1.10 0.20 17.07
C VAL E 189 -2.21 0.33 16.04
N ARG E 190 -3.45 0.45 16.54
CA ARG E 190 -4.63 0.41 15.69
C ARG E 190 -5.05 1.79 15.19
N ASP E 191 -4.96 2.82 16.03
CA ASP E 191 -5.42 4.15 15.67
C ASP E 191 -4.32 5.18 15.90
N LEU E 192 -4.68 6.45 15.68
CA LEU E 192 -3.71 7.53 15.80
C LEU E 192 -3.31 7.77 17.26
N SER E 193 -4.28 7.70 18.18
CA SER E 193 -3.97 7.95 19.59
C SER E 193 -2.93 6.96 20.10
N ASP E 194 -3.01 5.70 19.67
CA ASP E 194 -1.99 4.73 20.06
C ASP E 194 -0.65 5.04 19.40
N ALA E 195 -0.67 5.62 18.20
CA ALA E 195 0.57 5.91 17.49
C ALA E 195 1.40 6.95 18.24
N LYS E 196 0.80 8.12 18.51
CA LYS E 196 1.53 9.17 19.23
C LYS E 196 1.79 8.81 20.68
N ALA E 197 0.98 7.92 21.25
CA ALA E 197 1.26 7.45 22.62
C ALA E 197 2.63 6.79 22.69
N MET E 198 2.98 5.98 21.69
CA MET E 198 4.32 5.40 21.62
C MET E 198 5.35 6.42 21.17
N ILE E 199 4.97 7.34 20.28
CA ILE E 199 5.90 8.38 19.84
C ILE E 199 6.29 9.27 21.03
N ASP E 200 5.30 9.74 21.78
CA ASP E 200 5.57 10.50 22.99
C ASP E 200 6.35 9.69 24.01
N ALA E 201 6.26 8.35 23.97
CA ALA E 201 7.04 7.51 24.85
C ALA E 201 8.47 7.29 24.35
N GLY E 202 8.77 7.71 23.13
CA GLY E 202 10.14 7.64 22.64
C GLY E 202 10.36 6.80 21.38
N ALA E 203 9.30 6.55 20.62
CA ALA E 203 9.42 5.77 19.40
C ALA E 203 9.64 6.69 18.21
N THR E 204 10.53 6.28 17.30
CA THR E 204 10.80 7.03 16.07
C THR E 204 10.29 6.33 14.83
N ARG E 205 9.82 5.08 14.95
CA ARG E 205 9.20 4.37 13.85
C ARG E 205 8.07 3.51 14.42
N ILE E 206 7.09 3.22 13.58
CA ILE E 206 5.94 2.43 14.00
C ILE E 206 5.65 1.37 12.94
N GLY E 207 5.37 0.15 13.39
CA GLY E 207 4.95 -0.93 12.50
C GLY E 207 3.45 -1.18 12.69
N ALA E 208 2.73 -1.13 11.57
CA ALA E 208 1.28 -1.29 11.64
C ALA E 208 0.74 -1.65 10.26
N SER E 209 -0.36 -2.40 10.26
CA SER E 209 -1.08 -2.70 9.03
C SER E 209 -2.22 -1.72 8.76
N ALA E 210 -2.74 -1.06 9.79
CA ALA E 210 -3.77 -0.04 9.65
C ALA E 210 -3.18 1.34 9.47
N GLY E 211 -2.07 1.45 8.75
CA GLY E 211 -1.41 2.73 8.57
C GLY E 211 -2.23 3.73 7.78
N VAL E 212 -3.02 3.25 6.82
CA VAL E 212 -3.84 4.16 6.03
C VAL E 212 -4.98 4.71 6.86
N ALA E 213 -5.42 3.99 7.89
CA ALA E 213 -6.42 4.49 8.81
C ALA E 213 -5.82 5.40 9.87
N ILE E 214 -4.51 5.32 10.09
CA ILE E 214 -3.86 6.19 11.06
C ILE E 214 -3.62 7.57 10.47
N VAL E 215 -3.07 7.62 9.25
CA VAL E 215 -2.75 8.90 8.63
C VAL E 215 -4.02 9.61 8.18
N ASN E 216 -5.08 8.86 7.88
CA ASN E 216 -6.36 9.47 7.57
C ASN E 216 -7.09 9.80 8.87
N GLY E 217 -7.53 11.05 9.00
CA GLY E 217 -7.97 11.59 10.26
C GLY E 217 -6.95 12.48 10.92
N GLU E 218 -5.67 12.32 10.59
CA GLU E 218 -4.65 13.26 11.03
C GLU E 218 -4.92 14.66 10.48
N ARG E 219 -5.50 14.74 9.29
CA ARG E 219 -5.83 16.02 8.67
C ARG E 219 -7.24 16.47 9.07
N SER F 4 4.25 -50.30 18.68
CA SER F 4 3.48 -49.50 19.62
C SER F 4 3.21 -48.11 19.05
N ILE F 5 2.27 -47.39 19.69
CA ILE F 5 1.90 -46.06 19.21
C ILE F 5 2.96 -45.03 19.56
N ALA F 6 3.82 -45.30 20.55
CA ALA F 6 4.92 -44.39 20.85
C ALA F 6 5.92 -44.32 19.71
N GLN F 7 6.03 -45.40 18.92
CA GLN F 7 6.94 -45.41 17.78
C GLN F 7 6.46 -44.53 16.64
N MET F 8 5.24 -43.99 16.70
CA MET F 8 4.65 -43.22 15.62
C MET F 8 4.53 -41.74 15.92
N ILE F 9 4.96 -41.28 17.08
CA ILE F 9 4.70 -39.90 17.50
C ILE F 9 6.01 -39.12 17.45
N ASP F 10 5.89 -37.82 17.16
CA ASP F 10 7.01 -36.90 17.18
C ASP F 10 6.88 -36.02 18.42
N HIS F 11 7.81 -36.17 19.34
CA HIS F 11 7.84 -35.35 20.57
C HIS F 11 8.21 -33.93 20.19
N THR F 12 7.21 -33.06 20.06
CA THR F 12 7.36 -31.74 19.48
C THR F 12 7.33 -30.66 20.56
N LEU F 13 8.17 -29.64 20.39
CA LEU F 13 8.15 -28.46 21.25
C LEU F 13 8.78 -27.32 20.47
N LEU F 14 7.96 -26.37 19.99
CA LEU F 14 8.44 -25.35 19.06
C LEU F 14 8.10 -23.94 19.54
N LYS F 15 7.78 -23.76 20.82
CA LYS F 15 7.41 -22.45 21.32
C LYS F 15 8.64 -21.52 21.29
N PRO F 16 8.44 -20.25 20.95
CA PRO F 16 9.60 -19.34 20.85
C PRO F 16 10.36 -19.16 22.16
N ASN F 17 9.70 -19.36 23.30
CA ASN F 17 10.31 -19.16 24.61
C ASN F 17 10.85 -20.46 25.20
N THR F 18 11.07 -21.48 24.38
CA THR F 18 11.54 -22.77 24.87
C THR F 18 12.97 -22.65 25.37
N THR F 19 13.20 -23.12 26.60
CA THR F 19 14.52 -23.07 27.22
C THR F 19 15.26 -24.39 27.02
N GLU F 20 16.54 -24.39 27.40
CA GLU F 20 17.36 -25.58 27.20
C GLU F 20 16.89 -26.74 28.06
N ASP F 21 16.51 -26.48 29.30
CA ASP F 21 16.05 -27.54 30.19
C ASP F 21 14.76 -28.17 29.68
N GLN F 22 13.94 -27.41 28.96
CA GLN F 22 12.76 -27.99 28.33
C GLN F 22 13.15 -28.95 27.20
N ILE F 23 14.23 -28.64 26.48
CA ILE F 23 14.71 -29.55 25.44
C ILE F 23 15.38 -30.77 26.07
N VAL F 24 16.09 -30.57 27.18
CA VAL F 24 16.78 -31.68 27.83
C VAL F 24 15.78 -32.70 28.36
N LYS F 25 14.67 -32.18 28.89
CA LYS F 25 13.60 -33.03 29.39
C LYS F 25 12.87 -33.68 28.23
N LEU F 26 12.76 -32.96 27.11
CA LEU F 26 12.08 -33.48 25.93
C LEU F 26 12.83 -34.68 25.37
N CYS F 27 14.17 -34.63 25.39
CA CYS F 27 14.96 -35.74 24.89
C CYS F 27 14.94 -36.92 25.85
N GLU F 28 15.00 -36.65 27.15
CA GLU F 28 14.96 -37.73 28.14
C GLU F 28 13.60 -38.43 28.17
N GLU F 29 12.54 -37.74 27.75
CA GLU F 29 11.23 -38.40 27.63
C GLU F 29 11.15 -39.22 26.35
N ALA F 30 11.80 -38.76 25.29
CA ALA F 30 11.82 -39.54 24.04
C ALA F 30 12.64 -40.80 24.20
N LYS F 31 13.82 -40.70 24.84
CA LYS F 31 14.65 -41.88 25.06
C LYS F 31 13.94 -42.89 25.94
N GLU F 32 13.24 -42.42 26.99
CA GLU F 32 12.62 -43.32 27.94
C GLU F 32 11.44 -44.06 27.34
N TYR F 33 10.61 -43.35 26.56
CA TYR F 33 9.39 -43.93 26.05
C TYR F 33 9.50 -44.36 24.59
N SER F 34 10.72 -44.39 24.03
CA SER F 34 10.97 -44.89 22.68
C SER F 34 10.11 -44.18 21.64
N PHE F 35 10.11 -42.85 21.73
CA PHE F 35 9.34 -42.03 20.79
C PHE F 35 10.02 -42.09 19.43
N ALA F 36 9.31 -41.71 18.38
CA ALA F 36 9.87 -41.74 17.04
C ALA F 36 10.94 -40.68 16.86
N SER F 37 10.67 -39.46 17.30
CA SER F 37 11.65 -38.39 17.17
C SER F 37 11.25 -37.22 18.07
N VAL F 38 12.20 -36.32 18.25
CA VAL F 38 11.94 -35.01 18.85
C VAL F 38 11.84 -34.00 17.72
N CYS F 39 10.90 -33.08 17.83
CA CYS F 39 10.74 -31.99 16.87
C CYS F 39 11.03 -30.69 17.58
N VAL F 40 12.18 -30.07 17.27
CA VAL F 40 12.62 -28.85 17.91
C VAL F 40 12.98 -27.84 16.82
N ASN F 41 13.14 -26.60 17.24
CA ASN F 41 13.55 -25.53 16.35
C ASN F 41 15.04 -25.65 16.04
N PRO F 42 15.48 -25.11 14.90
CA PRO F 42 16.85 -25.40 14.44
C PRO F 42 17.94 -25.03 15.44
N THR F 43 17.68 -24.10 16.35
CA THR F 43 18.69 -23.73 17.33
C THR F 43 18.97 -24.85 18.33
N TRP F 44 18.09 -25.84 18.43
CA TRP F 44 18.25 -26.93 19.39
C TRP F 44 18.64 -28.26 18.74
N VAL F 45 18.92 -28.27 17.44
CA VAL F 45 19.20 -29.52 16.75
C VAL F 45 20.51 -30.13 17.24
N ALA F 46 21.54 -29.30 17.40
CA ALA F 46 22.84 -29.81 17.85
C ALA F 46 22.74 -30.42 19.24
N LEU F 47 21.93 -29.81 20.12
CA LEU F 47 21.78 -30.35 21.48
C LEU F 47 21.03 -31.66 21.46
N ALA F 48 19.86 -31.70 20.80
CA ALA F 48 19.08 -32.93 20.74
C ALA F 48 19.85 -34.07 20.09
N ALA F 49 20.68 -33.76 19.09
CA ALA F 49 21.48 -34.80 18.46
C ALA F 49 22.53 -35.34 19.43
N GLN F 50 23.08 -34.49 20.30
CA GLN F 50 24.05 -34.95 21.28
C GLN F 50 23.39 -35.69 22.43
N LEU F 51 22.14 -35.35 22.76
CA LEU F 51 21.44 -36.03 23.83
C LEU F 51 20.92 -37.40 23.42
N LEU F 52 20.53 -37.56 22.15
CA LEU F 52 20.03 -38.81 21.62
C LEU F 52 21.10 -39.55 20.82
N LYS F 53 22.36 -39.32 21.15
CA LYS F 53 23.47 -39.98 20.45
C LYS F 53 23.39 -41.49 20.59
N ASP F 54 23.04 -41.98 21.78
CA ASP F 54 23.00 -43.41 22.05
C ASP F 54 21.66 -44.04 21.74
N ALA F 55 20.71 -43.27 21.18
CA ALA F 55 19.38 -43.77 20.83
C ALA F 55 19.16 -43.52 19.35
N PRO F 56 19.66 -44.40 18.47
CA PRO F 56 19.42 -44.22 17.03
C PRO F 56 17.95 -44.35 16.64
N ASP F 57 17.13 -44.84 17.54
CA ASP F 57 15.74 -44.93 17.22
C ASP F 57 15.14 -43.55 17.17
N VAL F 58 15.26 -42.80 18.25
CA VAL F 58 14.72 -41.45 18.30
C VAL F 58 15.53 -40.57 17.35
N LYS F 59 14.88 -40.09 16.30
CA LYS F 59 15.53 -39.21 15.34
C LYS F 59 15.42 -37.76 15.80
N VAL F 60 16.19 -36.90 15.14
CA VAL F 60 16.18 -35.46 15.42
C VAL F 60 15.46 -34.80 14.25
N CYS F 61 14.28 -34.27 14.52
CA CYS F 61 13.47 -33.58 13.52
C CYS F 61 13.45 -32.09 13.83
N THR F 62 13.58 -31.27 12.79
CA THR F 62 13.45 -29.83 12.94
C THR F 62 12.55 -29.29 11.83
N VAL F 63 12.30 -27.99 11.89
CA VAL F 63 11.31 -27.36 11.02
C VAL F 63 12.01 -26.32 10.14
N ILE F 64 11.50 -26.17 8.92
CA ILE F 64 12.15 -25.42 7.86
C ILE F 64 11.18 -24.36 7.36
N GLY F 65 11.63 -23.10 7.33
CA GLY F 65 10.79 -22.00 6.89
C GLY F 65 9.51 -21.87 7.69
N PHE F 66 9.52 -22.26 8.95
CA PHE F 66 8.49 -22.47 9.96
C PHE F 66 8.24 -21.20 10.77
N PRO F 67 6.98 -20.84 11.04
CA PRO F 67 5.79 -21.57 10.58
C PRO F 67 5.07 -20.91 9.40
N LEU F 68 5.64 -19.81 8.89
CA LEU F 68 4.94 -19.00 7.89
C LEU F 68 5.15 -19.52 6.46
N GLY F 69 6.31 -20.10 6.17
CA GLY F 69 6.56 -20.66 4.85
C GLY F 69 6.70 -19.63 3.75
N ALA F 70 6.92 -18.36 4.09
CA ALA F 70 6.93 -17.28 3.11
C ALA F 70 8.33 -16.75 2.84
N THR F 71 9.34 -17.59 2.94
CA THR F 71 10.70 -17.23 2.55
C THR F 71 11.02 -17.88 1.21
N THR F 72 12.24 -17.65 0.73
CA THR F 72 12.64 -18.08 -0.61
C THR F 72 13.13 -19.52 -0.59
N PRO F 73 13.07 -20.21 -1.73
CA PRO F 73 13.57 -21.60 -1.78
C PRO F 73 15.05 -21.71 -1.42
N GLU F 74 15.85 -20.75 -1.83
CA GLU F 74 17.27 -20.75 -1.50
C GLU F 74 17.48 -20.74 0.01
N VAL F 75 16.65 -20.01 0.74
CA VAL F 75 16.79 -19.97 2.19
C VAL F 75 16.34 -21.28 2.82
N LYS F 76 15.22 -21.83 2.34
CA LYS F 76 14.75 -23.12 2.83
C LYS F 76 15.78 -24.22 2.59
N ALA F 77 16.43 -24.19 1.42
CA ALA F 77 17.48 -25.16 1.13
C ALA F 77 18.68 -24.98 2.06
N PHE F 78 19.10 -23.72 2.28
CA PHE F 78 20.22 -23.48 3.17
C PHE F 78 19.89 -23.91 4.60
N GLU F 79 18.67 -23.61 5.05
CA GLU F 79 18.29 -24.00 6.41
C GLU F 79 18.27 -25.52 6.56
N THR F 80 17.85 -26.22 5.50
CA THR F 80 17.84 -27.68 5.53
C THR F 80 19.26 -28.24 5.62
N THR F 81 20.16 -27.70 4.81
CA THR F 81 21.55 -28.17 4.83
C THR F 81 22.20 -27.88 6.19
N ASN F 82 21.97 -26.68 6.73
CA ASN F 82 22.52 -26.34 8.03
C ASN F 82 21.97 -27.26 9.12
N ALA F 83 20.66 -27.54 9.09
CA ALA F 83 20.06 -28.42 10.09
C ALA F 83 20.62 -29.84 9.99
N ILE F 84 20.83 -30.33 8.78
CA ILE F 84 21.39 -31.68 8.61
C ILE F 84 22.82 -31.73 9.15
N GLU F 85 23.60 -30.68 8.88
CA GLU F 85 24.94 -30.60 9.45
C GLU F 85 24.91 -30.60 10.98
N ASN F 86 23.87 -30.03 11.57
CA ASN F 86 23.76 -29.96 13.02
C ASN F 86 23.28 -31.26 13.66
N GLY F 87 22.82 -32.23 12.87
CA GLY F 87 22.40 -33.52 13.38
C GLY F 87 20.98 -33.93 13.06
N ALA F 88 20.18 -33.10 12.40
CA ALA F 88 18.80 -33.48 12.09
C ALA F 88 18.77 -34.58 11.03
N THR F 89 17.83 -35.51 11.17
CA THR F 89 17.59 -36.53 10.17
C THR F 89 16.17 -36.50 9.61
N GLU F 90 15.36 -35.53 10.03
CA GLU F 90 14.05 -35.27 9.44
C GLU F 90 13.82 -33.76 9.47
N VAL F 91 13.27 -33.23 8.38
CA VAL F 91 12.98 -31.81 8.27
C VAL F 91 11.54 -31.63 7.83
N ASP F 92 10.82 -30.71 8.48
CA ASP F 92 9.44 -30.39 8.14
C ASP F 92 9.39 -28.97 7.61
N MET F 93 9.16 -28.82 6.31
CA MET F 93 9.10 -27.51 5.68
C MET F 93 7.64 -27.10 5.45
N VAL F 94 7.42 -25.78 5.44
CA VAL F 94 6.11 -25.20 5.18
C VAL F 94 6.08 -24.70 3.74
N ILE F 95 5.00 -25.02 3.03
CA ILE F 95 4.90 -24.59 1.63
C ILE F 95 4.71 -23.08 1.57
N ASN F 96 4.92 -22.55 0.36
CA ASN F 96 4.64 -21.15 0.06
C ASN F 96 3.13 -21.05 -0.19
N ILE F 97 2.40 -20.73 0.87
CA ILE F 97 0.93 -20.74 0.82
C ILE F 97 0.40 -19.70 -0.16
N GLY F 98 0.97 -18.49 -0.11
CA GLY F 98 0.52 -17.45 -1.03
C GLY F 98 0.74 -17.81 -2.48
N ALA F 99 1.88 -18.43 -2.79
CA ALA F 99 2.12 -18.91 -4.14
C ALA F 99 1.12 -19.98 -4.55
N LEU F 100 0.68 -20.80 -3.60
CA LEU F 100 -0.31 -21.83 -3.92
C LEU F 100 -1.67 -21.20 -4.24
N LYS F 101 -2.13 -20.28 -3.39
CA LYS F 101 -3.39 -19.60 -3.65
C LYS F 101 -3.33 -18.75 -4.91
N ASP F 102 -2.15 -18.31 -5.31
CA ASP F 102 -1.97 -17.62 -6.60
C ASP F 102 -1.81 -18.58 -7.76
N LYS F 103 -1.88 -19.89 -7.49
CA LYS F 103 -1.78 -20.93 -8.52
C LYS F 103 -0.42 -20.91 -9.21
N GLN F 104 0.60 -20.42 -8.51
CA GLN F 104 1.99 -20.44 -9.01
C GLN F 104 2.60 -21.80 -8.65
N TYR F 105 2.09 -22.83 -9.33
CA TYR F 105 2.44 -24.20 -8.96
C TYR F 105 3.92 -24.49 -9.19
N GLU F 106 4.51 -23.92 -10.23
CA GLU F 106 5.92 -24.15 -10.50
C GLU F 106 6.78 -23.69 -9.32
N LEU F 107 6.50 -22.50 -8.79
CA LEU F 107 7.29 -22.00 -7.67
C LEU F 107 7.04 -22.83 -6.41
N VAL F 108 5.79 -23.23 -6.18
CA VAL F 108 5.49 -24.11 -5.05
C VAL F 108 6.30 -25.40 -5.16
N GLY F 109 6.33 -26.00 -6.35
CA GLY F 109 7.08 -27.23 -6.53
C GLY F 109 8.59 -27.03 -6.42
N ARG F 110 9.10 -25.97 -7.05
CA ARG F 110 10.52 -25.65 -6.93
C ARG F 110 10.91 -25.39 -5.48
N ASP F 111 10.00 -24.80 -4.70
CA ASP F 111 10.23 -24.56 -3.28
C ASP F 111 10.40 -25.87 -2.52
N ILE F 112 9.48 -26.82 -2.75
CA ILE F 112 9.60 -28.14 -2.11
C ILE F 112 10.83 -28.87 -2.61
N GLN F 113 11.09 -28.82 -3.92
CA GLN F 113 12.24 -29.50 -4.49
C GLN F 113 13.56 -29.01 -3.90
N ALA F 114 13.64 -27.72 -3.57
CA ALA F 114 14.87 -27.19 -2.99
C ALA F 114 15.19 -27.86 -1.65
N VAL F 115 14.17 -28.09 -0.82
CA VAL F 115 14.40 -28.79 0.43
C VAL F 115 14.72 -30.26 0.19
N VAL F 116 13.99 -30.89 -0.74
CA VAL F 116 14.20 -32.32 -1.01
C VAL F 116 15.60 -32.55 -1.53
N LYS F 117 16.07 -31.67 -2.43
CA LYS F 117 17.42 -31.83 -2.96
C LYS F 117 18.46 -31.69 -1.85
N ALA F 118 18.25 -30.74 -0.95
CA ALA F 118 19.21 -30.54 0.15
C ALA F 118 19.22 -31.72 1.09
N ALA F 119 18.07 -32.37 1.31
CA ALA F 119 17.97 -33.51 2.21
C ALA F 119 18.27 -34.85 1.55
N GLU F 120 18.43 -34.87 0.22
CA GLU F 120 18.62 -36.08 -0.57
C GLU F 120 19.61 -37.04 0.08
N GLY F 121 19.12 -38.21 0.48
CA GLY F 121 19.98 -39.24 1.04
C GLY F 121 20.42 -39.02 2.46
N LYS F 122 19.90 -38.01 3.14
CA LYS F 122 20.32 -37.68 4.50
C LYS F 122 19.16 -37.53 5.47
N ALA F 123 18.02 -37.02 5.00
CA ALA F 123 16.91 -36.75 5.91
C ALA F 123 15.59 -36.93 5.17
N LEU F 124 14.57 -37.34 5.93
CA LEU F 124 13.20 -37.30 5.44
C LEU F 124 12.73 -35.86 5.30
N THR F 125 11.92 -35.61 4.27
CA THR F 125 11.28 -34.31 4.09
C THR F 125 9.78 -34.48 4.31
N LYS F 126 9.23 -33.72 5.25
CA LYS F 126 7.80 -33.66 5.48
C LYS F 126 7.32 -32.28 5.04
N VAL F 127 6.29 -32.27 4.20
CA VAL F 127 5.78 -31.04 3.61
C VAL F 127 4.53 -30.63 4.39
N ILE F 128 4.64 -29.53 5.13
CA ILE F 128 3.50 -28.98 5.87
C ILE F 128 2.67 -28.14 4.90
N ILE F 129 1.47 -28.61 4.57
CA ILE F 129 0.59 -27.86 3.68
C ILE F 129 -0.28 -26.86 4.42
N GLU F 130 -0.34 -26.94 5.76
CA GLU F 130 -1.14 -26.06 6.59
C GLU F 130 -2.61 -26.09 6.15
N THR F 131 -3.31 -27.14 6.56
CA THR F 131 -4.69 -27.36 6.14
C THR F 131 -5.60 -26.19 6.50
N SER F 132 -5.32 -25.50 7.60
CA SER F 132 -6.23 -24.47 8.11
C SER F 132 -6.47 -23.33 7.15
N LEU F 133 -5.67 -23.19 6.09
CA LEU F 133 -5.72 -22.00 5.24
C LEU F 133 -5.96 -22.32 3.77
N LEU F 134 -6.35 -23.54 3.43
CA LEU F 134 -6.36 -23.98 2.05
C LEU F 134 -7.75 -24.41 1.57
N THR F 135 -8.00 -24.16 0.29
CA THR F 135 -9.06 -24.83 -0.44
C THR F 135 -8.90 -26.34 -0.30
N GLU F 136 -10.02 -27.07 -0.33
CA GLU F 136 -9.94 -28.53 -0.36
C GLU F 136 -9.15 -29.01 -1.58
N GLU F 137 -9.31 -28.32 -2.71
CA GLU F 137 -8.50 -28.62 -3.89
C GLU F 137 -7.07 -28.13 -3.72
N GLU F 138 -6.88 -26.98 -3.05
CA GLU F 138 -5.52 -26.54 -2.73
C GLU F 138 -4.78 -27.59 -1.93
N LYS F 139 -5.48 -28.26 -1.01
CA LYS F 139 -4.87 -29.39 -0.30
C LYS F 139 -4.43 -30.48 -1.27
N LYS F 140 -5.28 -30.80 -2.25
CA LYS F 140 -4.94 -31.83 -3.22
C LYS F 140 -3.76 -31.40 -4.09
N ALA F 141 -3.74 -30.14 -4.54
CA ALA F 141 -2.63 -29.66 -5.35
C ALA F 141 -1.32 -29.68 -4.58
N ALA F 142 -1.35 -29.23 -3.33
CA ALA F 142 -0.15 -29.26 -2.50
C ALA F 142 0.36 -30.69 -2.32
N CYS F 143 -0.55 -31.64 -2.10
CA CYS F 143 -0.14 -33.03 -1.97
C CYS F 143 0.47 -33.55 -3.27
N GLU F 144 -0.13 -33.19 -4.40
CA GLU F 144 0.41 -33.60 -5.70
C GLU F 144 1.79 -33.01 -5.94
N LEU F 145 1.96 -31.71 -5.63
CA LEU F 145 3.26 -31.09 -5.83
C LEU F 145 4.32 -31.73 -4.95
N ALA F 146 3.94 -32.18 -3.75
CA ALA F 146 4.89 -32.87 -2.87
C ALA F 146 5.29 -34.22 -3.44
N VAL F 147 4.34 -34.95 -4.03
CA VAL F 147 4.68 -36.22 -4.66
C VAL F 147 5.65 -36.00 -5.82
N LYS F 148 5.37 -35.00 -6.65
CA LYS F 148 6.22 -34.71 -7.80
C LYS F 148 7.62 -34.28 -7.39
N ALA F 149 7.74 -33.60 -6.24
CA ALA F 149 9.02 -33.08 -5.80
C ALA F 149 9.88 -34.12 -5.08
N GLY F 150 9.32 -35.28 -4.75
CA GLY F 150 10.08 -36.31 -4.05
C GLY F 150 10.08 -36.19 -2.55
N ALA F 151 9.08 -35.55 -1.97
CA ALA F 151 8.96 -35.48 -0.52
C ALA F 151 8.65 -36.85 0.06
N ASP F 152 8.88 -36.99 1.36
CA ASP F 152 8.62 -38.24 2.06
C ASP F 152 7.27 -38.28 2.75
N PHE F 153 6.83 -37.14 3.31
CA PHE F 153 5.59 -37.04 4.06
C PHE F 153 4.80 -35.82 3.59
N VAL F 154 3.49 -35.87 3.78
CA VAL F 154 2.66 -34.68 3.83
C VAL F 154 2.15 -34.53 5.27
N LYS F 155 2.12 -33.29 5.75
CA LYS F 155 1.85 -32.98 7.14
C LYS F 155 0.74 -31.94 7.21
N THR F 156 -0.20 -32.11 8.14
CA THR F 156 -1.39 -31.26 8.16
C THR F 156 -1.05 -29.83 8.53
N SER F 157 -0.48 -29.61 9.71
CA SER F 157 -0.50 -28.27 10.30
C SER F 157 0.82 -27.93 10.96
N THR F 158 1.08 -26.63 11.07
CA THR F 158 2.21 -26.15 11.86
C THR F 158 1.91 -26.16 13.35
N GLY F 159 0.64 -26.04 13.72
CA GLY F 159 0.29 -25.81 15.11
C GLY F 159 0.37 -24.37 15.54
N PHE F 160 0.60 -23.48 14.58
CA PHE F 160 0.69 -22.06 14.81
C PHE F 160 -0.33 -21.31 14.01
N SER F 161 -1.26 -22.02 13.39
CA SER F 161 -2.29 -21.39 12.59
C SER F 161 -3.67 -21.62 13.18
N GLY F 162 -4.69 -21.45 12.37
CA GLY F 162 -6.04 -21.55 12.87
C GLY F 162 -6.47 -22.87 13.49
N GLY F 163 -6.23 -24.00 12.86
CA GLY F 163 -6.60 -25.19 13.59
C GLY F 163 -5.50 -26.23 13.53
N GLY F 164 -5.92 -27.49 13.55
CA GLY F 164 -4.99 -28.61 13.46
C GLY F 164 -5.51 -29.70 12.55
N ALA F 165 -5.09 -30.93 12.80
CA ALA F 165 -5.43 -32.03 11.92
C ALA F 165 -6.89 -32.44 12.10
N THR F 166 -7.56 -32.73 10.98
CA THR F 166 -8.90 -33.29 10.98
C THR F 166 -8.87 -34.63 10.24
N ALA F 167 -9.72 -35.56 10.68
CA ALA F 167 -9.73 -36.89 10.10
C ALA F 167 -10.04 -36.83 8.61
N GLU F 168 -10.92 -35.92 8.21
CA GLU F 168 -11.22 -35.77 6.78
C GLU F 168 -9.99 -35.31 6.01
N ASP F 169 -9.17 -34.45 6.62
CA ASP F 169 -7.94 -34.02 5.97
C ASP F 169 -6.96 -35.18 5.81
N ILE F 170 -6.74 -35.94 6.89
CA ILE F 170 -5.84 -37.08 6.83
C ILE F 170 -6.28 -38.06 5.74
N ALA F 171 -7.59 -38.34 5.68
CA ALA F 171 -8.12 -39.22 4.66
C ALA F 171 -7.90 -38.64 3.26
N LEU F 172 -8.15 -37.34 3.10
CA LEU F 172 -7.95 -36.72 1.80
C LEU F 172 -6.49 -36.79 1.38
N MET F 173 -5.56 -36.55 2.31
CA MET F 173 -4.15 -36.59 1.95
C MET F 173 -3.71 -38.01 1.61
N ARG F 174 -4.17 -39.00 2.38
CA ARG F 174 -3.84 -40.39 2.07
C ARG F 174 -4.33 -40.81 0.70
N LYS F 175 -5.47 -40.27 0.25
CA LYS F 175 -5.99 -40.62 -1.06
C LYS F 175 -5.12 -40.06 -2.18
N VAL F 176 -4.63 -38.83 -2.03
CA VAL F 176 -3.80 -38.23 -3.07
C VAL F 176 -2.48 -38.98 -3.21
N VAL F 177 -1.75 -39.14 -2.10
CA VAL F 177 -0.42 -39.72 -2.15
C VAL F 177 -0.43 -41.24 -2.19
N GLY F 178 -1.56 -41.88 -1.87
CA GLY F 178 -1.63 -43.31 -1.81
C GLY F 178 -0.62 -43.88 -0.83
N PRO F 179 -0.01 -45.01 -1.17
CA PRO F 179 0.99 -45.61 -0.27
C PRO F 179 2.40 -45.04 -0.41
N ASN F 180 2.64 -44.15 -1.38
CA ASN F 180 4.03 -43.79 -1.72
C ASN F 180 4.63 -42.75 -0.77
N LEU F 181 3.81 -41.92 -0.14
CA LEU F 181 4.29 -40.94 0.83
C LEU F 181 3.58 -41.16 2.15
N GLY F 182 4.24 -40.77 3.25
CA GLY F 182 3.59 -40.81 4.53
C GLY F 182 2.59 -39.67 4.68
N VAL F 183 1.70 -39.83 5.66
CA VAL F 183 0.75 -38.77 6.02
C VAL F 183 0.86 -38.57 7.52
N LEU F 184 1.13 -37.34 7.94
CA LEU F 184 1.37 -36.99 9.33
C LEU F 184 0.26 -36.11 9.87
N ALA F 185 -0.32 -36.51 11.00
CA ALA F 185 -1.37 -35.74 11.66
C ALA F 185 -0.75 -34.91 12.77
N SER F 186 -0.82 -33.59 12.64
CA SER F 186 -0.22 -32.68 13.61
C SER F 186 -1.21 -31.57 13.95
N GLY F 187 -1.20 -31.17 15.23
CA GLY F 187 -2.04 -30.09 15.67
C GLY F 187 -3.22 -30.54 16.51
N GLY F 188 -3.11 -30.39 17.83
CA GLY F 188 -4.23 -30.70 18.72
C GLY F 188 -4.48 -32.16 18.97
N VAL F 189 -3.56 -33.05 18.59
CA VAL F 189 -3.67 -34.45 18.97
C VAL F 189 -3.34 -34.56 20.46
N ARG F 190 -4.32 -34.98 21.26
CA ARG F 190 -4.22 -34.89 22.71
C ARG F 190 -4.18 -36.23 23.42
N ASP F 191 -4.76 -37.25 22.88
CA ASP F 191 -4.82 -38.48 23.59
C ASP F 191 -4.83 -39.62 22.64
N LEU F 192 -4.96 -40.81 23.17
CA LEU F 192 -5.00 -42.00 22.32
C LEU F 192 -6.14 -41.98 21.34
N SER F 193 -7.29 -41.46 21.74
CA SER F 193 -8.42 -41.37 20.89
C SER F 193 -8.09 -40.58 19.66
N ASP F 194 -7.28 -39.54 19.77
CA ASP F 194 -6.96 -38.77 18.58
C ASP F 194 -5.95 -39.49 17.70
N ALA F 195 -4.88 -40.01 18.30
CA ALA F 195 -3.89 -40.75 17.54
C ALA F 195 -4.51 -41.98 16.88
N LYS F 196 -5.38 -42.69 17.59
CA LYS F 196 -6.08 -43.83 16.99
C LYS F 196 -6.98 -43.37 15.85
N ALA F 197 -7.76 -42.31 16.07
CA ALA F 197 -8.67 -41.83 15.03
C ALA F 197 -7.92 -41.34 13.80
N MET F 198 -6.75 -40.74 14.00
CA MET F 198 -5.96 -40.30 12.85
C MET F 198 -5.27 -41.47 12.16
N ILE F 199 -4.75 -42.41 12.93
CA ILE F 199 -4.18 -43.62 12.35
C ILE F 199 -5.22 -44.39 11.55
N ASP F 200 -6.44 -44.50 12.10
CA ASP F 200 -7.52 -45.18 11.38
C ASP F 200 -7.95 -44.43 10.12
N ALA F 201 -7.69 -43.13 10.05
CA ALA F 201 -7.99 -42.35 8.87
C ALA F 201 -6.87 -42.36 7.83
N GLY F 202 -5.76 -43.05 8.11
CA GLY F 202 -4.68 -43.19 7.16
C GLY F 202 -3.39 -42.51 7.55
N ALA F 203 -3.28 -41.92 8.74
CA ALA F 203 -2.03 -41.31 9.17
C ALA F 203 -1.03 -42.37 9.62
N THR F 204 0.24 -42.18 9.26
CA THR F 204 1.31 -43.08 9.68
C THR F 204 2.27 -42.42 10.65
N ARG F 205 2.03 -41.18 11.04
CA ARG F 205 2.87 -40.50 12.01
C ARG F 205 2.02 -39.44 12.71
N ILE F 206 2.34 -39.20 13.98
CA ILE F 206 1.61 -38.25 14.81
C ILE F 206 2.57 -37.19 15.30
N GLY F 207 2.23 -35.92 15.10
CA GLY F 207 2.98 -34.82 15.68
C GLY F 207 2.25 -34.25 16.88
N ALA F 208 2.90 -34.27 18.04
CA ALA F 208 2.24 -33.87 19.28
C ALA F 208 3.24 -33.20 20.21
N SER F 209 2.73 -32.34 21.08
CA SER F 209 3.56 -31.66 22.07
C SER F 209 3.39 -32.23 23.48
N ALA F 210 2.38 -33.06 23.71
CA ALA F 210 2.13 -33.66 25.02
C ALA F 210 2.56 -35.13 25.07
N GLY F 211 3.57 -35.51 24.29
CA GLY F 211 4.01 -36.88 24.10
C GLY F 211 3.90 -37.83 25.27
N VAL F 212 4.45 -37.46 26.42
CA VAL F 212 4.39 -38.33 27.59
C VAL F 212 2.94 -38.54 28.02
N ALA F 213 2.14 -37.48 27.98
CA ALA F 213 0.71 -37.59 28.29
C ALA F 213 -0.07 -38.33 27.21
N ILE F 214 0.57 -38.93 26.22
CA ILE F 214 -0.14 -39.70 25.21
C ILE F 214 -0.06 -41.18 25.60
N VAL F 215 1.13 -41.76 25.61
CA VAL F 215 1.22 -43.20 25.81
C VAL F 215 1.29 -43.53 27.31
N ASN F 216 1.09 -42.52 28.16
CA ASN F 216 0.99 -42.72 29.59
C ASN F 216 -0.28 -42.15 30.21
#